data_7BWN
#
_entry.id   7BWN
#
_cell.length_a   108.897
_cell.length_b   108.897
_cell.length_c   684.966
_cell.angle_alpha   90.000
_cell.angle_beta   90.000
_cell.angle_gamma   120.000
#
_symmetry.space_group_name_H-M   'H 3'
#
loop_
_entity.id
_entity.type
_entity.pdbx_description
1 polymer 'Chimera of Green fluorescent protein and p53dim'
2 polymer 'Cellular tumor antigen p53'
3 water water
#
loop_
_entity_poly.entity_id
_entity_poly.type
_entity_poly.pdbx_seq_one_letter_code
_entity_poly.pdbx_strand_id
1 'polypeptide(L)'
;MSKGEELFTGVVPILVELDGDVNGHKFSVRGEGEGDATNGKLTLKFICTTGKLPVPWPTLVTTLTYGVQCFSRYPDHMKR
HDFFKSAMPEGYVQERTISFKDDGTYKTRAEVKFEGDTLVNRIELKGIDFKEDGNILGHKLEYNFNSHNVYITADKQKNG
IKANFKIRHNVEDGSVQLADHYQQNTPIGDGPVLLPDNHYLSTQSVLSKDPNEKRDHMVLLEFVTAAGITHGMDELYKKL
GGEYFTLQIRGRERFEEFREKNEALELKDAQAGGTCFNAS
;
F,A,C,E,H,J,M,O
2 'polypeptide(L)' GGHHHHHHELEYFTLQIRGRERFEEFREKNEALELKDAQAGTSCFN L,B,D,G,I,K,N,P
#
# COMPACT_ATOMS: atom_id res chain seq x y z
N MET A 1 -3.31 16.38 11.42
CA MET A 1 -2.34 15.35 11.77
C MET A 1 -2.73 14.05 11.10
N SER A 2 -1.77 13.15 10.91
CA SER A 2 -2.01 11.96 10.13
C SER A 2 -2.69 10.86 10.93
N LYS A 3 -3.22 9.87 10.18
CA LYS A 3 -3.80 8.68 10.78
C LYS A 3 -2.73 7.88 11.53
N GLY A 4 -1.49 7.90 11.03
CA GLY A 4 -0.38 7.20 11.65
C GLY A 4 0.04 7.73 13.00
N GLU A 5 -0.39 8.94 13.36
CA GLU A 5 -0.10 9.48 14.68
C GLU A 5 -0.62 8.57 15.81
N GLU A 6 -1.71 7.82 15.57
CA GLU A 6 -2.27 6.98 16.62
C GLU A 6 -1.37 5.83 17.03
N LEU A 7 -0.47 5.40 16.14
CA LEU A 7 0.45 4.29 16.40
C LEU A 7 1.60 4.66 17.33
N PHE A 8 1.82 5.95 17.59
CA PHE A 8 2.97 6.42 18.35
C PHE A 8 2.55 7.09 19.63
N THR A 9 1.26 6.99 19.97
CA THR A 9 0.69 7.61 21.15
C THR A 9 1.20 6.99 22.45
N GLY A 10 1.75 5.77 22.39
CA GLY A 10 2.30 5.12 23.57
C GLY A 10 3.76 4.75 23.42
N VAL A 11 4.23 3.82 24.25
CA VAL A 11 5.58 3.28 24.13
C VAL A 11 5.58 2.17 23.08
N VAL A 12 6.54 2.24 22.16
CA VAL A 12 6.59 1.34 21.01
C VAL A 12 7.90 0.56 21.08
N PRO A 13 7.88 -0.77 21.01
CA PRO A 13 9.15 -1.52 20.98
C PRO A 13 9.87 -1.31 19.65
N ILE A 14 11.19 -1.27 19.71
CA ILE A 14 12.02 -0.98 18.54
C ILE A 14 13.02 -2.10 18.34
N LEU A 15 13.15 -2.53 17.08
CA LEU A 15 14.19 -3.45 16.65
C LEU A 15 14.97 -2.79 15.53
N VAL A 16 16.30 -2.85 15.64
CA VAL A 16 17.20 -2.33 14.61
C VAL A 16 18.13 -3.46 14.20
N GLU A 17 18.28 -3.64 12.88
CA GLU A 17 19.18 -4.64 12.32
C GLU A 17 19.98 -3.98 11.20
N LEU A 18 21.30 -4.03 11.30
CA LEU A 18 22.21 -3.43 10.34
C LEU A 18 23.18 -4.48 9.83
N ASP A 19 23.32 -4.56 8.51
CA ASP A 19 24.41 -5.29 7.86
C ASP A 19 25.32 -4.27 7.19
N GLY A 20 26.60 -4.29 7.54
CA GLY A 20 27.51 -3.28 7.07
C GLY A 20 28.75 -3.89 6.42
N ASP A 21 29.36 -3.10 5.55
CA ASP A 21 30.59 -3.47 4.88
C ASP A 21 31.36 -2.18 4.61
N VAL A 22 32.49 -2.00 5.30
CA VAL A 22 33.33 -0.81 5.15
C VAL A 22 34.72 -1.29 4.75
N ASN A 23 35.13 -0.95 3.53
CA ASN A 23 36.43 -1.35 2.99
C ASN A 23 36.66 -2.86 3.14
N GLY A 24 35.60 -3.64 2.97
CA GLY A 24 35.70 -5.07 3.09
C GLY A 24 35.50 -5.62 4.49
N HIS A 25 35.51 -4.77 5.52
CA HIS A 25 35.27 -5.23 6.88
C HIS A 25 33.75 -5.37 7.04
N LYS A 26 33.28 -6.60 7.12
CA LYS A 26 31.86 -6.89 7.23
C LYS A 26 31.47 -7.00 8.69
N PHE A 27 30.29 -6.52 9.02
CA PHE A 27 29.83 -6.54 10.40
C PHE A 27 28.32 -6.44 10.44
N SER A 28 27.76 -6.78 11.59
CA SER A 28 26.32 -6.69 11.80
C SER A 28 26.05 -6.12 13.18
N VAL A 29 25.02 -5.28 13.25
CA VAL A 29 24.61 -4.66 14.50
C VAL A 29 23.13 -4.95 14.71
N ARG A 30 22.79 -5.33 15.94
CA ARG A 30 21.41 -5.51 16.36
C ARG A 30 21.13 -4.57 17.52
N GLY A 31 20.00 -3.88 17.44
CA GLY A 31 19.59 -2.98 18.51
C GLY A 31 18.14 -3.21 18.86
N GLU A 32 17.84 -3.04 20.14
CA GLU A 32 16.47 -3.19 20.63
C GLU A 32 16.25 -2.17 21.74
N GLY A 33 14.99 -1.79 21.92
CA GLY A 33 14.65 -0.79 22.92
C GLY A 33 13.25 -0.26 22.72
N GLU A 34 13.06 1.00 23.12
CA GLU A 34 11.74 1.61 23.12
C GLU A 34 11.81 3.03 22.59
N GLY A 35 10.72 3.43 21.95
CA GLY A 35 10.57 4.78 21.46
C GLY A 35 9.30 5.37 22.06
N ASP A 36 9.37 6.64 22.42
CA ASP A 36 8.28 7.32 23.09
C ASP A 36 8.11 8.68 22.39
N ALA A 37 7.36 8.67 21.28
CA ALA A 37 7.27 9.87 20.44
C ALA A 37 6.62 11.04 21.17
N THR A 38 5.68 10.76 22.08
CA THR A 38 5.04 11.83 22.86
C THR A 38 6.08 12.73 23.52
N ASN A 39 7.21 12.16 23.96
CA ASN A 39 8.28 12.92 24.58
C ASN A 39 9.53 12.99 23.70
N GLY A 40 9.42 12.66 22.41
CA GLY A 40 10.58 12.68 21.53
C GLY A 40 11.71 11.82 22.04
N LYS A 41 11.39 10.70 22.69
CA LYS A 41 12.34 9.92 23.46
C LYS A 41 12.56 8.56 22.83
N LEU A 42 13.81 8.13 22.73
CA LEU A 42 14.07 6.75 22.40
C LEU A 42 15.25 6.27 23.24
N THR A 43 15.17 5.01 23.66
CA THR A 43 16.23 4.35 24.42
C THR A 43 16.56 3.03 23.73
N LEU A 44 17.81 2.88 23.33
CA LEU A 44 18.25 1.71 22.59
C LEU A 44 19.58 1.21 23.13
N LYS A 45 19.77 -0.10 23.06
CA LYS A 45 21.07 -0.75 23.24
C LYS A 45 21.41 -1.47 21.96
N PHE A 46 22.61 -1.21 21.42
CA PHE A 46 23.08 -1.83 20.19
C PHE A 46 24.22 -2.80 20.48
N ILE A 47 24.24 -3.90 19.74
CA ILE A 47 25.23 -4.96 19.88
C ILE A 47 25.86 -5.23 18.52
N CYS A 48 27.19 -5.31 18.48
CA CYS A 48 27.87 -5.87 17.32
C CYS A 48 27.88 -7.40 17.47
N THR A 49 27.19 -8.08 16.56
CA THR A 49 27.03 -9.53 16.63
C THR A 49 28.12 -10.30 15.90
N THR A 50 29.03 -9.62 15.20
CA THR A 50 30.08 -10.28 14.43
C THR A 50 31.46 -10.13 15.06
N GLY A 51 31.54 -9.63 16.29
CA GLY A 51 32.82 -9.42 16.95
C GLY A 51 33.10 -7.98 17.27
N LYS A 52 34.24 -7.47 16.84
CA LYS A 52 34.59 -6.07 17.07
C LYS A 52 34.08 -5.21 15.91
N LEU A 53 33.48 -4.09 16.26
CA LEU A 53 32.99 -3.15 15.26
C LEU A 53 34.17 -2.51 14.53
N PRO A 54 34.23 -2.59 13.20
CA PRO A 54 35.39 -2.02 12.47
C PRO A 54 35.37 -0.51 12.34
N VAL A 55 34.30 0.15 12.76
CA VAL A 55 34.20 1.61 12.71
C VAL A 55 33.80 2.10 14.10
N PRO A 56 34.04 3.37 14.42
CA PRO A 56 33.64 3.87 15.75
C PRO A 56 32.12 3.94 15.85
N TRP A 57 31.61 3.58 17.02
CA TRP A 57 30.17 3.64 17.25
C TRP A 57 29.53 4.99 16.90
N PRO A 58 30.11 6.15 17.24
CA PRO A 58 29.43 7.41 16.88
C PRO A 58 29.15 7.59 15.40
N THR A 59 29.93 6.95 14.53
CA THR A 59 29.67 7.09 13.09
C THR A 59 28.43 6.34 12.64
N LEU A 60 27.86 5.48 13.47
CA LEU A 60 26.68 4.72 13.09
C LEU A 60 25.40 5.26 13.71
N VAL A 61 25.50 6.24 14.60
CA VAL A 61 24.34 6.71 15.34
C VAL A 61 23.24 7.19 14.40
N THR A 62 23.59 8.05 13.43
CA THR A 62 22.57 8.60 12.56
C THR A 62 21.91 7.52 11.71
N THR A 63 22.68 6.51 11.32
CA THR A 63 22.12 5.42 10.53
C THR A 63 21.19 4.55 11.38
N LEU A 64 21.57 4.34 12.65
CA LEU A 64 20.79 3.49 13.54
C LEU A 64 19.55 4.21 14.09
N THR A 65 19.66 5.49 14.47
CA THR A 65 18.58 6.17 15.21
C THR A 65 18.18 7.53 14.67
N TYR A 66 19.10 8.28 14.05
CA TYR A 66 18.41 9.21 13.15
C TYR A 66 17.86 8.46 11.98
N GLY A 67 17.84 7.13 12.16
CA GLY A 67 17.15 6.17 11.33
C GLY A 67 15.74 5.85 11.75
N VAL A 68 15.30 6.29 12.93
CA VAL A 68 13.89 6.10 13.30
C VAL A 68 13.30 7.45 13.71
N GLN A 69 13.37 8.44 12.82
CA GLN A 69 12.94 9.80 13.11
C GLN A 69 11.44 9.92 13.25
N CYS A 70 10.68 8.82 13.09
CA CYS A 70 9.27 8.81 13.41
C CYS A 70 9.00 8.95 14.91
N PHE A 71 10.02 8.87 15.76
CA PHE A 71 9.85 9.08 17.19
C PHE A 71 10.13 10.51 17.61
N SER A 72 10.36 11.41 16.65
CA SER A 72 10.49 12.83 16.95
C SER A 72 9.20 13.35 17.55
N ARG A 73 9.33 14.34 18.44
CA ARG A 73 8.17 15.01 18.99
C ARG A 73 7.86 16.23 18.15
N TYR A 74 6.70 16.22 17.50
CA TYR A 74 6.20 17.40 16.80
C TYR A 74 5.25 18.15 17.72
N PRO A 75 5.51 19.43 18.01
CA PRO A 75 4.53 20.24 18.76
C PRO A 75 3.17 20.15 18.07
N ASP A 76 2.11 20.31 18.87
CA ASP A 76 0.76 20.05 18.37
C ASP A 76 0.50 20.77 17.04
N HIS A 77 0.83 22.06 16.96
CA HIS A 77 0.53 22.80 15.74
C HIS A 77 1.43 22.43 14.57
N MET A 78 2.54 21.73 14.80
CA MET A 78 3.43 21.30 13.72
C MET A 78 3.15 19.87 13.27
N LYS A 79 2.18 19.18 13.88
CA LYS A 79 1.93 17.79 13.53
C LYS A 79 1.48 17.62 12.08
N ARG A 80 0.99 18.70 11.44
CA ARG A 80 0.69 18.65 10.01
C ARG A 80 1.95 18.48 9.15
N HIS A 81 3.15 18.60 9.73
CA HIS A 81 4.39 18.50 8.99
C HIS A 81 5.14 17.18 9.22
N ASP A 82 4.53 16.22 9.91
CA ASP A 82 5.22 15.00 10.31
C ASP A 82 5.06 13.96 9.21
N PHE A 83 6.01 13.93 8.27
CA PHE A 83 5.98 12.91 7.23
C PHE A 83 6.15 11.52 7.84
N PHE A 84 7.02 11.39 8.84
CA PHE A 84 7.48 10.08 9.28
C PHE A 84 6.35 9.23 9.83
N LYS A 85 5.54 9.80 10.74
CA LYS A 85 4.42 9.04 11.27
C LYS A 85 3.32 8.84 10.22
N SER A 86 3.21 9.71 9.26
CA SER A 86 2.20 9.56 8.28
C SER A 86 2.38 8.39 7.32
N ALA A 87 3.58 7.88 7.22
CA ALA A 87 3.86 6.78 6.36
C ALA A 87 3.63 5.47 7.04
N MET A 88 3.36 5.46 8.32
CA MET A 88 3.11 4.24 8.99
C MET A 88 1.66 3.89 8.93
N PRO A 89 1.34 2.62 9.06
CA PRO A 89 2.15 1.44 9.32
C PRO A 89 3.03 0.88 8.20
N GLU A 90 2.73 1.14 6.95
CA GLU A 90 3.50 0.64 5.85
C GLU A 90 4.94 1.04 5.91
N GLY A 91 5.21 2.27 6.26
CA GLY A 91 6.55 2.75 6.44
C GLY A 91 7.19 3.52 5.36
N TYR A 92 8.47 3.73 5.47
CA TYR A 92 9.20 4.49 4.46
C TYR A 92 10.59 3.91 4.27
N VAL A 93 11.18 4.25 3.12
CA VAL A 93 12.57 3.92 2.81
C VAL A 93 13.42 5.15 3.10
N GLN A 94 14.51 4.94 3.83
CA GLN A 94 15.43 6.02 4.19
C GLN A 94 16.79 5.75 3.54
N GLU A 95 17.25 6.69 2.72
CA GLU A 95 18.52 6.55 2.01
C GLU A 95 19.42 7.71 2.37
N ARG A 96 20.71 7.41 2.56
CA ARG A 96 21.67 8.45 2.91
C ARG A 96 22.96 8.25 2.16
N THR A 97 23.62 9.37 1.90
CA THR A 97 25.06 9.41 1.66
C THR A 97 25.70 10.18 2.81
N ILE A 98 26.68 9.57 3.46
CA ILE A 98 27.43 10.22 4.54
C ILE A 98 28.88 10.35 4.09
N SER A 99 29.32 11.59 3.88
CA SER A 99 30.65 11.87 3.33
C SER A 99 31.54 12.44 4.43
N PHE A 100 32.54 11.66 4.83
CA PHE A 100 33.50 12.07 5.86
C PHE A 100 34.62 12.87 5.20
N LYS A 101 34.82 14.10 5.66
CA LYS A 101 35.82 14.97 5.04
C LYS A 101 37.21 14.36 5.08
N ASP A 102 37.86 14.31 3.91
CA ASP A 102 39.21 13.77 3.76
C ASP A 102 39.27 12.28 4.13
N ASP A 103 38.16 11.57 3.98
CA ASP A 103 38.12 10.15 4.26
C ASP A 103 37.05 9.52 3.38
N GLY A 104 36.51 8.36 3.81
CA GLY A 104 35.60 7.59 2.99
C GLY A 104 34.18 8.14 2.98
N THR A 105 33.26 7.30 2.48
CA THR A 105 31.85 7.63 2.40
C THR A 105 31.01 6.42 2.79
N TYR A 106 29.94 6.66 3.56
CA TYR A 106 28.90 5.67 3.78
C TYR A 106 27.75 5.90 2.81
N LYS A 107 27.18 4.81 2.31
CA LYS A 107 25.89 4.86 1.62
C LYS A 107 24.97 3.86 2.30
N THR A 108 23.77 4.32 2.68
CA THR A 108 22.86 3.48 3.45
C THR A 108 21.48 3.45 2.80
N ARG A 109 20.81 2.32 2.97
CA ARG A 109 19.43 2.17 2.59
C ARG A 109 18.73 1.40 3.69
N ALA A 110 17.61 1.95 4.18
CA ALA A 110 16.87 1.36 5.28
C ALA A 110 15.38 1.35 4.99
N GLU A 111 14.71 0.37 5.58
CA GLU A 111 13.26 0.32 5.61
C GLU A 111 12.81 0.43 7.06
N VAL A 112 11.96 1.42 7.34
CA VAL A 112 11.41 1.64 8.66
C VAL A 112 9.90 1.40 8.57
N LYS A 113 9.40 0.45 9.34
CA LYS A 113 8.02 0.02 9.21
C LYS A 113 7.64 -0.77 10.45
N PHE A 114 6.34 -0.87 10.67
CA PHE A 114 5.84 -1.75 11.72
C PHE A 114 5.81 -3.19 11.22
N GLU A 115 6.26 -4.11 12.07
CA GLU A 115 6.07 -5.53 11.88
C GLU A 115 5.39 -6.01 13.16
N GLY A 116 4.10 -6.32 13.05
CA GLY A 116 3.31 -6.46 14.26
C GLY A 116 3.32 -5.15 15.02
N ASP A 117 3.59 -5.25 16.32
CA ASP A 117 3.61 -4.10 17.22
C ASP A 117 5.00 -3.47 17.37
N THR A 118 5.98 -3.95 16.61
CA THR A 118 7.36 -3.51 16.75
C THR A 118 7.72 -2.62 15.56
N LEU A 119 8.30 -1.46 15.85
CA LEU A 119 8.85 -0.63 14.77
C LEU A 119 10.25 -1.13 14.44
N VAL A 120 10.46 -1.49 13.17
CA VAL A 120 11.67 -2.16 12.74
C VAL A 120 12.41 -1.27 11.76
N ASN A 121 13.72 -1.13 11.97
CA ASN A 121 14.60 -0.37 11.10
C ASN A 121 15.67 -1.33 10.58
N ARG A 122 15.55 -1.74 9.32
CA ARG A 122 16.50 -2.66 8.69
C ARG A 122 17.36 -1.91 7.69
N ILE A 123 18.67 -1.99 7.87
CA ILE A 123 19.63 -1.13 7.19
C ILE A 123 20.67 -1.98 6.46
N GLU A 124 21.02 -1.55 5.26
CA GLU A 124 22.20 -2.00 4.52
C GLU A 124 23.17 -0.83 4.45
N LEU A 125 24.45 -1.09 4.76
CA LEU A 125 25.45 -0.02 4.77
C LEU A 125 26.67 -0.44 3.98
N LYS A 126 27.07 0.41 3.02
CA LYS A 126 28.31 0.23 2.28
C LYS A 126 29.23 1.40 2.52
N GLY A 127 30.46 1.10 2.95
CA GLY A 127 31.46 2.12 3.15
C GLY A 127 32.67 1.89 2.26
N ILE A 128 33.06 2.89 1.48
CA ILE A 128 34.15 2.74 0.53
C ILE A 128 35.12 3.89 0.68
N ASP A 129 36.38 3.63 0.29
CA ASP A 129 37.42 4.64 0.13
C ASP A 129 37.87 5.24 1.45
N PHE A 130 37.85 4.44 2.52
CA PHE A 130 38.29 4.93 3.83
C PHE A 130 39.78 4.68 4.00
N LYS A 131 40.46 5.61 4.67
CA LYS A 131 41.87 5.45 4.94
C LYS A 131 42.07 4.43 6.05
N GLU A 132 42.92 3.44 5.79
CA GLU A 132 43.10 2.35 6.74
C GLU A 132 43.67 2.86 8.06
N ASP A 133 44.37 3.98 8.03
CA ASP A 133 44.92 4.59 9.24
C ASP A 133 44.21 5.91 9.57
N GLY A 134 43.02 6.14 9.03
CA GLY A 134 42.29 7.37 9.26
C GLY A 134 41.56 7.41 10.61
N ASN A 135 40.74 8.46 10.75
CA ASN A 135 40.02 8.65 12.01
C ASN A 135 38.94 7.59 12.20
N ILE A 136 38.38 7.05 11.12
CA ILE A 136 37.29 6.09 11.23
C ILE A 136 37.86 4.68 11.40
N LEU A 137 38.62 4.20 10.41
CA LEU A 137 39.15 2.85 10.51
C LEU A 137 40.21 2.75 11.62
N GLY A 138 40.86 3.85 11.96
CA GLY A 138 41.82 3.86 13.05
C GLY A 138 41.22 4.07 14.43
N HIS A 139 39.90 4.20 14.54
CA HIS A 139 39.22 4.38 15.82
C HIS A 139 39.82 5.53 16.62
N LYS A 140 39.84 6.71 16.00
CA LYS A 140 40.39 7.91 16.60
C LYS A 140 39.32 8.90 17.02
N LEU A 141 38.05 8.49 17.06
CA LEU A 141 36.94 9.37 17.41
C LEU A 141 36.54 9.18 18.87
N GLU A 142 36.21 10.29 19.53
CA GLU A 142 35.73 10.22 20.91
C GLU A 142 34.36 9.55 20.98
N TYR A 143 34.08 8.95 22.13
CA TYR A 143 32.81 8.25 22.34
C TYR A 143 31.76 9.22 22.90
N ASN A 144 31.43 10.21 22.09
CA ASN A 144 30.36 11.14 22.42
C ASN A 144 29.65 11.56 21.14
N PHE A 145 28.63 12.38 21.29
CA PHE A 145 27.80 12.79 20.16
C PHE A 145 27.12 14.10 20.53
N ASN A 146 27.42 15.16 19.79
CA ASN A 146 26.86 16.46 20.15
C ASN A 146 25.42 16.58 19.63
N SER A 147 24.77 17.69 19.98
CA SER A 147 23.44 18.01 19.49
C SER A 147 23.50 18.60 18.09
N HIS A 148 22.49 18.27 17.28
CA HIS A 148 22.43 18.72 15.90
C HIS A 148 21.03 19.19 15.55
N ASN A 149 20.96 19.95 14.46
CA ASN A 149 19.70 20.46 13.92
C ASN A 149 19.57 19.91 12.49
N VAL A 150 18.59 19.04 12.27
CA VAL A 150 18.43 18.34 11.01
C VAL A 150 17.40 19.11 10.18
N TYR A 151 17.87 19.73 9.10
CA TYR A 151 17.02 20.53 8.22
C TYR A 151 16.19 19.62 7.32
N ILE A 152 14.88 19.78 7.34
CA ILE A 152 13.95 18.90 6.63
C ILE A 152 13.18 19.73 5.61
N THR A 153 13.08 19.24 4.37
CA THR A 153 12.33 19.92 3.34
C THR A 153 11.53 18.90 2.55
N ALA A 154 10.43 19.33 1.95
CA ALA A 154 9.58 18.42 1.19
C ALA A 154 10.18 18.10 -0.17
N ASP A 155 9.91 16.88 -0.64
CA ASP A 155 10.30 16.40 -1.96
C ASP A 155 9.02 15.90 -2.64
N LYS A 156 8.25 16.83 -3.21
CA LYS A 156 6.95 16.48 -3.77
C LYS A 156 7.07 15.59 -4.99
N GLN A 157 8.14 15.75 -5.78
CA GLN A 157 8.31 14.90 -6.96
C GLN A 157 8.30 13.43 -6.60
N LYS A 158 8.89 13.07 -5.45
CA LYS A 158 8.93 11.68 -5.00
C LYS A 158 7.99 11.42 -3.84
N ASN A 159 7.10 12.37 -3.53
CA ASN A 159 6.11 12.23 -2.46
C ASN A 159 6.77 11.96 -1.11
N GLY A 160 7.95 12.54 -0.88
CA GLY A 160 8.64 12.34 0.38
C GLY A 160 9.35 13.58 0.88
N ILE A 161 10.50 13.40 1.55
CA ILE A 161 11.23 14.50 2.16
C ILE A 161 12.71 14.33 1.87
N LYS A 162 13.44 15.41 2.08
CA LYS A 162 14.88 15.39 2.08
C LYS A 162 15.39 16.03 3.35
N ALA A 163 16.59 15.67 3.75
CA ALA A 163 17.24 16.26 4.90
C ALA A 163 18.73 16.42 4.62
N ASN A 164 19.30 17.48 5.16
CA ASN A 164 20.72 17.75 5.06
C ASN A 164 21.21 18.30 6.38
N PHE A 165 22.33 17.75 6.86
CA PHE A 165 22.96 18.22 8.09
C PHE A 165 24.41 17.74 8.12
N LYS A 166 25.24 18.45 8.86
CA LYS A 166 26.66 18.11 9.00
C LYS A 166 26.94 17.74 10.45
N ILE A 167 27.36 16.49 10.67
CA ILE A 167 27.71 15.99 11.99
C ILE A 167 29.15 16.35 12.31
N ARG A 168 29.40 16.68 13.57
CA ARG A 168 30.71 17.11 14.08
C ARG A 168 31.26 16.06 15.04
N HIS A 169 31.96 15.06 14.52
CA HIS A 169 32.59 14.04 15.35
C HIS A 169 33.88 14.56 15.99
N ASN A 170 33.92 14.57 17.33
CA ASN A 170 35.14 14.92 18.05
C ASN A 170 36.23 13.87 17.84
N VAL A 171 37.43 14.32 17.50
CA VAL A 171 38.59 13.44 17.34
C VAL A 171 39.42 13.49 18.62
N GLU A 172 40.15 12.42 18.90
CA GLU A 172 40.90 12.38 20.15
C GLU A 172 42.00 13.44 20.19
N ASP A 173 42.53 13.84 19.03
CA ASP A 173 43.57 14.87 19.02
C ASP A 173 43.04 16.25 19.31
N GLY A 174 41.73 16.40 19.50
CA GLY A 174 41.09 17.66 19.78
C GLY A 174 40.37 18.27 18.60
N SER A 175 40.74 17.89 17.38
CA SER A 175 40.12 18.39 16.17
C SER A 175 38.75 17.76 15.96
N VAL A 176 38.16 18.00 14.78
CA VAL A 176 36.81 17.57 14.45
C VAL A 176 36.82 16.88 13.09
N GLN A 177 36.06 15.78 13.01
CA GLN A 177 35.87 15.01 11.78
C GLN A 177 34.44 15.23 11.31
N LEU A 178 34.28 15.90 10.18
CA LEU A 178 32.95 16.25 9.68
C LEU A 178 32.33 15.09 8.91
N ALA A 179 31.02 14.93 9.06
CA ALA A 179 30.25 13.89 8.37
C ALA A 179 29.07 14.56 7.67
N ASP A 180 29.20 14.73 6.36
CA ASP A 180 28.21 15.44 5.55
C ASP A 180 27.08 14.47 5.20
N HIS A 181 25.87 14.77 5.68
CA HIS A 181 24.73 13.87 5.55
C HIS A 181 23.76 14.38 4.49
N TYR A 182 23.41 13.50 3.54
CA TYR A 182 22.40 13.75 2.52
C TYR A 182 21.34 12.67 2.66
N GLN A 183 20.08 13.07 2.81
CA GLN A 183 19.05 12.13 3.21
C GLN A 183 17.82 12.24 2.31
N GLN A 184 17.24 11.08 2.00
CA GLN A 184 16.01 10.98 1.23
C GLN A 184 15.09 9.95 1.87
N ASN A 185 13.83 10.33 2.08
CA ASN A 185 12.80 9.41 2.57
C ASN A 185 11.64 9.39 1.60
N THR A 186 11.13 8.19 1.30
CA THR A 186 10.00 8.00 0.42
C THR A 186 9.09 6.94 1.03
N PRO A 187 7.77 7.08 0.89
CA PRO A 187 6.86 6.11 1.52
C PRO A 187 6.89 4.76 0.82
N ILE A 188 6.74 3.70 1.60
CA ILE A 188 6.66 2.35 1.05
C ILE A 188 5.28 2.10 0.46
N GLY A 189 4.23 2.51 1.18
CA GLY A 189 2.88 2.33 0.69
C GLY A 189 2.54 3.36 -0.35
N ASP A 190 1.33 3.22 -0.90
CA ASP A 190 0.84 4.13 -1.92
C ASP A 190 -0.19 5.10 -1.37
N GLY A 191 -0.55 4.97 -0.08
CA GLY A 191 -1.48 5.86 0.56
C GLY A 191 -0.95 7.27 0.72
N PRO A 192 -1.83 8.18 1.13
CA PRO A 192 -1.43 9.58 1.29
C PRO A 192 -0.51 9.78 2.49
N VAL A 193 0.41 10.74 2.35
CA VAL A 193 1.37 11.09 3.38
C VAL A 193 1.35 12.60 3.58
N LEU A 194 1.93 13.04 4.69
CA LEU A 194 2.06 14.47 4.95
C LEU A 194 3.36 14.98 4.37
N LEU A 195 3.26 16.04 3.55
CA LEU A 195 4.49 16.66 3.07
C LEU A 195 4.71 17.98 3.80
N PRO A 196 5.86 18.17 4.43
CA PRO A 196 6.05 19.30 5.34
C PRO A 196 6.53 20.56 4.64
N ASP A 197 6.24 21.68 5.29
CA ASP A 197 7.00 22.90 5.03
C ASP A 197 8.32 22.84 5.77
N ASN A 198 9.23 23.74 5.38
CA ASN A 198 10.59 23.75 5.91
C ASN A 198 10.57 23.84 7.42
N HIS A 199 11.33 22.96 8.07
CA HIS A 199 11.49 22.98 9.51
C HIS A 199 12.77 22.22 9.84
N TYR A 200 13.02 21.99 11.14
CA TYR A 200 14.18 21.20 11.50
C TYR A 200 13.87 20.37 12.73
N LEU A 201 14.66 19.31 12.91
CA LEU A 201 14.61 18.48 14.09
C LEU A 201 15.79 18.84 15.00
N SER A 202 15.49 19.13 16.25
CA SER A 202 16.51 19.43 17.25
C SER A 202 16.76 18.14 18.03
N THR A 203 17.96 17.59 17.91
CA THR A 203 18.28 16.27 18.44
C THR A 203 19.31 16.39 19.56
N GLN A 204 19.17 15.53 20.56
CA GLN A 204 20.12 15.48 21.67
C GLN A 204 20.40 14.02 21.99
N SER A 205 21.65 13.70 22.28
CA SER A 205 22.04 12.31 22.48
C SER A 205 23.05 12.23 23.61
N VAL A 206 23.01 11.12 24.34
CA VAL A 206 24.06 10.76 25.27
C VAL A 206 24.41 9.29 25.05
N LEU A 207 25.69 9.01 24.92
CA LEU A 207 26.17 7.65 24.66
C LEU A 207 26.74 7.07 25.95
N SER A 208 26.50 5.78 26.18
CA SER A 208 27.00 5.15 27.40
C SER A 208 27.28 3.68 27.12
N LYS A 209 27.71 2.96 28.17
CA LYS A 209 28.03 1.55 28.10
C LYS A 209 27.20 0.79 29.13
N ASP A 210 26.95 -0.49 28.84
CA ASP A 210 26.27 -1.37 29.77
C ASP A 210 27.35 -2.16 30.49
N PRO A 211 27.52 -1.97 31.81
CA PRO A 211 28.63 -2.63 32.50
C PRO A 211 28.56 -4.14 32.50
N ASN A 212 27.37 -4.73 32.32
CA ASN A 212 27.17 -6.17 32.29
C ASN A 212 27.29 -6.76 30.88
N GLU A 213 27.47 -5.94 29.84
CA GLU A 213 27.46 -6.36 28.45
C GLU A 213 28.87 -6.71 27.98
N LYS A 214 29.06 -7.96 27.51
CA LYS A 214 30.39 -8.39 27.12
C LYS A 214 30.76 -8.04 25.69
N ARG A 215 29.78 -8.00 24.81
CA ARG A 215 30.04 -7.70 23.42
C ARG A 215 30.34 -6.22 23.22
N ASP A 216 30.97 -5.94 22.08
CA ASP A 216 31.12 -4.56 21.64
C ASP A 216 29.74 -3.96 21.44
N HIS A 217 29.48 -2.83 22.09
CA HIS A 217 28.10 -2.36 22.20
C HIS A 217 28.05 -0.85 22.43
N MET A 218 26.84 -0.29 22.30
CA MET A 218 26.60 1.12 22.56
C MET A 218 25.20 1.29 23.15
N VAL A 219 25.10 2.04 24.25
CA VAL A 219 23.81 2.41 24.84
C VAL A 219 23.52 3.86 24.49
N LEU A 220 22.27 4.12 24.09
CA LEU A 220 21.89 5.41 23.52
C LEU A 220 20.58 5.90 24.13
N LEU A 221 20.58 7.17 24.58
CA LEU A 221 19.37 7.90 24.93
C LEU A 221 19.33 9.17 24.10
N GLU A 222 18.16 9.46 23.56
CA GLU A 222 18.04 10.50 22.54
C GLU A 222 16.71 11.22 22.68
N PHE A 223 16.75 12.55 22.62
CA PHE A 223 15.57 13.41 22.62
C PHE A 223 15.57 14.22 21.35
N VAL A 224 14.45 14.20 20.63
CA VAL A 224 14.32 14.86 19.33
C VAL A 224 13.01 15.63 19.30
N THR A 225 13.07 16.90 18.87
CA THR A 225 11.91 17.77 18.81
C THR A 225 11.90 18.55 17.50
N ALA A 226 10.74 18.62 16.86
CA ALA A 226 10.60 19.45 15.67
C ALA A 226 10.47 20.92 16.06
N ALA A 227 10.93 21.80 15.16
CA ALA A 227 10.98 23.23 15.47
C ALA A 227 11.07 24.01 14.17
N GLY A 228 10.92 25.33 14.30
CA GLY A 228 11.21 26.26 13.22
C GLY A 228 10.02 26.98 12.63
N ILE A 229 8.80 26.54 12.91
CA ILE A 229 7.58 27.19 12.39
C ILE A 229 6.76 27.67 13.57
N THR A 230 6.31 28.93 13.52
CA THR A 230 5.57 29.47 14.64
C THR A 230 4.14 28.96 14.65
N HIS A 231 3.50 29.10 15.81
CA HIS A 231 2.07 28.80 15.93
C HIS A 231 1.25 29.66 14.97
N GLY A 232 1.59 30.95 14.85
CA GLY A 232 0.87 31.80 13.92
C GLY A 232 0.99 31.35 12.47
N MET A 233 2.18 30.89 12.08
CA MET A 233 2.35 30.41 10.71
C MET A 233 1.52 29.16 10.44
N ASP A 234 1.45 28.25 11.42
CA ASP A 234 0.66 27.03 11.22
C ASP A 234 -0.84 27.31 11.22
N GLU A 235 -1.30 28.31 11.97
CA GLU A 235 -2.69 28.75 11.86
C GLU A 235 -2.99 29.27 10.45
N LEU A 236 -2.06 30.05 9.88
CA LEU A 236 -2.20 30.46 8.48
C LEU A 236 -2.26 29.25 7.55
N TYR A 237 -1.21 28.40 7.56
CA TYR A 237 -1.21 27.14 6.83
C TYR A 237 -2.53 26.38 6.93
N LYS A 238 -3.12 26.34 8.12
CA LYS A 238 -4.38 25.63 8.32
C LYS A 238 -5.53 26.32 7.59
N LYS A 239 -5.57 27.65 7.66
CA LYS A 239 -6.57 28.40 6.91
C LYS A 239 -6.37 28.26 5.40
N LEU A 240 -5.15 28.51 4.93
CA LEU A 240 -4.87 28.43 3.51
C LEU A 240 -5.03 27.02 2.96
N GLY A 241 -4.79 26.01 3.79
CA GLY A 241 -4.98 24.64 3.35
C GLY A 241 -6.42 24.27 3.06
N GLY A 242 -7.38 25.10 3.49
CA GLY A 242 -8.77 24.79 3.24
C GLY A 242 -9.42 25.69 2.20
N GLU A 243 -8.71 26.72 1.75
CA GLU A 243 -9.36 27.69 0.88
C GLU A 243 -9.32 27.24 -0.58
N TYR A 244 -10.14 27.88 -1.40
CA TYR A 244 -10.13 27.68 -2.84
C TYR A 244 -9.34 28.79 -3.50
N PHE A 245 -8.56 28.42 -4.51
CA PHE A 245 -7.70 29.33 -5.24
C PHE A 245 -8.04 29.27 -6.73
N THR A 246 -8.20 30.44 -7.35
CA THR A 246 -8.42 30.53 -8.79
C THR A 246 -7.11 30.57 -9.55
N LEU A 247 -6.89 29.59 -10.42
CA LEU A 247 -5.74 29.59 -11.32
C LEU A 247 -6.21 29.94 -12.74
N GLN A 248 -5.51 30.87 -13.38
CA GLN A 248 -5.84 31.30 -14.72
C GLN A 248 -4.92 30.60 -15.71
N ILE A 249 -5.52 29.94 -16.70
CA ILE A 249 -4.78 29.12 -17.66
C ILE A 249 -4.94 29.73 -19.05
N ARG A 250 -3.85 29.74 -19.81
CA ARG A 250 -3.83 30.22 -21.18
C ARG A 250 -3.81 29.01 -22.11
N GLY A 251 -4.84 28.90 -22.96
CA GLY A 251 -4.93 27.82 -23.92
C GLY A 251 -5.92 26.74 -23.54
N ARG A 252 -6.75 26.32 -24.50
CA ARG A 252 -7.79 25.33 -24.20
C ARG A 252 -7.20 23.98 -23.85
N GLU A 253 -6.23 23.49 -24.62
CA GLU A 253 -5.66 22.20 -24.28
C GLU A 253 -4.94 22.22 -22.95
N ARG A 254 -4.18 23.27 -22.68
CA ARG A 254 -3.50 23.35 -21.40
C ARG A 254 -4.51 23.40 -20.26
N PHE A 255 -5.61 24.14 -20.44
CA PHE A 255 -6.70 24.12 -19.47
C PHE A 255 -7.25 22.70 -19.28
N GLU A 256 -7.54 22.02 -20.38
CA GLU A 256 -8.09 20.67 -20.32
C GLU A 256 -7.18 19.69 -19.58
N GLU A 257 -5.87 19.87 -19.69
CA GLU A 257 -4.94 18.97 -19.01
C GLU A 257 -4.94 19.22 -17.50
N PHE A 258 -4.87 20.50 -17.10
CA PHE A 258 -4.94 20.84 -15.69
C PHE A 258 -6.26 20.40 -15.08
N ARG A 259 -7.36 20.58 -15.82
CA ARG A 259 -8.67 20.29 -15.25
C ARG A 259 -8.83 18.80 -14.95
N GLU A 260 -8.33 17.93 -15.84
CA GLU A 260 -8.46 16.50 -15.61
C GLU A 260 -7.64 16.05 -14.40
N LYS A 261 -6.44 16.60 -14.22
CA LYS A 261 -5.65 16.27 -13.04
C LYS A 261 -6.30 16.81 -11.77
N ASN A 262 -6.83 18.04 -11.83
CA ASN A 262 -7.55 18.57 -10.68
C ASN A 262 -8.75 17.70 -10.35
N GLU A 263 -9.52 17.31 -11.38
CA GLU A 263 -10.68 16.47 -11.14
C GLU A 263 -10.29 15.11 -10.58
N ALA A 264 -9.18 14.54 -11.07
CA ALA A 264 -8.72 13.28 -10.52
C ALA A 264 -8.40 13.42 -9.05
N LEU A 265 -7.68 14.49 -8.67
CA LEU A 265 -7.31 14.68 -7.27
C LEU A 265 -8.54 14.89 -6.38
N GLU A 266 -9.50 15.69 -6.83
CA GLU A 266 -10.71 15.86 -6.02
C GLU A 266 -11.49 14.56 -5.96
N LEU A 267 -11.36 13.71 -6.99
CA LEU A 267 -12.00 12.40 -6.95
C LEU A 267 -11.35 11.50 -5.89
N LYS A 268 -10.02 11.52 -5.79
CA LYS A 268 -9.35 10.75 -4.74
C LYS A 268 -9.84 11.15 -3.35
N ASP A 269 -9.93 12.46 -3.10
CA ASP A 269 -10.40 12.94 -1.80
C ASP A 269 -11.83 12.46 -1.53
N ALA A 270 -12.73 12.63 -2.49
CA ALA A 270 -14.12 12.30 -2.28
C ALA A 270 -14.32 10.80 -2.07
N GLN A 271 -13.53 9.99 -2.78
CA GLN A 271 -13.62 8.54 -2.60
C GLN A 271 -13.25 8.15 -1.18
N ALA A 272 -12.23 8.82 -0.60
CA ALA A 272 -11.91 8.63 0.81
C ALA A 272 -12.68 9.59 1.72
N GLY A 273 -13.96 9.86 1.42
CA GLY A 273 -14.75 10.84 2.15
C GLY A 273 -14.07 12.13 2.60
N GLY A 274 -13.04 12.56 1.88
CA GLY A 274 -12.27 13.72 2.30
C GLY A 274 -11.48 13.57 3.57
N THR A 275 -11.33 12.36 4.10
CA THR A 275 -10.79 12.14 5.43
C THR A 275 -9.33 12.60 5.54
N CYS A 276 -8.62 12.74 4.44
CA CYS A 276 -7.20 13.08 4.46
C CYS A 276 -6.92 14.50 3.98
N PHE A 277 -7.95 15.28 3.66
CA PHE A 277 -7.71 16.60 3.12
C PHE A 277 -7.39 17.60 4.22
N ASN A 278 -6.33 18.39 4.01
CA ASN A 278 -5.90 19.43 4.93
C ASN A 278 -5.86 18.94 6.37
N ALA A 279 -5.29 17.75 6.56
CA ALA A 279 -5.26 17.14 7.88
C ALA A 279 -4.38 17.95 8.82
N SER A 280 -4.82 18.08 10.06
CA SER A 280 -4.05 18.74 11.08
C SER A 280 -3.15 17.74 11.81
N LEU B 10 -5.03 32.68 -28.45
CA LEU B 10 -4.99 33.21 -27.09
C LEU B 10 -6.39 33.20 -26.47
N GLU B 11 -6.58 32.37 -25.46
CA GLU B 11 -7.88 32.25 -24.80
C GLU B 11 -7.64 31.82 -23.35
N TYR B 12 -8.26 32.53 -22.41
CA TYR B 12 -8.04 32.32 -20.99
C TYR B 12 -9.15 31.47 -20.35
N PHE B 13 -8.75 30.65 -19.38
CA PHE B 13 -9.68 29.83 -18.61
C PHE B 13 -9.27 29.89 -17.15
N THR B 14 -10.24 29.65 -16.26
CA THR B 14 -10.00 29.66 -14.82
C THR B 14 -10.33 28.29 -14.24
N LEU B 15 -9.55 27.88 -13.25
CA LEU B 15 -9.71 26.59 -12.58
C LEU B 15 -9.72 26.81 -11.07
N GLN B 16 -10.70 26.22 -10.40
CA GLN B 16 -10.80 26.31 -8.93
C GLN B 16 -10.00 25.19 -8.30
N ILE B 17 -8.97 25.55 -7.53
CA ILE B 17 -8.07 24.60 -6.90
C ILE B 17 -8.30 24.63 -5.40
N ARG B 18 -8.39 23.44 -4.79
CA ARG B 18 -8.70 23.33 -3.37
C ARG B 18 -7.41 23.22 -2.57
N GLY B 19 -7.10 24.25 -1.80
CA GLY B 19 -6.04 24.17 -0.81
C GLY B 19 -4.71 24.72 -1.32
N ARG B 20 -3.92 25.27 -0.38
CA ARG B 20 -2.66 25.90 -0.74
C ARG B 20 -1.71 24.93 -1.45
N GLU B 21 -1.54 23.73 -0.88
CA GLU B 21 -0.54 22.80 -1.41
C GLU B 21 -0.84 22.45 -2.87
N ARG B 22 -2.07 22.03 -3.15
CA ARG B 22 -2.45 21.67 -4.51
C ARG B 22 -2.35 22.87 -5.45
N PHE B 23 -2.74 24.05 -4.97
CA PHE B 23 -2.69 25.26 -5.81
C PHE B 23 -1.25 25.65 -6.14
N GLU B 24 -0.36 25.59 -5.15
CA GLU B 24 1.03 25.96 -5.41
C GLU B 24 1.66 25.03 -6.42
N GLU B 25 1.28 23.76 -6.42
CA GLU B 25 1.81 22.82 -7.39
C GLU B 25 1.31 23.12 -8.80
N PHE B 26 0.00 23.34 -8.95
CA PHE B 26 -0.53 23.66 -10.28
C PHE B 26 0.01 24.98 -10.78
N ARG B 27 0.06 26.00 -9.92
CA ARG B 27 0.53 27.31 -10.34
C ARG B 27 2.00 27.27 -10.74
N GLU B 28 2.79 26.41 -10.10
CA GLU B 28 4.21 26.33 -10.42
C GLU B 28 4.40 25.72 -11.81
N LYS B 29 3.69 24.62 -12.09
CA LYS B 29 3.72 24.00 -13.41
C LYS B 29 3.17 24.92 -14.48
N ASN B 30 2.04 25.58 -14.19
CA ASN B 30 1.47 26.53 -15.14
C ASN B 30 2.42 27.68 -15.42
N GLU B 31 3.15 28.15 -14.41
CA GLU B 31 4.07 29.25 -14.64
C GLU B 31 5.24 28.82 -15.51
N ALA B 32 5.75 27.61 -15.28
CA ALA B 32 6.85 27.08 -16.11
C ALA B 32 6.45 26.97 -17.57
N LEU B 33 5.21 26.55 -17.83
CA LEU B 33 4.73 26.48 -19.20
C LEU B 33 4.67 27.87 -19.83
N GLU B 34 4.13 28.84 -19.10
CA GLU B 34 4.03 30.21 -19.62
C GLU B 34 5.40 30.86 -19.81
N LEU B 35 6.45 30.34 -19.19
CA LEU B 35 7.77 30.90 -19.45
C LEU B 35 8.47 30.17 -20.59
N LYS B 36 7.71 29.84 -21.62
CA LYS B 36 8.22 29.28 -22.85
C LYS B 36 7.44 29.90 -24.01
N ASP B 37 6.13 30.12 -23.79
CA ASP B 37 5.34 30.87 -24.79
C ASP B 37 5.59 32.37 -24.69
N ALA B 38 5.98 32.86 -23.51
CA ALA B 38 6.12 34.31 -23.30
C ALA B 38 7.48 34.85 -23.68
N GLN B 39 8.48 33.99 -23.89
CA GLN B 39 9.78 34.43 -24.40
C GLN B 39 9.66 34.80 -25.87
N ALA B 40 8.77 35.74 -26.18
CA ALA B 40 8.53 36.24 -27.54
C ALA B 40 8.14 35.12 -28.51
N GLY B 41 7.46 34.09 -28.01
CA GLY B 41 7.11 32.96 -28.85
C GLY B 41 6.20 31.91 -28.21
N MET C 1 21.30 40.68 5.60
CA MET C 1 20.36 41.72 5.20
C MET C 1 20.88 42.42 3.96
N SER C 2 19.99 43.03 3.19
CA SER C 2 20.36 43.60 1.91
C SER C 2 20.95 45.00 2.07
N LYS C 3 21.63 45.46 1.02
CA LYS C 3 22.09 46.85 1.03
C LYS C 3 20.93 47.83 0.98
N GLY C 4 19.80 47.44 0.39
CA GLY C 4 18.66 48.34 0.32
C GLY C 4 18.10 48.67 1.68
N GLU C 5 18.40 47.85 2.69
CA GLU C 5 18.00 48.15 4.06
C GLU C 5 18.52 49.52 4.50
N GLU C 6 19.65 49.97 3.95
CA GLU C 6 20.23 51.26 4.35
C GLU C 6 19.31 52.42 3.96
N LEU C 7 18.48 52.25 2.94
CA LEU C 7 17.58 53.33 2.50
C LEU C 7 16.38 53.53 3.42
N PHE C 8 16.11 52.60 4.34
CA PHE C 8 14.88 52.63 5.13
C PHE C 8 15.13 52.82 6.62
N THR C 9 16.36 53.12 7.03
CA THR C 9 16.64 53.28 8.45
C THR C 9 15.98 54.51 9.05
N GLY C 10 15.57 55.48 8.24
CA GLY C 10 14.90 56.64 8.78
C GLY C 10 13.49 56.84 8.24
N VAL C 11 12.95 58.06 8.39
CA VAL C 11 11.62 58.36 7.86
C VAL C 11 11.76 58.72 6.38
N VAL C 12 10.92 58.11 5.55
CA VAL C 12 11.02 58.18 4.09
C VAL C 12 9.75 58.81 3.54
N PRO C 13 9.84 59.87 2.74
CA PRO C 13 8.64 60.42 2.12
C PRO C 13 8.10 59.49 1.05
N ILE C 14 6.77 59.44 0.95
CA ILE C 14 6.08 58.51 0.05
C ILE C 14 5.18 59.32 -0.86
N LEU C 15 5.18 58.98 -2.14
CA LEU C 15 4.23 59.50 -3.11
C LEU C 15 3.54 58.31 -3.78
N VAL C 16 2.20 58.37 -3.85
CA VAL C 16 1.42 57.33 -4.51
C VAL C 16 0.55 57.98 -5.57
N GLU C 17 0.59 57.43 -6.78
CA GLU C 17 -0.21 57.92 -7.91
C GLU C 17 -0.87 56.73 -8.59
N LEU C 18 -2.20 56.78 -8.66
CA LEU C 18 -2.99 55.72 -9.27
C LEU C 18 -3.91 56.30 -10.34
N ASP C 19 -3.90 55.69 -11.52
CA ASP C 19 -4.89 55.92 -12.55
C ASP C 19 -5.75 54.67 -12.70
N GLY C 20 -7.06 54.83 -12.55
CA GLY C 20 -7.95 53.69 -12.47
C GLY C 20 -9.11 53.80 -13.44
N ASP C 21 -9.68 52.63 -13.74
CA ASP C 21 -10.87 52.53 -14.58
C ASP C 21 -11.63 51.29 -14.13
N VAL C 22 -12.84 51.48 -13.59
CA VAL C 22 -13.70 50.39 -13.16
C VAL C 22 -15.03 50.51 -13.91
N ASN C 23 -15.34 49.50 -14.74
CA ASN C 23 -16.57 49.50 -15.54
C ASN C 23 -16.73 50.78 -16.35
N GLY C 24 -15.62 51.31 -16.87
CA GLY C 24 -15.67 52.52 -17.65
C GLY C 24 -15.55 53.80 -16.88
N HIS C 25 -15.67 53.74 -15.55
CA HIS C 25 -15.55 54.91 -14.68
C HIS C 25 -14.09 55.23 -14.42
N LYS C 26 -13.62 56.36 -14.96
CA LYS C 26 -12.24 56.82 -14.83
C LYS C 26 -12.05 57.64 -13.57
N PHE C 27 -10.92 57.43 -12.89
CA PHE C 27 -10.61 58.18 -11.67
C PHE C 27 -9.11 58.13 -11.45
N SER C 28 -8.63 59.06 -10.62
CA SER C 28 -7.22 59.16 -10.27
C SER C 28 -7.11 59.45 -8.78
N VAL C 29 -6.11 58.83 -8.15
CA VAL C 29 -5.86 59.02 -6.73
C VAL C 29 -4.41 59.44 -6.56
N ARG C 30 -4.19 60.44 -5.72
CA ARG C 30 -2.85 60.88 -5.33
C ARG C 30 -2.72 60.80 -3.81
N GLY C 31 -1.59 60.25 -3.36
CA GLY C 31 -1.33 60.15 -1.94
C GLY C 31 0.07 60.61 -1.59
N GLU C 32 0.18 61.16 -0.39
CA GLU C 32 1.45 61.63 0.17
C GLU C 32 1.49 61.29 1.65
N GLY C 33 2.72 61.14 2.15
CA GLY C 33 2.91 60.81 3.56
C GLY C 33 4.32 60.35 3.82
N GLU C 34 4.47 59.51 4.85
CA GLU C 34 5.77 59.06 5.30
C GLU C 34 5.71 57.59 5.70
N GLY C 35 6.84 56.92 5.52
CA GLY C 35 6.99 55.54 5.94
C GLY C 35 8.16 55.41 6.89
N ASP C 36 8.01 54.56 7.90
CA ASP C 36 9.02 54.38 8.94
C ASP C 36 9.22 52.88 9.11
N ALA C 37 10.05 52.30 8.24
CA ALA C 37 10.19 50.84 8.20
C ALA C 37 10.71 50.28 9.51
N THR C 38 11.56 51.05 10.22
CA THR C 38 12.06 50.62 11.51
C THR C 38 10.94 50.17 12.44
N ASN C 39 9.80 50.86 12.39
CA ASN C 39 8.65 50.50 13.21
C ASN C 39 7.48 49.95 12.39
N GLY C 40 7.70 49.58 11.14
CA GLY C 40 6.64 49.06 10.30
C GLY C 40 5.45 49.98 10.14
N LYS C 41 5.68 51.30 10.11
CA LYS C 41 4.64 52.32 10.25
C LYS C 41 4.48 53.09 8.94
N LEU C 42 3.24 53.36 8.56
CA LEU C 42 2.97 54.20 7.40
C LEU C 42 1.86 55.18 7.72
N THR C 43 2.01 56.42 7.24
CA THR C 43 0.98 57.44 7.35
C THR C 43 0.77 58.07 5.99
N LEU C 44 -0.44 57.99 5.46
CA LEU C 44 -0.73 58.54 4.14
C LEU C 44 -2.08 59.25 4.15
N LYS C 45 -2.19 60.29 3.33
CA LYS C 45 -3.45 60.92 2.96
C LYS C 45 -3.63 60.75 1.46
N PHE C 46 -4.78 60.22 1.04
CA PHE C 46 -5.06 60.02 -0.37
C PHE C 46 -6.18 60.97 -0.79
N ILE C 47 -6.07 61.49 -2.01
CA ILE C 47 -7.07 62.41 -2.57
C ILE C 47 -7.53 61.82 -3.90
N CYS C 48 -8.84 61.79 -4.11
CA CYS C 48 -9.36 61.55 -5.45
C CYS C 48 -9.31 62.87 -6.21
N THR C 49 -8.50 62.92 -7.26
CA THR C 49 -8.30 64.16 -8.00
C THR C 49 -9.28 64.34 -9.14
N THR C 50 -10.14 63.35 -9.41
CA THR C 50 -11.09 63.41 -10.50
C THR C 50 -12.52 63.62 -10.03
N GLY C 51 -12.73 63.90 -8.75
CA GLY C 51 -14.07 64.08 -8.24
C GLY C 51 -14.46 63.08 -7.18
N LYS C 52 -15.58 62.39 -7.39
CA LYS C 52 -16.03 61.37 -6.46
C LYS C 52 -15.44 60.02 -6.88
N LEU C 53 -14.93 59.29 -5.90
CA LEU C 53 -14.36 57.99 -6.16
C LEU C 53 -15.47 57.02 -6.58
N PRO C 54 -15.34 56.33 -7.72
CA PRO C 54 -16.41 55.43 -8.17
C PRO C 54 -16.47 54.12 -7.40
N VAL C 55 -15.48 53.83 -6.56
CA VAL C 55 -15.43 52.60 -5.77
C VAL C 55 -15.20 52.99 -4.32
N PRO C 56 -15.53 52.11 -3.37
CA PRO C 56 -15.32 52.45 -1.96
C PRO C 56 -13.82 52.51 -1.64
N TRP C 57 -13.46 53.48 -0.80
CA TRP C 57 -12.08 53.62 -0.38
C TRP C 57 -11.45 52.35 0.19
N PRO C 58 -12.13 51.54 1.01
CA PRO C 58 -11.48 50.32 1.51
C PRO C 58 -11.05 49.35 0.43
N THR C 59 -11.71 49.33 -0.74
CA THR C 59 -11.31 48.40 -1.80
C THR C 59 -10.01 48.79 -2.47
N LEU C 60 -9.49 50.00 -2.20
CA LEU C 60 -8.23 50.43 -2.80
C LEU C 60 -7.04 50.36 -1.85
N VAL C 61 -7.27 50.03 -0.57
CA VAL C 61 -6.22 50.10 0.44
C VAL C 61 -5.03 49.24 0.05
N THR C 62 -5.28 47.96 -0.30
CA THR C 62 -4.17 47.07 -0.62
C THR C 62 -3.42 47.52 -1.85
N THR C 63 -4.12 48.14 -2.81
CA THR C 63 -3.46 48.64 -4.01
C THR C 63 -2.60 49.86 -3.70
N LEU C 64 -3.09 50.74 -2.82
CA LEU C 64 -2.33 51.95 -2.48
C LEU C 64 -1.20 51.69 -1.50
N THR C 65 -1.40 50.83 -0.48
CA THR C 65 -0.43 50.71 0.62
C THR C 65 -0.02 49.28 0.98
N TYR C 66 -0.91 48.28 0.80
CA TYR C 66 -0.18 47.02 0.67
C TYR C 66 0.54 46.99 -0.67
N GLY C 67 0.60 48.18 -1.28
CA GLY C 67 1.40 48.52 -2.43
C GLY C 67 2.77 49.05 -2.11
N VAL C 68 3.07 49.32 -0.83
CA VAL C 68 4.42 49.72 -0.45
C VAL C 68 4.89 48.86 0.72
N GLN C 69 4.93 47.54 0.51
CA GLN C 69 5.29 46.60 1.56
C GLN C 69 6.78 46.64 1.92
N CYS C 70 7.57 47.46 1.23
CA CYS C 70 8.94 47.71 1.65
C CYS C 70 9.03 48.43 2.99
N PHE C 71 7.91 48.93 3.52
CA PHE C 71 7.92 49.55 4.84
C PHE C 71 7.50 48.58 5.94
N SER C 72 7.32 47.29 5.62
CA SER C 72 7.09 46.31 6.66
C SER C 72 8.28 46.24 7.60
N ARG C 73 8.01 45.92 8.86
CA ARG C 73 9.09 45.73 9.82
C ARG C 73 9.45 44.24 9.84
N TYR C 74 10.66 43.93 9.40
CA TYR C 74 11.19 42.58 9.52
C TYR C 74 12.02 42.46 10.79
N PRO C 75 11.68 41.56 11.72
CA PRO C 75 12.57 41.31 12.85
C PRO C 75 13.97 40.99 12.38
N ASP C 76 14.96 41.32 13.21
CA ASP C 76 16.36 41.26 12.80
C ASP C 76 16.72 39.92 12.15
N HIS C 77 16.35 38.80 12.78
CA HIS C 77 16.75 37.51 12.24
C HIS C 77 16.00 37.15 10.96
N MET C 78 14.91 37.84 10.63
CA MET C 78 14.16 37.61 9.40
C MET C 78 14.54 38.54 8.27
N LYS C 79 15.49 39.46 8.49
CA LYS C 79 15.85 40.41 7.46
C LYS C 79 16.42 39.75 6.21
N ARG C 80 16.93 38.51 6.32
CA ARG C 80 17.37 37.77 5.14
C ARG C 80 16.21 37.41 4.22
N HIS C 81 14.95 37.59 4.66
CA HIS C 81 13.80 37.25 3.84
C HIS C 81 13.11 38.48 3.24
N ASP C 82 13.69 39.67 3.39
CA ASP C 82 13.01 40.91 3.01
C ASP C 82 13.31 41.20 1.54
N PHE C 83 12.45 40.67 0.66
CA PHE C 83 12.61 40.92 -0.76
C PHE C 83 12.43 42.41 -1.09
N PHE C 84 11.45 43.05 -0.44
CA PHE C 84 11.00 44.36 -0.88
C PHE C 84 12.11 45.41 -0.78
N LYS C 85 12.76 45.50 0.33
CA LYS C 85 13.82 46.43 0.48
C LYS C 85 15.07 46.07 -0.33
N SER C 86 15.24 44.81 -0.65
CA SER C 86 16.40 44.39 -1.38
C SER C 86 16.46 44.80 -2.84
N ALA C 87 15.30 45.05 -3.41
CA ALA C 87 15.11 45.47 -4.74
C ALA C 87 15.32 46.97 -4.89
N MET C 88 15.38 47.70 -3.83
CA MET C 88 15.61 49.11 -3.89
C MET C 88 17.09 49.43 -4.11
N PRO C 89 17.39 50.51 -4.80
CA PRO C 89 16.45 51.55 -5.19
C PRO C 89 15.84 51.43 -6.56
N GLU C 90 16.26 50.49 -7.36
CA GLU C 90 15.69 50.29 -8.69
C GLU C 90 14.22 49.94 -8.57
N GLY C 91 13.90 49.09 -7.60
CA GLY C 91 12.55 48.78 -7.29
C GLY C 91 11.96 47.53 -7.75
N TYR C 92 10.67 47.45 -7.64
CA TYR C 92 9.98 46.28 -8.06
C TYR C 92 8.62 46.57 -8.70
N VAL C 93 8.19 45.62 -9.50
CA VAL C 93 6.86 45.66 -10.09
C VAL C 93 5.93 44.82 -9.23
N GLN C 94 4.78 45.37 -8.89
CA GLN C 94 3.77 44.65 -8.11
C GLN C 94 2.53 44.50 -8.97
N GLU C 95 2.12 43.25 -9.18
CA GLU C 95 0.97 42.90 -9.99
C GLU C 95 -0.03 42.14 -9.15
N ARG C 96 -1.31 42.45 -9.33
CA ARG C 96 -2.35 41.78 -8.57
C ARG C 96 -3.56 41.50 -9.45
N THR C 97 -4.24 40.41 -9.11
CA THR C 97 -5.64 40.22 -9.44
C THR C 97 -6.39 40.19 -8.12
N ILE C 98 -7.39 41.06 -7.97
CA ILE C 98 -8.23 41.08 -6.79
C ILE C 98 -9.62 40.68 -7.25
N SER C 99 -10.08 39.52 -6.80
CA SER C 99 -11.33 38.95 -7.27
C SER C 99 -12.37 39.12 -6.17
N PHE C 100 -13.36 39.97 -6.41
CA PHE C 100 -14.44 40.19 -5.47
C PHE C 100 -15.50 39.13 -5.70
N LYS C 101 -15.80 38.35 -4.65
CA LYS C 101 -16.75 37.25 -4.76
C LYS C 101 -18.11 37.76 -5.19
N ASP C 102 -18.67 37.13 -6.23
CA ASP C 102 -19.98 37.47 -6.81
C ASP C 102 -20.01 38.88 -7.38
N ASP C 103 -18.86 39.43 -7.77
CA ASP C 103 -18.80 40.75 -8.37
C ASP C 103 -17.59 40.79 -9.29
N GLY C 104 -17.07 41.99 -9.56
CA GLY C 104 -16.00 42.16 -10.52
C GLY C 104 -14.63 41.78 -9.98
N THR C 105 -13.61 42.13 -10.75
CA THR C 105 -12.21 41.89 -10.38
C THR C 105 -11.38 43.12 -10.73
N TYR C 106 -10.42 43.44 -9.85
CA TYR C 106 -9.39 44.42 -10.16
C TYR C 106 -8.19 43.72 -10.76
N LYS C 107 -7.55 44.37 -11.73
CA LYS C 107 -6.24 43.97 -12.21
C LYS C 107 -5.33 45.18 -12.07
N THR C 108 -4.19 45.01 -11.41
CA THR C 108 -3.31 46.13 -11.10
C THR C 108 -1.88 45.82 -11.49
N ARG C 109 -1.17 46.86 -11.91
CA ARG C 109 0.25 46.80 -12.15
C ARG C 109 0.86 48.08 -11.57
N ALA C 110 1.87 47.92 -10.73
CA ALA C 110 2.49 49.04 -10.05
C ALA C 110 3.99 48.90 -10.10
N GLU C 111 4.67 50.04 -10.07
CA GLU C 111 6.12 50.08 -9.91
C GLU C 111 6.42 50.81 -8.61
N VAL C 112 7.21 50.19 -7.75
CA VAL C 112 7.63 50.81 -6.49
C VAL C 112 9.13 51.01 -6.59
N LYS C 113 9.58 52.25 -6.39
CA LYS C 113 10.96 52.61 -6.61
C LYS C 113 11.27 53.93 -5.93
N PHE C 114 12.55 54.14 -5.65
CA PHE C 114 13.01 55.43 -5.18
C PHE C 114 13.22 56.38 -6.36
N GLU C 115 12.75 57.61 -6.18
CA GLU C 115 13.11 58.72 -7.05
C GLU C 115 13.69 59.79 -6.15
N GLY C 116 15.01 59.94 -6.21
CA GLY C 116 15.68 60.76 -5.22
C GLY C 116 15.42 60.18 -3.83
N ASP C 117 14.96 61.06 -2.94
CA ASP C 117 14.71 60.73 -1.55
C ASP C 117 13.31 60.21 -1.29
N THR C 118 12.47 60.10 -2.32
CA THR C 118 11.07 59.73 -2.17
C THR C 118 10.82 58.33 -2.69
N LEU C 119 10.12 57.53 -1.90
CA LEU C 119 9.63 56.25 -2.39
C LEU C 119 8.32 56.48 -3.13
N VAL C 120 8.25 56.05 -4.39
CA VAL C 120 7.15 56.36 -5.28
C VAL C 120 6.45 55.06 -5.64
N ASN C 121 5.12 55.06 -5.55
CA ASN C 121 4.28 53.92 -5.92
C ASN C 121 3.30 54.38 -6.99
N ARG C 122 3.55 54.00 -8.24
CA ARG C 122 2.68 54.35 -9.36
C ARG C 122 1.94 53.12 -9.85
N ILE C 123 0.62 53.21 -9.89
CA ILE C 123 -0.25 52.06 -10.11
C ILE C 123 -1.17 52.34 -11.29
N GLU C 124 -1.36 51.33 -12.12
CA GLU C 124 -2.41 51.33 -13.13
C GLU C 124 -3.44 50.29 -12.70
N LEU C 125 -4.72 50.64 -12.72
CA LEU C 125 -5.76 49.75 -12.23
C LEU C 125 -6.90 49.66 -13.23
N LYS C 126 -7.28 48.42 -13.60
CA LYS C 126 -8.41 48.13 -14.46
C LYS C 126 -9.42 47.28 -13.71
N GLY C 127 -10.68 47.74 -13.66
CA GLY C 127 -11.73 46.97 -13.03
C GLY C 127 -12.87 46.61 -13.97
N ILE C 128 -13.23 45.33 -14.05
CA ILE C 128 -14.23 44.86 -15.02
C ILE C 128 -15.27 43.99 -14.34
N ASP C 129 -16.46 43.96 -14.94
CA ASP C 129 -17.53 43.02 -14.62
C ASP C 129 -18.16 43.28 -13.25
N PHE C 130 -18.19 44.52 -12.81
CA PHE C 130 -18.80 44.86 -11.53
C PHE C 130 -20.28 45.17 -11.72
N LYS C 131 -21.09 44.78 -10.74
CA LYS C 131 -22.51 45.06 -10.77
C LYS C 131 -22.78 46.50 -10.38
N GLU C 132 -23.54 47.22 -11.20
CA GLU C 132 -23.77 48.64 -10.96
C GLU C 132 -24.51 48.87 -9.64
N ASP C 133 -25.26 47.88 -9.16
CA ASP C 133 -25.93 47.93 -7.86
C ASP C 133 -25.34 46.97 -6.84
N GLY C 134 -24.10 46.53 -7.05
CA GLY C 134 -23.43 45.67 -6.09
C GLY C 134 -22.85 46.46 -4.93
N ASN C 135 -22.03 45.77 -4.14
CA ASN C 135 -21.43 46.39 -2.96
C ASN C 135 -20.37 47.42 -3.34
N ILE C 136 -19.70 47.24 -4.48
CA ILE C 136 -18.57 48.08 -4.83
C ILE C 136 -19.08 49.33 -5.55
N LEU C 137 -19.71 49.15 -6.71
CA LEU C 137 -20.23 50.31 -7.44
C LEU C 137 -21.37 50.99 -6.70
N GLY C 138 -22.09 50.26 -5.84
CA GLY C 138 -23.13 50.85 -5.03
C GLY C 138 -22.68 51.47 -3.73
N HIS C 139 -21.38 51.45 -3.41
CA HIS C 139 -20.83 52.04 -2.19
C HIS C 139 -21.56 51.52 -0.94
N LYS C 140 -21.55 50.20 -0.79
CA LYS C 140 -22.25 49.56 0.32
C LYS C 140 -21.29 49.02 1.39
N LEU C 141 -20.02 49.41 1.35
CA LEU C 141 -19.02 48.89 2.27
C LEU C 141 -18.77 49.90 3.40
N GLU C 142 -18.58 49.37 4.61
CA GLU C 142 -18.23 50.22 5.74
C GLU C 142 -16.83 50.79 5.56
N TYR C 143 -16.59 51.94 6.19
CA TYR C 143 -15.32 52.66 6.07
C TYR C 143 -14.34 52.20 7.16
N ASN C 144 -13.96 50.93 7.09
CA ASN C 144 -12.96 50.37 8.00
C ASN C 144 -12.17 49.30 7.26
N PHE C 145 -11.19 48.73 7.97
CA PHE C 145 -10.27 47.75 7.38
C PHE C 145 -9.73 46.88 8.50
N ASN C 146 -9.99 45.57 8.45
CA ASN C 146 -9.57 44.68 9.52
C ASN C 146 -8.10 44.29 9.35
N SER C 147 -7.57 43.57 10.33
CA SER C 147 -6.21 43.07 10.26
C SER C 147 -6.15 41.80 9.42
N HIS C 148 -5.06 41.66 8.67
CA HIS C 148 -4.93 40.52 7.78
C HIS C 148 -3.51 39.96 7.90
N ASN C 149 -3.37 38.72 7.44
CA ASN C 149 -2.08 38.03 7.39
C ASN C 149 -1.77 37.70 5.94
N VAL C 150 -0.72 38.32 5.41
CA VAL C 150 -0.36 38.25 4.00
C VAL C 150 0.68 37.15 3.84
N TYR C 151 0.30 36.06 3.19
CA TYR C 151 1.17 34.90 3.00
C TYR C 151 2.14 35.15 1.86
N ILE C 152 3.44 35.04 2.13
CA ILE C 152 4.49 35.35 1.16
C ILE C 152 5.32 34.10 0.89
N THR C 153 5.57 33.82 -0.40
CA THR C 153 6.39 32.70 -0.81
C THR C 153 7.31 33.15 -1.94
N ALA C 154 8.42 32.44 -2.10
CA ALA C 154 9.38 32.77 -3.13
C ALA C 154 8.90 32.28 -4.50
N ASP C 155 9.30 33.02 -5.54
CA ASP C 155 9.05 32.63 -6.92
C ASP C 155 10.41 32.66 -7.61
N LYS C 156 11.16 31.57 -7.49
CA LYS C 156 12.53 31.58 -7.98
C LYS C 156 12.58 31.67 -9.50
N GLN C 157 11.56 31.16 -10.20
CA GLN C 157 11.54 31.21 -11.65
C GLN C 157 11.60 32.65 -12.17
N LYS C 158 10.95 33.58 -11.47
CA LYS C 158 10.93 34.99 -11.87
C LYS C 158 11.79 35.88 -10.98
N ASN C 159 12.61 35.30 -10.11
CA ASN C 159 13.49 36.07 -9.23
C ASN C 159 12.72 37.03 -8.33
N GLY C 160 11.51 36.64 -7.91
CA GLY C 160 10.70 37.48 -7.06
C GLY C 160 9.92 36.69 -6.02
N ILE C 161 8.70 37.15 -5.70
CA ILE C 161 7.86 36.54 -4.68
C ILE C 161 6.42 36.51 -5.18
N LYS C 162 5.60 35.73 -4.48
CA LYS C 162 4.16 35.74 -4.64
C LYS C 162 3.50 35.95 -3.29
N ALA C 163 2.27 36.44 -3.31
CA ALA C 163 1.50 36.61 -2.08
C ALA C 163 0.04 36.26 -2.33
N ASN C 164 -0.60 35.69 -1.31
CA ASN C 164 -2.02 35.35 -1.37
C ASN C 164 -2.67 35.69 -0.05
N PHE C 165 -3.81 36.37 -0.11
CA PHE C 165 -4.60 36.68 1.08
C PHE C 165 -6.00 37.07 0.65
N LYS C 166 -6.95 36.87 1.56
CA LYS C 166 -8.36 37.18 1.32
C LYS C 166 -8.83 38.24 2.30
N ILE C 167 -9.23 39.43 1.77
CA ILE C 167 -9.79 40.53 2.52
C ILE C 167 -11.29 40.29 2.66
N ARG C 168 -11.83 40.61 3.83
CA ARG C 168 -13.25 40.47 4.13
C ARG C 168 -13.66 41.89 4.45
N HIS C 169 -14.36 42.53 3.51
CA HIS C 169 -14.71 43.90 3.70
C HIS C 169 -16.04 43.95 4.39
N ASN C 170 -16.19 44.69 5.45
CA ASN C 170 -17.52 44.74 6.03
C ASN C 170 -18.47 45.57 5.17
N VAL C 171 -19.64 45.02 4.87
CA VAL C 171 -20.69 45.75 4.18
C VAL C 171 -21.72 46.23 5.21
N GLU C 172 -22.41 47.32 4.88
CA GLU C 172 -23.36 47.98 5.78
C GLU C 172 -24.48 47.04 6.21
N ASP C 173 -24.74 46.01 5.40
CA ASP C 173 -25.75 45.00 5.64
C ASP C 173 -25.39 44.10 6.81
N GLY C 174 -24.15 44.17 7.28
CA GLY C 174 -23.67 43.33 8.35
C GLY C 174 -22.90 42.13 7.85
N SER C 175 -23.14 41.75 6.60
CA SER C 175 -22.48 40.63 5.94
C SER C 175 -21.06 41.02 5.56
N VAL C 176 -20.42 40.19 4.74
CA VAL C 176 -19.01 40.36 4.39
C VAL C 176 -18.84 40.23 2.88
N GLN C 177 -18.01 41.11 2.31
CA GLN C 177 -17.67 41.08 0.88
C GLN C 177 -16.22 40.65 0.73
N LEU C 178 -15.99 39.47 0.16
CA LEU C 178 -14.65 38.93 0.06
C LEU C 178 -13.91 39.49 -1.15
N ALA C 179 -12.61 39.75 -0.95
CA ALA C 179 -11.72 40.23 -2.02
C ALA C 179 -10.49 39.33 -2.02
N ASP C 180 -10.42 38.42 -2.98
CA ASP C 180 -9.37 37.41 -3.09
C ASP C 180 -8.17 38.00 -3.82
N HIS C 181 -7.03 38.09 -3.13
CA HIS C 181 -5.84 38.77 -3.66
C HIS C 181 -4.79 37.77 -4.13
N TYR C 182 -4.34 37.94 -5.38
CA TYR C 182 -3.25 37.18 -5.96
C TYR C 182 -2.18 38.18 -6.38
N GLN C 183 -0.96 38.00 -5.88
CA GLN C 183 0.07 39.02 -5.99
C GLN C 183 1.37 38.43 -6.51
N GLN C 184 2.03 39.19 -7.37
CA GLN C 184 3.34 38.83 -7.91
C GLN C 184 4.23 40.07 -7.88
N ASN C 185 5.44 39.92 -7.36
CA ASN C 185 6.43 40.98 -7.35
C ASN C 185 7.68 40.49 -8.06
N THR C 186 8.27 41.35 -8.90
CA THR C 186 9.52 41.05 -9.60
C THR C 186 10.42 42.28 -9.58
N PRO C 187 11.74 42.10 -9.46
CA PRO C 187 12.65 43.24 -9.37
C PRO C 187 12.79 43.96 -10.70
N ILE C 188 12.92 45.28 -10.62
CA ILE C 188 13.14 46.07 -11.83
C ILE C 188 14.59 45.98 -12.29
N GLY C 189 15.54 46.10 -11.37
CA GLY C 189 16.95 46.04 -11.70
C GLY C 189 17.45 44.63 -11.87
N ASP C 190 18.75 44.55 -12.18
CA ASP C 190 19.44 43.28 -12.31
C ASP C 190 20.26 42.92 -11.07
N GLY C 191 20.36 43.81 -10.10
CA GLY C 191 21.14 43.50 -8.94
C GLY C 191 20.53 42.35 -8.17
N PRO C 192 21.30 41.78 -7.25
CA PRO C 192 20.80 40.62 -6.50
C PRO C 192 19.72 41.06 -5.51
N VAL C 193 18.77 40.17 -5.28
CA VAL C 193 17.67 40.43 -4.34
C VAL C 193 17.59 39.26 -3.39
N LEU C 194 16.91 39.47 -2.27
CA LEU C 194 16.68 38.41 -1.31
C LEU C 194 15.40 37.67 -1.65
N LEU C 195 15.48 36.35 -1.79
CA LEU C 195 14.29 35.55 -1.99
C LEU C 195 13.92 34.86 -0.70
N PRO C 196 12.70 35.03 -0.21
CA PRO C 196 12.37 34.58 1.15
C PRO C 196 11.92 33.12 1.20
N ASP C 197 12.10 32.53 2.37
CA ASP C 197 11.35 31.34 2.73
C ASP C 197 9.95 31.75 3.19
N ASN C 198 9.06 30.76 3.28
CA ASN C 198 7.66 31.03 3.63
C ASN C 198 7.56 31.80 4.93
N HIS C 199 6.79 32.87 4.92
CA HIS C 199 6.49 33.66 6.11
C HIS C 199 5.22 34.46 5.81
N TYR C 200 4.87 35.38 6.71
CA TYR C 200 3.74 36.23 6.45
C TYR C 200 3.95 37.62 7.04
N LEU C 201 3.20 38.57 6.51
CA LEU C 201 3.16 39.93 7.01
C LEU C 201 1.88 40.10 7.81
N SER C 202 2.00 40.54 9.06
CA SER C 202 0.87 40.82 9.92
C SER C 202 0.57 42.31 9.85
N THR C 203 -0.60 42.66 9.32
CA THR C 203 -0.94 44.04 9.00
C THR C 203 -2.10 44.51 9.86
N GLN C 204 -2.07 45.78 10.25
CA GLN C 204 -3.16 46.43 10.97
C GLN C 204 -3.36 47.82 10.39
N SER C 205 -4.62 48.24 10.28
CA SER C 205 -4.94 49.50 9.62
C SER C 205 -6.05 50.20 10.37
N VAL C 206 -6.01 51.54 10.35
CA VAL C 206 -7.13 52.36 10.78
C VAL C 206 -7.34 53.46 9.74
N LEU C 207 -8.59 53.60 9.29
CA LEU C 207 -8.98 54.61 8.30
C LEU C 207 -9.69 55.76 9.00
N SER C 208 -9.45 56.98 8.53
CA SER C 208 -10.06 58.17 9.12
C SER C 208 -10.22 59.24 8.05
N LYS C 209 -10.76 60.38 8.46
CA LYS C 209 -11.00 61.52 7.58
C LYS C 209 -10.31 62.77 8.13
N ASP C 210 -9.98 63.68 7.24
CA ASP C 210 -9.45 64.99 7.59
C ASP C 210 -10.61 65.97 7.53
N PRO C 211 -11.02 66.55 8.66
CA PRO C 211 -12.21 67.42 8.63
C PRO C 211 -12.06 68.66 7.76
N ASN C 212 -10.83 69.12 7.47
CA ASN C 212 -10.65 70.28 6.61
C ASN C 212 -10.61 69.95 5.13
N GLU C 213 -10.52 68.67 4.77
CA GLU C 213 -10.38 68.27 3.37
C GLU C 213 -11.78 68.03 2.81
N LYS C 214 -12.17 68.84 1.83
CA LYS C 214 -13.51 68.73 1.27
C LYS C 214 -13.58 67.78 0.08
N ARG C 215 -12.46 67.51 -0.58
CA ARG C 215 -12.48 66.52 -1.64
C ARG C 215 -12.62 65.14 -1.04
N ASP C 216 -13.09 64.20 -1.86
CA ASP C 216 -13.17 62.81 -1.46
C ASP C 216 -11.75 62.29 -1.17
N HIS C 217 -11.55 61.74 0.03
CA HIS C 217 -10.20 61.46 0.50
C HIS C 217 -10.25 60.35 1.54
N MET C 218 -9.05 59.85 1.88
CA MET C 218 -8.88 58.84 2.93
C MET C 218 -7.54 59.07 3.61
N VAL C 219 -7.56 59.06 4.95
CA VAL C 219 -6.35 59.09 5.76
C VAL C 219 -6.11 57.68 6.30
N LEU C 220 -4.86 57.22 6.22
CA LEU C 220 -4.53 55.84 6.53
C LEU C 220 -3.32 55.78 7.44
N LEU C 221 -3.42 54.99 8.50
CA LEU C 221 -2.30 54.62 9.35
C LEU C 221 -2.21 53.11 9.36
N GLU C 222 -0.98 52.58 9.24
CA GLU C 222 -0.76 51.16 9.00
C GLU C 222 0.48 50.68 9.73
N PHE C 223 0.36 49.52 10.38
CA PHE C 223 1.47 48.83 11.05
C PHE C 223 1.60 47.43 10.46
N VAL C 224 2.81 47.08 10.03
CA VAL C 224 3.06 45.80 9.37
C VAL C 224 4.31 45.17 9.95
N THR C 225 4.23 43.89 10.29
CA THR C 225 5.37 43.16 10.86
C THR C 225 5.45 41.79 10.20
N ALA C 226 6.65 41.40 9.81
CA ALA C 226 6.86 40.06 9.29
C ALA C 226 6.94 39.06 10.44
N ALA C 227 6.52 37.82 10.15
CA ALA C 227 6.43 36.79 11.18
C ALA C 227 6.43 35.42 10.51
N GLY C 228 6.52 34.37 11.34
CA GLY C 228 6.32 33.00 10.91
C GLY C 228 7.54 32.12 10.93
N ILE C 229 8.74 32.68 11.10
CA ILE C 229 9.98 31.92 11.15
C ILE C 229 10.64 32.14 12.50
N THR C 230 11.06 31.05 13.15
CA THR C 230 11.65 31.18 14.47
C THR C 230 13.10 31.68 14.36
N HIS C 231 13.61 32.18 15.49
CA HIS C 231 15.02 32.55 15.56
C HIS C 231 15.90 31.35 15.28
N GLY C 232 15.56 30.18 15.82
CA GLY C 232 16.35 28.99 15.60
C GLY C 232 16.41 28.58 14.13
N MET C 233 15.28 28.71 13.42
CA MET C 233 15.25 28.36 12.01
C MET C 233 16.16 29.27 11.18
N ASP C 234 16.14 30.58 11.48
CA ASP C 234 16.96 31.51 10.72
C ASP C 234 18.45 31.36 11.03
N GLU C 235 18.81 30.98 12.26
CA GLU C 235 20.20 30.65 12.54
C GLU C 235 20.64 29.44 11.72
N LEU C 236 19.76 28.45 11.60
CA LEU C 236 20.00 27.33 10.69
C LEU C 236 20.21 27.82 9.26
N TYR C 237 19.16 28.38 8.65
CA TYR C 237 19.25 29.06 7.36
C TYR C 237 20.56 29.80 7.14
N LYS C 238 21.04 30.50 8.17
CA LYS C 238 22.28 31.25 8.02
C LYS C 238 23.47 30.30 7.89
N LYS C 239 23.50 29.24 8.69
CA LYS C 239 24.59 28.28 8.58
C LYS C 239 24.52 27.50 7.26
N LEU C 240 23.34 26.98 6.90
CA LEU C 240 23.19 26.25 5.64
C LEU C 240 23.44 27.15 4.43
N GLY C 241 23.14 28.44 4.56
CA GLY C 241 23.39 29.37 3.48
C GLY C 241 24.87 29.57 3.16
N GLY C 242 25.75 29.13 4.04
CA GLY C 242 27.18 29.27 3.83
C GLY C 242 27.91 27.99 3.50
N GLU C 243 27.23 26.84 3.59
CA GLU C 243 27.90 25.56 3.44
C GLU C 243 28.04 25.19 1.97
N TYR C 244 28.98 24.27 1.70
CA TYR C 244 29.16 23.69 0.37
C TYR C 244 28.44 22.36 0.31
N PHE C 245 27.80 22.10 -0.82
CA PHE C 245 26.98 20.91 -1.03
C PHE C 245 27.46 20.13 -2.24
N THR C 246 27.63 18.83 -2.08
CA THR C 246 28.01 17.96 -3.19
C THR C 246 26.79 17.47 -3.95
N LEU C 247 26.72 17.80 -5.23
CA LEU C 247 25.67 17.31 -6.12
C LEU C 247 26.25 16.24 -7.03
N GLN C 248 25.56 15.11 -7.13
CA GLN C 248 25.98 14.00 -7.98
C GLN C 248 25.16 14.02 -9.28
N ILE C 249 25.84 14.10 -10.41
CA ILE C 249 25.22 14.17 -11.73
C ILE C 249 25.62 12.94 -12.52
N ARG C 250 24.67 12.34 -13.23
CA ARG C 250 24.94 11.20 -14.09
C ARG C 250 24.93 11.67 -15.54
N GLY C 251 26.05 11.48 -16.23
CA GLY C 251 26.23 11.86 -17.63
C GLY C 251 27.14 13.06 -17.77
N ARG C 252 28.12 12.95 -18.69
CA ARG C 252 29.12 13.99 -18.88
C ARG C 252 28.53 15.28 -19.44
N GLU C 253 27.65 15.19 -20.43
CA GLU C 253 27.06 16.41 -20.98
C GLU C 253 26.24 17.14 -19.94
N ARG C 254 25.44 16.38 -19.19
CA ARG C 254 24.63 16.97 -18.14
C ARG C 254 25.51 17.59 -17.05
N PHE C 255 26.60 16.91 -16.69
CA PHE C 255 27.57 17.48 -15.77
C PHE C 255 28.04 18.84 -16.28
N GLU C 256 28.88 18.83 -17.31
CA GLU C 256 29.39 20.03 -17.97
C GLU C 256 28.38 21.17 -18.08
N GLU C 257 27.10 20.85 -18.28
CA GLU C 257 26.08 21.90 -18.31
C GLU C 257 25.80 22.48 -16.92
N PHE C 258 25.65 21.60 -15.92
CA PHE C 258 25.52 22.08 -14.54
C PHE C 258 26.76 22.85 -14.11
N ARG C 259 27.95 22.35 -14.48
CA ARG C 259 29.17 23.01 -14.07
C ARG C 259 29.28 24.41 -14.65
N GLU C 260 28.87 24.57 -15.91
CA GLU C 260 28.95 25.87 -16.54
C GLU C 260 28.01 26.85 -15.86
N LYS C 261 26.81 26.40 -15.48
CA LYS C 261 25.88 27.29 -14.79
C LYS C 261 26.36 27.61 -13.37
N ASN C 262 26.94 26.64 -12.67
CA ASN C 262 27.51 26.90 -11.35
C ASN C 262 28.63 27.92 -11.44
N GLU C 263 29.53 27.77 -12.41
CA GLU C 263 30.64 28.68 -12.53
C GLU C 263 30.18 30.10 -12.84
N ALA C 264 29.10 30.24 -13.62
CA ALA C 264 28.53 31.55 -13.90
C ALA C 264 28.04 32.24 -12.63
N LEU C 265 27.30 31.50 -11.80
CA LEU C 265 26.78 32.09 -10.56
C LEU C 265 27.92 32.45 -9.60
N GLU C 266 28.93 31.58 -9.49
CA GLU C 266 30.07 31.89 -8.63
C GLU C 266 30.86 33.06 -9.19
N LEU C 267 30.84 33.25 -10.51
CA LEU C 267 31.48 34.40 -11.12
C LEU C 267 30.79 35.70 -10.69
N LYS C 268 29.45 35.70 -10.69
CA LYS C 268 28.71 36.85 -10.17
C LYS C 268 29.07 37.16 -8.72
N ASP C 269 29.18 36.12 -7.89
CA ASP C 269 29.55 36.32 -6.49
C ASP C 269 30.89 37.02 -6.35
N ALA C 270 31.91 36.51 -7.06
CA ALA C 270 33.26 37.05 -6.91
C ALA C 270 33.37 38.48 -7.45
N GLN C 271 32.67 38.78 -8.54
CA GLN C 271 32.71 40.12 -9.12
C GLN C 271 32.12 41.17 -8.19
N ALA C 272 31.05 40.83 -7.46
CA ALA C 272 30.48 41.79 -6.54
C ALA C 272 31.26 41.87 -5.23
N GLY C 273 32.45 41.28 -5.18
CA GLY C 273 33.24 41.18 -3.98
C GLY C 273 32.70 40.26 -2.93
N GLY C 274 31.87 39.29 -3.32
CA GLY C 274 31.19 38.40 -2.38
C GLY C 274 30.20 39.13 -1.50
N THR C 275 29.93 40.41 -1.80
CA THR C 275 29.19 41.28 -0.88
C THR C 275 27.76 40.82 -0.64
N CYS C 276 27.18 40.06 -1.56
CA CYS C 276 25.78 39.70 -1.44
C CYS C 276 25.54 38.23 -1.15
N PHE C 277 26.59 37.43 -0.99
CA PHE C 277 26.37 36.00 -0.84
C PHE C 277 25.98 35.68 0.59
N ASN C 278 24.87 34.95 0.75
CA ASN C 278 24.37 34.54 2.07
C ASN C 278 24.24 35.73 3.01
N ALA C 279 23.70 36.82 2.47
CA ALA C 279 23.54 38.07 3.21
C ALA C 279 22.51 37.92 4.33
N SER C 280 22.76 38.63 5.43
CA SER C 280 21.81 38.64 6.55
C SER C 280 20.71 39.68 6.33
N HIS D 7 28.85 9.96 -26.47
CA HIS D 7 28.67 10.59 -25.18
C HIS D 7 28.62 9.57 -24.03
N HIS D 8 29.06 10.01 -22.85
CA HIS D 8 29.10 9.17 -21.65
C HIS D 8 27.80 9.35 -20.88
N GLU D 9 26.85 8.45 -21.11
CA GLU D 9 25.52 8.61 -20.53
C GLU D 9 25.46 8.15 -19.08
N LEU D 10 26.30 7.19 -18.69
CA LEU D 10 26.12 6.48 -17.42
C LEU D 10 27.10 6.89 -16.32
N GLU D 11 28.13 7.66 -16.65
CA GLU D 11 29.15 7.98 -15.65
C GLU D 11 28.69 9.11 -14.73
N TYR D 12 29.09 9.01 -13.47
CA TYR D 12 28.72 9.94 -12.39
C TYR D 12 29.80 10.99 -12.18
N PHE D 13 29.36 12.19 -11.81
CA PHE D 13 30.25 13.32 -11.54
C PHE D 13 29.81 14.05 -10.28
N THR D 14 30.75 14.82 -9.73
CA THR D 14 30.55 15.56 -8.50
C THR D 14 30.67 17.04 -8.79
N LEU D 15 29.79 17.83 -8.17
CA LEU D 15 29.78 19.27 -8.30
C LEU D 15 29.65 19.87 -6.91
N GLN D 16 30.54 20.81 -6.58
CA GLN D 16 30.47 21.52 -5.32
C GLN D 16 29.62 22.77 -5.52
N ILE D 17 28.49 22.84 -4.82
CA ILE D 17 27.56 23.97 -4.90
C ILE D 17 27.64 24.76 -3.60
N ARG D 18 27.72 26.08 -3.71
CA ARG D 18 27.87 26.95 -2.56
C ARG D 18 26.50 27.41 -2.10
N GLY D 19 26.08 26.96 -0.93
CA GLY D 19 24.91 27.55 -0.29
C GLY D 19 23.63 26.75 -0.51
N ARG D 20 22.75 26.80 0.49
CA ARG D 20 21.51 26.02 0.46
C ARG D 20 20.64 26.39 -0.73
N GLU D 21 20.41 27.69 -0.94
CA GLU D 21 19.49 28.12 -1.98
C GLU D 21 19.94 27.63 -3.35
N ARG D 22 21.21 27.87 -3.68
CA ARG D 22 21.74 27.42 -4.97
C ARG D 22 21.71 25.91 -5.08
N PHE D 23 22.05 25.20 -3.99
CA PHE D 23 22.06 23.73 -4.04
C PHE D 23 20.64 23.19 -4.22
N GLU D 24 19.66 23.74 -3.51
CA GLU D 24 18.28 23.27 -3.67
C GLU D 24 17.77 23.51 -5.08
N GLU D 25 18.21 24.59 -5.73
CA GLU D 25 17.81 24.86 -7.11
C GLU D 25 18.39 23.82 -8.06
N PHE D 26 19.70 23.57 -7.94
CA PHE D 26 20.35 22.57 -8.80
C PHE D 26 19.83 21.17 -8.53
N ARG D 27 19.63 20.83 -7.25
CA ARG D 27 19.22 19.47 -6.91
C ARG D 27 17.82 19.16 -7.43
N GLU D 28 16.92 20.13 -7.39
CA GLU D 28 15.60 19.86 -7.93
C GLU D 28 15.61 19.79 -9.46
N LYS D 29 16.38 20.68 -10.11
CA LYS D 29 16.52 20.61 -11.56
C LYS D 29 17.14 19.28 -11.99
N ASN D 30 18.19 18.85 -11.29
CA ASN D 30 18.85 17.58 -11.58
C ASN D 30 17.89 16.40 -11.39
N GLU D 31 17.07 16.43 -10.35
CA GLU D 31 16.15 15.32 -10.13
C GLU D 31 15.06 15.25 -11.18
N ALA D 32 14.57 16.41 -11.63
CA ALA D 32 13.57 16.42 -12.69
C ALA D 32 14.11 15.77 -13.95
N LEU D 33 15.40 16.00 -14.25
CA LEU D 33 16.03 15.33 -15.38
C LEU D 33 16.10 13.83 -15.14
N GLU D 34 16.54 13.42 -13.94
CA GLU D 34 16.64 12.01 -13.57
C GLU D 34 15.30 11.32 -13.39
N LEU D 35 14.20 12.07 -13.31
CA LEU D 35 12.89 11.44 -13.34
C LEU D 35 12.22 11.52 -14.72
N LYS D 36 12.72 12.37 -15.63
CA LYS D 36 12.14 12.42 -16.96
C LYS D 36 12.72 11.35 -17.88
N ASP D 37 13.79 10.70 -17.44
CA ASP D 37 14.29 9.50 -18.08
C ASP D 37 13.30 8.39 -17.75
N ALA D 38 12.05 8.57 -18.15
CA ALA D 38 10.99 7.69 -17.70
C ALA D 38 10.96 6.40 -18.50
N MET E 1 3.20 82.73 -44.53
CA MET E 1 4.13 83.77 -44.96
C MET E 1 3.78 85.09 -44.28
N SER E 2 4.76 85.72 -43.63
CA SER E 2 4.46 86.92 -42.87
C SER E 2 4.51 88.14 -43.78
N LYS E 3 3.95 89.23 -43.29
CA LYS E 3 4.03 90.51 -44.00
C LYS E 3 5.47 91.04 -44.06
N GLY E 4 6.31 90.68 -43.08
CA GLY E 4 7.70 91.09 -43.14
C GLY E 4 8.50 90.45 -44.27
N GLU E 5 7.99 89.37 -44.85
CA GLU E 5 8.67 88.70 -45.96
C GLU E 5 8.90 89.64 -47.15
N GLU E 6 8.01 90.60 -47.39
CA GLU E 6 8.19 91.47 -48.56
C GLU E 6 9.42 92.36 -48.42
N LEU E 7 9.90 92.60 -47.20
CA LEU E 7 11.06 93.45 -46.98
C LEU E 7 12.36 92.78 -47.40
N PHE E 8 12.34 91.48 -47.67
CA PHE E 8 13.55 90.71 -47.93
C PHE E 8 13.57 90.08 -49.32
N THR E 9 12.60 90.42 -50.17
CA THR E 9 12.57 89.86 -51.52
C THR E 9 13.71 90.37 -52.39
N GLY E 10 14.37 91.47 -52.00
CA GLY E 10 15.49 91.97 -52.77
C GLY E 10 16.79 92.04 -52.00
N VAL E 11 17.76 92.80 -52.51
CA VAL E 11 19.04 93.01 -51.84
C VAL E 11 18.88 94.15 -50.84
N VAL E 12 19.32 93.93 -49.61
CA VAL E 12 19.11 94.86 -48.51
C VAL E 12 20.46 95.29 -47.96
N PRO E 13 20.74 96.59 -47.85
CA PRO E 13 21.98 97.03 -47.22
C PRO E 13 21.98 96.73 -45.73
N ILE E 14 23.17 96.39 -45.21
CA ILE E 14 23.35 95.98 -43.83
C ILE E 14 24.40 96.87 -43.17
N LEU E 15 24.12 97.31 -41.94
CA LEU E 15 25.08 97.97 -41.06
C LEU E 15 25.18 97.21 -39.75
N VAL E 16 26.40 96.95 -39.30
CA VAL E 16 26.63 96.29 -38.03
C VAL E 16 27.56 97.17 -37.20
N GLU E 17 27.19 97.40 -35.93
CA GLU E 17 28.00 98.14 -34.97
C GLU E 17 28.07 97.35 -33.68
N LEU E 18 29.29 97.08 -33.23
CA LEU E 18 29.53 96.33 -32.00
C LEU E 18 30.40 97.20 -31.10
N ASP E 19 29.97 97.39 -29.87
CA ASP E 19 30.80 97.96 -28.82
C ASP E 19 31.08 96.83 -27.84
N GLY E 20 32.36 96.55 -27.61
CA GLY E 20 32.74 95.38 -26.85
C GLY E 20 33.69 95.70 -25.71
N ASP E 21 33.69 94.79 -24.73
CA ASP E 21 34.56 94.92 -23.56
C ASP E 21 34.89 93.49 -23.13
N VAL E 22 36.14 93.08 -23.30
CA VAL E 22 36.58 91.74 -22.95
C VAL E 22 37.73 91.89 -21.95
N ASN E 23 37.50 91.42 -20.72
CA ASN E 23 38.49 91.52 -19.64
C ASN E 23 39.02 92.94 -19.50
N GLY E 24 38.14 93.92 -19.71
CA GLY E 24 38.51 95.31 -19.60
C GLY E 24 39.05 95.93 -20.87
N HIS E 25 39.39 95.13 -21.87
CA HIS E 25 39.89 95.63 -23.14
C HIS E 25 38.70 96.09 -23.99
N LYS E 26 38.56 97.40 -24.16
CA LYS E 26 37.42 97.91 -24.93
C LYS E 26 37.79 97.99 -26.40
N PHE E 27 36.81 97.70 -27.26
CA PHE E 27 37.04 97.68 -28.70
C PHE E 27 35.72 97.91 -29.41
N SER E 28 35.82 98.28 -30.69
CA SER E 28 34.65 98.57 -31.50
C SER E 28 34.84 97.99 -32.89
N VAL E 29 33.76 97.46 -33.46
CA VAL E 29 33.76 96.90 -34.80
C VAL E 29 32.61 97.53 -35.59
N ARG E 30 32.88 97.92 -36.83
CA ARG E 30 31.83 98.40 -37.73
C ARG E 30 31.88 97.55 -38.99
N GLY E 31 30.71 97.11 -39.46
CA GLY E 31 30.62 96.31 -40.65
C GLY E 31 29.52 96.81 -41.57
N GLU E 32 29.74 96.61 -42.87
CA GLU E 32 28.75 96.99 -43.88
C GLU E 32 28.74 95.96 -44.99
N GLY E 33 27.63 95.91 -45.70
CA GLY E 33 27.48 94.94 -46.77
C GLY E 33 26.04 94.83 -47.24
N GLU E 34 25.70 93.64 -47.72
CA GLU E 34 24.40 93.41 -48.34
C GLU E 34 23.88 92.05 -47.92
N GLY E 35 22.56 91.94 -47.85
CA GLY E 35 21.90 90.68 -47.55
C GLY E 35 20.94 90.34 -48.68
N ASP E 36 20.89 89.06 -49.03
CA ASP E 36 20.07 88.58 -50.15
C ASP E 36 19.34 87.32 -49.68
N ALA E 37 18.21 87.53 -49.00
CA ALA E 37 17.49 86.41 -48.37
C ALA E 37 17.01 85.40 -49.39
N THR E 38 16.67 85.86 -50.60
CA THR E 38 16.25 84.94 -51.66
C THR E 38 17.26 83.82 -51.84
N ASN E 39 18.56 84.13 -51.69
CA ASN E 39 19.60 83.11 -51.82
C ASN E 39 20.28 82.81 -50.49
N GLY E 40 19.70 83.26 -49.38
CA GLY E 40 20.28 83.04 -48.06
C GLY E 40 21.70 83.57 -47.96
N LYS E 41 21.98 84.63 -48.68
CA LYS E 41 23.34 85.10 -48.88
C LYS E 41 23.52 86.46 -48.23
N LEU E 42 24.63 86.61 -47.51
CA LEU E 42 25.03 87.91 -47.01
C LEU E 42 26.53 88.05 -47.24
N THR E 43 26.94 89.25 -47.64
CA THR E 43 28.33 89.57 -47.90
C THR E 43 28.66 90.83 -47.10
N LEU E 44 29.64 90.73 -46.21
CA LEU E 44 29.95 91.82 -45.30
C LEU E 44 31.46 92.00 -45.18
N LYS E 45 31.87 93.25 -44.97
CA LYS E 45 33.22 93.60 -44.59
C LYS E 45 33.18 94.30 -43.24
N PHE E 46 34.01 93.84 -42.29
CA PHE E 46 34.08 94.39 -40.94
C PHE E 46 35.45 95.01 -40.70
N ILE E 47 35.49 96.11 -39.96
CA ILE E 47 36.72 96.76 -39.55
C ILE E 47 36.70 96.96 -38.05
N CYS E 48 37.84 96.71 -37.40
CA CYS E 48 38.04 97.16 -36.03
C CYS E 48 38.44 98.63 -36.06
N THR E 49 37.62 99.49 -35.46
CA THR E 49 37.87 100.92 -35.49
C THR E 49 38.75 101.39 -34.34
N THR E 50 39.12 100.50 -33.42
CA THR E 50 39.90 100.86 -32.24
C THR E 50 41.34 100.38 -32.30
N GLY E 51 41.81 99.89 -33.45
CA GLY E 51 43.16 99.40 -33.57
C GLY E 51 43.20 97.92 -33.86
N LYS E 52 43.89 97.16 -33.02
CA LYS E 52 43.94 95.71 -33.14
C LYS E 52 42.78 95.12 -32.34
N LEU E 53 42.10 94.17 -32.94
CA LEU E 53 41.02 93.48 -32.24
C LEU E 53 41.62 92.64 -31.11
N PRO E 54 41.15 92.82 -29.87
CA PRO E 54 41.74 92.04 -28.75
C PRO E 54 41.33 90.59 -28.71
N VAL E 55 40.38 90.17 -29.55
CA VAL E 55 39.95 88.78 -29.62
C VAL E 55 40.04 88.36 -31.08
N PRO E 56 40.11 87.05 -31.37
CA PRO E 56 40.21 86.62 -32.76
C PRO E 56 38.90 86.87 -33.50
N TRP E 57 39.02 87.27 -34.76
CA TRP E 57 37.85 87.51 -35.61
C TRP E 57 36.86 86.35 -35.64
N PRO E 58 37.27 85.08 -35.78
CA PRO E 58 36.26 84.00 -35.83
C PRO E 58 35.38 83.92 -34.60
N THR E 59 35.83 84.40 -33.43
CA THR E 59 34.98 84.34 -32.25
C THR E 59 33.86 85.37 -32.28
N LEU E 60 33.89 86.31 -33.22
CA LEU E 60 32.85 87.33 -33.31
C LEU E 60 31.85 87.08 -34.43
N VAL E 61 32.09 86.06 -35.27
CA VAL E 61 31.25 85.85 -36.44
C VAL E 61 29.78 85.71 -36.05
N THR E 62 29.49 84.87 -35.07
CA THR E 62 28.09 84.63 -34.71
C THR E 62 27.46 85.89 -34.15
N THR E 63 28.22 86.72 -33.43
CA THR E 63 27.68 87.95 -32.89
C THR E 63 27.41 88.95 -34.01
N LEU E 64 28.31 89.01 -35.00
CA LEU E 64 28.18 89.97 -36.09
C LEU E 64 27.15 89.54 -37.12
N THR E 65 27.10 88.25 -37.49
CA THR E 65 26.27 87.85 -38.64
C THR E 65 25.32 86.68 -38.39
N TYR E 66 25.67 85.75 -37.49
CA TYR E 66 24.49 85.04 -36.99
C TYR E 66 23.67 85.94 -36.10
N GLY E 67 24.03 87.22 -36.21
CA GLY E 67 23.31 88.36 -35.69
C GLY E 67 22.31 88.96 -36.64
N VAL E 68 22.30 88.53 -37.90
CA VAL E 68 21.28 88.98 -38.85
C VAL E 68 20.63 87.76 -39.50
N GLN E 69 20.07 86.88 -38.68
CA GLN E 69 19.49 85.64 -39.19
C GLN E 69 18.19 85.85 -39.97
N CYS E 70 17.69 87.09 -40.05
CA CYS E 70 16.58 87.38 -40.94
C CYS E 70 16.92 87.22 -42.42
N PHE E 71 18.20 87.04 -42.76
CA PHE E 71 18.58 86.81 -44.15
C PHE E 71 18.71 85.33 -44.49
N SER E 72 18.33 84.45 -43.57
CA SER E 72 18.28 83.03 -43.88
C SER E 72 17.25 82.79 -44.99
N ARG E 73 17.54 81.80 -45.82
CA ARG E 73 16.57 81.40 -46.84
C ARG E 73 15.70 80.30 -46.26
N TYR E 74 14.43 80.60 -46.08
CA TYR E 74 13.46 79.59 -45.70
C TYR E 74 12.83 79.04 -46.96
N PRO E 75 12.93 77.73 -47.23
CA PRO E 75 12.17 77.16 -48.36
C PRO E 75 10.70 77.51 -48.26
N ASP E 76 10.05 77.55 -49.42
CA ASP E 76 8.69 78.09 -49.52
C ASP E 76 7.74 77.49 -48.48
N HIS E 77 7.74 76.16 -48.33
CA HIS E 77 6.79 75.57 -47.39
C HIS E 77 7.17 75.81 -45.93
N MET E 78 8.40 76.23 -45.64
CA MET E 78 8.83 76.54 -44.29
C MET E 78 8.71 78.01 -43.93
N LYS E 79 8.27 78.85 -44.86
CA LYS E 79 8.22 80.29 -44.60
C LYS E 79 7.26 80.62 -43.46
N ARG E 80 6.33 79.72 -43.13
CA ARG E 80 5.47 79.88 -41.97
C ARG E 80 6.23 79.80 -40.64
N HIS E 81 7.50 79.40 -40.65
CA HIS E 81 8.29 79.26 -39.42
C HIS E 81 9.31 80.38 -39.23
N ASP E 82 9.32 81.41 -40.07
CA ASP E 82 10.39 82.40 -40.07
C ASP E 82 10.04 83.52 -39.09
N PHE E 83 10.49 83.36 -37.84
CA PHE E 83 10.28 84.42 -36.86
C PHE E 83 11.00 85.70 -37.25
N PHE E 84 12.22 85.57 -37.77
CA PHE E 84 13.11 86.71 -37.90
C PHE E 84 12.51 87.78 -38.81
N LYS E 85 12.06 87.39 -40.00
CA LYS E 85 11.46 88.37 -40.91
C LYS E 85 10.11 88.85 -40.41
N SER E 86 9.38 88.03 -39.64
CA SER E 86 8.04 88.41 -39.22
C SER E 86 8.07 89.57 -38.23
N ALA E 87 9.14 89.69 -37.46
CA ALA E 87 9.26 90.79 -36.51
C ALA E 87 9.67 92.10 -37.16
N MET E 88 10.06 92.08 -38.43
CA MET E 88 10.44 93.29 -39.13
C MET E 88 9.20 94.06 -39.57
N PRO E 89 9.30 95.39 -39.75
CA PRO E 89 10.51 96.23 -39.65
C PRO E 89 10.90 96.67 -38.24
N GLU E 90 9.99 96.55 -37.25
CA GLU E 90 10.33 96.95 -35.88
C GLU E 90 11.52 96.16 -35.35
N GLY E 91 11.60 94.88 -35.69
CA GLY E 91 12.79 94.11 -35.37
C GLY E 91 12.67 93.30 -34.10
N TYR E 92 13.82 92.83 -33.63
CA TYR E 92 13.87 91.99 -32.44
C TYR E 92 15.16 92.24 -31.68
N VAL E 93 15.16 91.82 -30.42
CA VAL E 93 16.32 91.83 -29.56
C VAL E 93 16.94 90.45 -29.60
N GLN E 94 18.26 90.37 -29.81
CA GLN E 94 18.99 89.11 -29.81
C GLN E 94 19.99 89.11 -28.67
N GLU E 95 19.88 88.14 -27.78
CA GLU E 95 20.73 88.02 -26.61
C GLU E 95 21.41 86.66 -26.62
N ARG E 96 22.69 86.62 -26.24
CA ARG E 96 23.42 85.38 -26.21
C ARG E 96 24.33 85.31 -24.99
N THR E 97 24.54 84.08 -24.52
CA THR E 97 25.70 83.72 -23.72
C THR E 97 26.54 82.77 -24.57
N ILE E 98 27.81 83.10 -24.75
CA ILE E 98 28.74 82.26 -25.49
C ILE E 98 29.83 81.84 -24.52
N SER E 99 29.87 80.55 -24.19
CA SER E 99 30.76 80.01 -23.18
C SER E 99 31.89 79.23 -23.84
N PHE E 100 33.11 79.76 -23.73
CA PHE E 100 34.28 79.11 -24.29
C PHE E 100 34.81 78.11 -23.28
N LYS E 101 34.88 76.83 -23.68
CA LYS E 101 35.31 75.77 -22.79
C LYS E 101 36.71 76.04 -22.26
N ASP E 102 36.86 75.99 -20.93
CA ASP E 102 38.12 76.28 -20.24
C ASP E 102 38.58 77.72 -20.46
N ASP E 103 37.66 78.63 -20.74
CA ASP E 103 38.05 80.03 -20.92
C ASP E 103 36.88 80.93 -20.53
N GLY E 104 36.88 82.15 -21.06
CA GLY E 104 35.92 83.16 -20.66
C GLY E 104 34.55 82.98 -21.26
N THR E 105 33.73 84.01 -21.11
CA THR E 105 32.37 84.03 -21.62
C THR E 105 32.05 85.38 -22.23
N TYR E 106 31.36 85.35 -23.37
CA TYR E 106 30.75 86.55 -23.94
C TYR E 106 29.30 86.64 -23.48
N LYS E 107 28.85 87.86 -23.21
CA LYS E 107 27.44 88.16 -23.08
C LYS E 107 27.13 89.27 -24.08
N THR E 108 26.12 89.04 -24.91
CA THR E 108 25.81 89.96 -25.98
C THR E 108 24.35 90.31 -25.94
N ARG E 109 24.06 91.56 -26.31
CA ARG E 109 22.72 92.04 -26.50
C ARG E 109 22.72 92.86 -27.77
N ALA E 110 21.80 92.55 -28.68
CA ALA E 110 21.75 93.22 -29.97
C ALA E 110 20.31 93.56 -30.27
N GLU E 111 20.13 94.63 -31.03
CA GLU E 111 18.84 94.97 -31.60
C GLU E 111 18.99 94.88 -33.10
N VAL E 112 18.15 94.08 -33.73
CA VAL E 112 18.15 93.90 -35.17
C VAL E 112 16.85 94.50 -35.68
N LYS E 113 16.96 95.51 -36.54
CA LYS E 113 15.79 96.27 -36.96
C LYS E 113 16.15 97.09 -38.18
N PHE E 114 15.12 97.47 -38.93
CA PHE E 114 15.29 98.40 -40.04
C PHE E 114 15.40 99.83 -39.53
N GLU E 115 16.33 100.57 -40.12
CA GLU E 115 16.45 102.02 -39.98
C GLU E 115 16.43 102.57 -41.40
N GLY E 116 15.32 103.18 -41.79
CA GLY E 116 15.14 103.48 -43.20
C GLY E 116 15.18 102.20 -44.00
N ASP E 117 15.98 102.20 -45.07
CA ASP E 117 16.09 101.03 -45.94
C ASP E 117 17.20 100.07 -45.53
N THR E 118 17.89 100.34 -44.43
CA THR E 118 19.06 99.57 -44.02
C THR E 118 18.72 98.66 -42.85
N LEU E 119 19.12 97.39 -42.93
CA LEU E 119 19.00 96.51 -41.78
C LEU E 119 20.19 96.70 -40.86
N VAL E 120 19.92 97.01 -39.60
CA VAL E 120 20.92 97.43 -38.64
C VAL E 120 21.03 96.40 -37.54
N ASN E 121 22.27 96.02 -37.20
CA ASN E 121 22.55 95.11 -36.09
C ASN E 121 23.47 95.85 -35.12
N ARG E 122 22.92 96.33 -34.01
CA ARG E 122 23.67 97.10 -33.01
C ARG E 122 23.89 96.23 -31.79
N ILE E 123 25.16 96.01 -31.43
CA ILE E 123 25.51 95.00 -30.45
C ILE E 123 26.31 95.60 -29.31
N GLU E 124 26.00 95.18 -28.10
CA GLU E 124 26.85 95.33 -26.93
C GLU E 124 27.36 93.97 -26.51
N LEU E 125 28.66 93.88 -26.25
CA LEU E 125 29.28 92.63 -25.86
C LEU E 125 30.16 92.87 -24.64
N LYS E 126 29.94 92.08 -23.60
CA LYS E 126 30.78 92.06 -22.41
C LYS E 126 31.39 90.68 -22.27
N GLY E 127 32.71 90.61 -22.20
CA GLY E 127 33.42 89.37 -22.01
C GLY E 127 34.23 89.35 -20.73
N ILE E 128 34.05 88.33 -19.91
CA ILE E 128 34.68 88.25 -18.61
C ILE E 128 35.35 86.89 -18.42
N ASP E 129 36.37 86.86 -17.55
CA ASP E 129 37.01 85.65 -17.06
C ASP E 129 37.82 84.92 -18.12
N PHE E 130 38.42 85.66 -19.05
CA PHE E 130 39.26 85.05 -20.07
C PHE E 130 40.70 84.94 -19.61
N LYS E 131 41.37 83.85 -20.02
CA LYS E 131 42.76 83.64 -19.70
C LYS E 131 43.64 84.51 -20.59
N GLU E 132 44.55 85.27 -19.99
CA GLU E 132 45.33 86.24 -20.77
C GLU E 132 46.21 85.59 -21.82
N ASP E 133 46.66 84.35 -21.61
CA ASP E 133 47.41 83.67 -22.65
C ASP E 133 46.64 82.46 -23.20
N GLY E 134 45.33 82.47 -23.08
CA GLY E 134 44.52 81.41 -23.63
C GLY E 134 44.38 81.55 -25.13
N ASN E 135 43.44 80.76 -25.68
CA ASN E 135 43.26 80.75 -27.12
C ASN E 135 42.66 82.06 -27.64
N ILE E 136 41.89 82.76 -26.81
CA ILE E 136 41.13 83.92 -27.25
C ILE E 136 42.01 85.17 -27.19
N LEU E 137 42.45 85.54 -25.98
CA LEU E 137 43.28 86.72 -25.82
C LEU E 137 44.68 86.54 -26.40
N GLY E 138 45.15 85.29 -26.47
CA GLY E 138 46.42 84.99 -27.08
C GLY E 138 46.39 84.82 -28.58
N HIS E 139 45.21 84.99 -29.20
CA HIS E 139 45.05 84.89 -30.65
C HIS E 139 45.63 83.59 -31.18
N LYS E 140 45.13 82.48 -30.66
CA LYS E 140 45.62 81.16 -31.02
C LYS E 140 44.67 80.40 -31.93
N LEU E 141 43.66 81.07 -32.49
CA LEU E 141 42.67 80.44 -33.35
C LEU E 141 42.99 80.68 -34.81
N GLU E 142 42.74 79.67 -35.64
CA GLU E 142 42.91 79.82 -37.08
C GLU E 142 41.85 80.75 -37.66
N TYR E 143 42.20 81.35 -38.79
CA TYR E 143 41.30 82.29 -39.47
C TYR E 143 40.40 81.52 -40.44
N ASN E 144 39.52 80.70 -39.86
CA ASN E 144 38.52 79.98 -40.65
C ASN E 144 37.25 79.82 -39.82
N PHE E 145 36.23 79.22 -40.43
CA PHE E 145 34.93 79.07 -39.78
C PHE E 145 34.20 77.90 -40.44
N ASN E 146 33.83 76.91 -39.66
CA ASN E 146 33.20 75.71 -40.20
C ASN E 146 31.71 75.95 -40.46
N SER E 147 31.09 74.97 -41.09
CA SER E 147 29.63 74.96 -41.26
C SER E 147 28.97 74.44 -40.00
N HIS E 148 27.81 75.00 -39.68
CA HIS E 148 27.12 74.66 -38.44
C HIS E 148 25.62 74.49 -38.68
N ASN E 149 24.96 73.83 -37.74
CA ASN E 149 23.52 73.64 -37.75
C ASN E 149 22.95 74.26 -36.47
N VAL E 150 22.16 75.32 -36.63
CA VAL E 150 21.65 76.09 -35.49
C VAL E 150 20.23 75.63 -35.18
N TYR E 151 20.06 74.98 -34.04
CA TYR E 151 18.78 74.43 -33.61
C TYR E 151 17.87 75.53 -33.05
N ILE E 152 16.67 75.65 -33.61
CA ILE E 152 15.72 76.71 -33.27
C ILE E 152 14.44 76.12 -32.71
N THR E 153 13.95 76.72 -31.62
CA THR E 153 12.68 76.34 -30.98
C THR E 153 11.92 77.57 -30.56
N ALA E 154 10.61 77.41 -30.44
CA ALA E 154 9.73 78.50 -30.03
C ALA E 154 9.83 78.74 -28.54
N ASP E 155 9.64 80.00 -28.15
CA ASP E 155 9.57 80.43 -26.75
C ASP E 155 8.26 81.20 -26.59
N LYS E 156 7.17 80.46 -26.36
CA LYS E 156 5.84 81.07 -26.38
C LYS E 156 5.62 82.07 -25.25
N GLN E 157 6.20 81.84 -24.07
CA GLN E 157 6.03 82.80 -22.98
C GLN E 157 6.55 84.19 -23.35
N LYS E 158 7.62 84.25 -24.13
CA LYS E 158 8.24 85.51 -24.50
C LYS E 158 7.91 85.91 -25.94
N ASN E 159 7.02 85.16 -26.60
CA ASN E 159 6.59 85.45 -27.97
C ASN E 159 7.78 85.53 -28.92
N GLY E 160 8.79 84.71 -28.68
CA GLY E 160 9.98 84.70 -29.52
C GLY E 160 10.53 83.30 -29.76
N ILE E 161 11.86 83.18 -29.86
CA ILE E 161 12.51 81.90 -30.14
C ILE E 161 13.75 81.76 -29.27
N LYS E 162 14.26 80.53 -29.23
CA LYS E 162 15.57 80.23 -28.67
C LYS E 162 16.38 79.45 -29.67
N ALA E 163 17.70 79.47 -29.49
CA ALA E 163 18.61 78.71 -30.31
C ALA E 163 19.74 78.17 -29.45
N ASN E 164 20.22 76.99 -29.81
CA ASN E 164 21.37 76.39 -29.13
C ASN E 164 22.28 75.74 -30.16
N PHE E 165 23.57 76.03 -30.07
CA PHE E 165 24.54 75.41 -30.95
C PHE E 165 25.93 75.56 -30.35
N LYS E 166 26.82 74.64 -30.74
CA LYS E 166 28.19 74.63 -30.27
C LYS E 166 29.13 74.83 -31.45
N ILE E 167 29.86 75.96 -31.45
CA ILE E 167 30.82 76.28 -32.51
C ILE E 167 32.15 75.60 -32.19
N ARG E 168 32.82 75.15 -33.25
CA ARG E 168 34.09 74.44 -33.20
C ARG E 168 35.21 75.30 -33.81
N HIS E 169 35.83 76.16 -33.01
CA HIS E 169 36.94 76.97 -33.50
C HIS E 169 38.24 76.16 -33.57
N ASN E 170 38.80 76.07 -34.77
CA ASN E 170 40.08 75.42 -34.96
C ASN E 170 41.19 76.21 -34.28
N VAL E 171 42.02 75.52 -33.51
CA VAL E 171 43.18 76.10 -32.83
C VAL E 171 44.42 75.84 -33.68
N GLU E 172 45.42 76.71 -33.51
CA GLU E 172 46.60 76.66 -34.36
C GLU E 172 47.36 75.35 -34.21
N ASP E 173 47.34 74.74 -33.01
CA ASP E 173 48.04 73.50 -32.77
C ASP E 173 47.34 72.27 -33.34
N GLY E 174 46.14 72.43 -33.89
CA GLY E 174 45.35 71.33 -34.42
C GLY E 174 44.15 70.96 -33.58
N SER E 175 44.12 71.30 -32.31
CA SER E 175 42.98 71.01 -31.45
C SER E 175 41.82 71.95 -31.78
N VAL E 176 40.77 71.92 -30.96
CA VAL E 176 39.56 72.71 -31.22
C VAL E 176 39.17 73.42 -29.93
N GLN E 177 38.72 74.67 -30.07
CA GLN E 177 38.22 75.48 -28.96
C GLN E 177 36.71 75.57 -29.12
N LEU E 178 35.97 74.98 -28.19
CA LEU E 178 34.52 74.95 -28.29
C LEU E 178 33.91 76.22 -27.74
N ALA E 179 32.83 76.68 -28.41
CA ALA E 179 32.09 77.87 -28.00
C ALA E 179 30.60 77.51 -27.94
N ASP E 180 30.09 77.37 -26.73
CA ASP E 180 28.71 76.96 -26.48
C ASP E 180 27.80 78.18 -26.55
N HIS E 181 26.87 78.18 -27.50
CA HIS E 181 26.01 79.33 -27.76
C HIS E 181 24.62 79.10 -27.20
N TYR E 182 24.13 80.04 -26.39
CA TYR E 182 22.77 80.06 -25.89
C TYR E 182 22.14 81.37 -26.35
N GLN E 183 21.03 81.28 -27.06
CA GLN E 183 20.49 82.42 -27.77
C GLN E 183 19.01 82.61 -27.48
N GLN E 184 18.61 83.87 -27.32
CA GLN E 184 17.22 84.23 -27.05
C GLN E 184 16.86 85.43 -27.92
N ASN E 185 15.75 85.34 -28.65
CA ASN E 185 15.25 86.42 -29.49
C ASN E 185 13.82 86.77 -29.09
N THR E 186 13.54 88.07 -28.97
CA THR E 186 12.21 88.56 -28.64
C THR E 186 11.92 89.76 -29.53
N PRO E 187 10.68 89.91 -30.00
CA PRO E 187 10.36 91.03 -30.89
C PRO E 187 10.37 92.37 -30.17
N ILE E 188 10.80 93.40 -30.89
CA ILE E 188 10.79 94.76 -30.34
C ILE E 188 9.39 95.34 -30.39
N GLY E 189 8.70 95.14 -31.52
CA GLY E 189 7.36 95.65 -31.68
C GLY E 189 6.32 94.81 -30.99
N ASP E 190 5.07 95.27 -31.12
CA ASP E 190 3.92 94.61 -30.54
C ASP E 190 3.08 93.84 -31.54
N GLY E 191 3.38 93.95 -32.83
CA GLY E 191 2.63 93.28 -33.87
C GLY E 191 2.77 91.77 -33.81
N PRO E 192 1.97 91.06 -34.61
CA PRO E 192 2.03 89.60 -34.59
C PRO E 192 3.30 89.09 -35.23
N VAL E 193 3.80 87.97 -34.70
CA VAL E 193 5.00 87.33 -35.21
C VAL E 193 4.71 85.85 -35.44
N LEU E 194 5.56 85.23 -36.25
CA LEU E 194 5.47 83.79 -36.49
C LEU E 194 6.31 83.05 -35.46
N LEU E 195 5.70 82.08 -34.78
CA LEU E 195 6.45 81.24 -33.86
C LEU E 195 6.68 79.88 -34.51
N PRO E 196 7.92 79.42 -34.58
CA PRO E 196 8.22 78.23 -35.38
C PRO E 196 8.05 76.92 -34.63
N ASP E 197 7.81 75.87 -35.42
CA ASP E 197 8.09 74.53 -34.95
C ASP E 197 9.58 74.24 -35.10
N ASN E 198 10.04 73.20 -34.42
CA ASN E 198 11.47 72.87 -34.38
C ASN E 198 12.05 72.73 -35.78
N HIS E 199 13.19 73.38 -35.99
CA HIS E 199 13.95 73.27 -37.24
C HIS E 199 15.38 73.71 -36.95
N TYR E 200 16.18 73.86 -38.01
CA TYR E 200 17.54 74.36 -37.84
C TYR E 200 17.94 75.19 -39.05
N LEU E 201 18.97 76.01 -38.85
CA LEU E 201 19.59 76.79 -39.90
C LEU E 201 20.91 76.12 -40.29
N SER E 202 21.06 75.81 -41.57
CA SER E 202 22.29 75.23 -42.09
C SER E 202 23.16 76.36 -42.61
N THR E 203 24.29 76.61 -41.95
CA THR E 203 25.13 77.77 -42.22
C THR E 203 26.49 77.34 -42.73
N GLN E 204 27.02 78.08 -43.70
CA GLN E 204 28.39 77.90 -44.14
C GLN E 204 28.98 79.25 -44.50
N SER E 205 30.28 79.41 -44.21
CA SER E 205 30.95 80.70 -44.30
C SER E 205 32.35 80.51 -44.88
N VAL E 206 32.82 81.55 -45.55
CA VAL E 206 34.23 81.65 -45.95
C VAL E 206 34.73 83.00 -45.48
N LEU E 207 35.87 83.00 -44.79
CA LEU E 207 36.48 84.20 -44.25
C LEU E 207 37.66 84.59 -45.13
N SER E 208 37.84 85.88 -45.37
CA SER E 208 38.92 86.31 -46.24
C SER E 208 39.40 87.70 -45.84
N LYS E 209 40.39 88.20 -46.59
CA LYS E 209 41.00 89.50 -46.36
C LYS E 209 40.91 90.37 -47.61
N ASP E 210 40.88 91.68 -47.38
CA ASP E 210 40.94 92.68 -48.43
C ASP E 210 42.37 93.15 -48.56
N PRO E 211 43.05 92.88 -49.70
CA PRO E 211 44.48 93.21 -49.78
C PRO E 211 44.79 94.70 -49.68
N ASN E 212 43.85 95.59 -50.00
CA ASN E 212 44.07 97.02 -49.88
C ASN E 212 43.65 97.60 -48.53
N GLU E 213 43.04 96.81 -47.65
CA GLU E 213 42.49 97.35 -46.41
C GLU E 213 43.58 97.37 -45.35
N LYS E 214 43.88 98.56 -44.83
CA LYS E 214 44.95 98.74 -43.86
C LYS E 214 44.51 98.48 -42.43
N ARG E 215 43.22 98.65 -42.12
CA ARG E 215 42.74 98.37 -40.78
C ARG E 215 42.60 96.88 -40.53
N ASP E 216 42.59 96.52 -39.24
CA ASP E 216 42.24 95.16 -38.85
C ASP E 216 40.80 94.91 -39.27
N HIS E 217 40.60 93.84 -40.04
CA HIS E 217 39.34 93.68 -40.74
C HIS E 217 39.06 92.21 -41.01
N MET E 218 37.83 91.93 -41.43
CA MET E 218 37.42 90.60 -41.83
C MET E 218 36.41 90.73 -42.96
N VAL E 219 36.62 89.98 -44.04
CA VAL E 219 35.64 89.89 -45.12
C VAL E 219 34.93 88.56 -45.01
N LEU E 220 33.60 88.59 -45.15
CA LEU E 220 32.79 87.42 -44.85
C LEU E 220 31.77 87.20 -45.96
N LEU E 221 31.68 85.96 -46.44
CA LEU E 221 30.63 85.48 -47.31
C LEU E 221 29.95 84.29 -46.63
N GLU E 222 28.62 84.28 -46.64
CA GLU E 222 27.86 83.35 -45.81
C GLU E 222 26.58 82.95 -46.52
N PHE E 223 26.26 81.66 -46.44
CA PHE E 223 25.01 81.11 -46.96
C PHE E 223 24.28 80.39 -45.83
N VAL E 224 23.00 80.71 -45.65
CA VAL E 224 22.20 80.13 -44.58
C VAL E 224 20.86 79.68 -45.14
N THR E 225 20.46 78.45 -44.80
CA THR E 225 19.21 77.86 -45.27
C THR E 225 18.51 77.15 -44.12
N ALA E 226 17.21 77.38 -43.98
CA ALA E 226 16.43 76.65 -42.98
C ALA E 226 16.13 75.24 -43.47
N ALA E 227 15.99 74.31 -42.52
CA ALA E 227 15.82 72.90 -42.86
C ALA E 227 15.21 72.16 -41.67
N GLY E 228 14.84 70.90 -41.92
CA GLY E 228 14.46 69.98 -40.87
C GLY E 228 13.01 69.56 -40.86
N ILE E 229 12.13 70.25 -41.60
CA ILE E 229 10.72 69.92 -41.67
C ILE E 229 10.38 69.58 -43.12
N THR E 230 9.70 68.45 -43.32
CA THR E 230 9.38 68.00 -44.67
C THR E 230 8.22 68.81 -45.26
N HIS E 231 8.10 68.73 -46.58
CA HIS E 231 6.94 69.31 -47.27
C HIS E 231 5.65 68.72 -46.74
N GLY E 232 5.63 67.39 -46.50
CA GLY E 232 4.43 66.76 -45.97
C GLY E 232 4.03 67.30 -44.60
N MET E 233 5.02 67.54 -43.73
CA MET E 233 4.69 68.03 -42.39
C MET E 233 4.08 69.43 -42.45
N ASP E 234 4.62 70.28 -43.32
CA ASP E 234 4.11 71.65 -43.44
C ASP E 234 2.73 71.69 -44.11
N GLU E 235 2.44 70.77 -45.02
CA GLU E 235 1.08 70.67 -45.55
C GLU E 235 0.11 70.30 -44.44
N LEU E 236 0.50 69.36 -43.58
CA LEU E 236 -0.30 69.04 -42.40
C LEU E 236 -0.49 70.27 -41.53
N TYR E 237 0.61 70.83 -41.01
CA TYR E 237 0.59 72.11 -40.29
C TYR E 237 -0.38 73.14 -40.89
N LYS E 238 -0.41 73.24 -42.23
CA LYS E 238 -1.29 74.22 -42.85
C LYS E 238 -2.75 73.82 -42.69
N LYS E 239 -3.08 72.54 -42.89
CA LYS E 239 -4.44 72.10 -42.65
C LYS E 239 -4.82 72.28 -41.19
N LEU E 240 -3.97 71.81 -40.27
CA LEU E 240 -4.28 71.90 -38.85
C LEU E 240 -4.41 73.34 -38.38
N GLY E 241 -3.65 74.26 -39.00
CA GLY E 241 -3.72 75.67 -38.64
C GLY E 241 -5.05 76.34 -38.95
N GLY E 242 -5.90 75.71 -39.75
CA GLY E 242 -7.18 76.29 -40.08
C GLY E 242 -8.33 75.60 -39.39
N GLU E 243 -8.07 74.49 -38.71
CA GLU E 243 -9.13 73.68 -38.14
C GLU E 243 -9.57 74.22 -36.78
N TYR E 244 -10.81 73.92 -36.42
CA TYR E 244 -11.33 74.24 -35.09
C TYR E 244 -11.18 73.04 -34.19
N PHE E 245 -10.80 73.30 -32.93
CA PHE E 245 -10.53 72.28 -31.94
C PHE E 245 -11.41 72.52 -30.70
N THR E 246 -11.98 71.44 -30.17
CA THR E 246 -12.78 71.48 -28.95
C THR E 246 -11.93 71.25 -27.70
N LEU E 247 -11.96 72.21 -26.78
CA LEU E 247 -11.27 72.10 -25.49
C LEU E 247 -12.26 71.83 -24.36
N GLN E 248 -11.93 70.85 -23.52
CA GLN E 248 -12.76 70.49 -22.36
C GLN E 248 -12.17 71.15 -21.12
N ILE E 249 -12.97 71.96 -20.44
CA ILE E 249 -12.51 72.73 -19.30
C ILE E 249 -13.30 72.29 -18.07
N ARG E 250 -12.60 72.15 -16.94
CA ARG E 250 -13.20 71.80 -15.66
C ARG E 250 -13.37 73.05 -14.82
N GLY E 251 -14.61 73.37 -14.47
CA GLY E 251 -14.89 74.51 -13.60
C GLY E 251 -15.47 75.71 -14.31
N ARG E 252 -16.56 76.27 -13.76
CA ARG E 252 -17.25 77.37 -14.44
C ARG E 252 -16.39 78.62 -14.51
N GLU E 253 -15.74 78.99 -13.40
CA GLU E 253 -14.89 80.17 -13.40
C GLU E 253 -13.69 80.00 -14.33
N ARG E 254 -13.06 78.82 -14.31
CA ARG E 254 -11.96 78.56 -15.23
C ARG E 254 -12.42 78.66 -16.67
N PHE E 255 -13.59 78.08 -16.97
CA PHE E 255 -14.20 78.19 -18.28
C PHE E 255 -14.33 79.64 -18.67
N GLU E 256 -15.27 80.36 -18.06
CA GLU E 256 -15.47 81.79 -18.26
C GLU E 256 -14.19 82.58 -18.51
N GLU E 257 -13.09 82.23 -17.84
CA GLU E 257 -11.83 82.95 -18.08
C GLU E 257 -11.19 82.55 -19.39
N PHE E 258 -11.14 81.24 -19.67
CA PHE E 258 -10.67 80.79 -20.97
C PHE E 258 -11.54 81.38 -22.07
N ARG E 259 -12.84 81.47 -21.83
CA ARG E 259 -13.74 82.03 -22.82
C ARG E 259 -13.39 83.49 -23.08
N GLU E 260 -13.02 84.21 -22.01
CA GLU E 260 -12.66 85.62 -22.15
C GLU E 260 -11.38 85.78 -22.97
N LYS E 261 -10.38 84.95 -22.71
CA LYS E 261 -9.15 85.05 -23.50
C LYS E 261 -9.39 84.66 -24.94
N ASN E 262 -10.21 83.61 -25.17
CA ASN E 262 -10.49 83.19 -26.54
C ASN E 262 -11.18 84.31 -27.33
N GLU E 263 -12.21 84.92 -26.74
CA GLU E 263 -12.97 85.95 -27.44
C GLU E 263 -12.12 87.19 -27.74
N ALA E 264 -11.24 87.55 -26.80
CA ALA E 264 -10.33 88.66 -27.05
C ALA E 264 -9.44 88.37 -28.25
N LEU E 265 -8.88 87.16 -28.31
CA LEU E 265 -8.02 86.80 -29.42
C LEU E 265 -8.77 86.81 -30.75
N GLU E 266 -10.00 86.28 -30.75
CA GLU E 266 -10.78 86.27 -31.98
C GLU E 266 -11.24 87.67 -32.37
N LEU E 267 -11.44 88.55 -31.39
CA LEU E 267 -11.78 89.93 -31.71
C LEU E 267 -10.61 90.63 -32.39
N LYS E 268 -9.39 90.44 -31.87
CA LYS E 268 -8.22 91.00 -32.54
C LYS E 268 -8.10 90.51 -33.97
N ASP E 269 -8.31 89.22 -34.21
CA ASP E 269 -8.28 88.71 -35.58
C ASP E 269 -9.33 89.37 -36.45
N ALA E 270 -10.57 89.47 -35.96
CA ALA E 270 -11.63 90.06 -36.76
C ALA E 270 -11.37 91.54 -37.02
N GLN E 271 -10.75 92.24 -36.07
CA GLN E 271 -10.41 93.64 -36.29
C GLN E 271 -9.41 93.81 -37.44
N ALA E 272 -8.41 92.93 -37.50
CA ALA E 272 -7.46 92.94 -38.60
C ALA E 272 -7.90 92.09 -39.78
N GLY E 273 -9.19 92.10 -40.12
CA GLY E 273 -9.74 91.24 -41.15
C GLY E 273 -9.17 89.83 -41.29
N GLY E 274 -8.61 89.28 -40.21
CA GLY E 274 -7.98 87.98 -40.24
C GLY E 274 -6.70 87.86 -41.04
N THR E 275 -6.08 88.98 -41.46
CA THR E 275 -5.01 88.91 -42.44
C THR E 275 -3.79 88.13 -41.93
N CYS E 276 -3.67 87.93 -40.62
CA CYS E 276 -2.50 87.28 -40.07
C CYS E 276 -2.77 85.88 -39.54
N PHE E 277 -4.00 85.38 -39.68
CA PHE E 277 -4.33 84.09 -39.09
C PHE E 277 -3.88 82.95 -40.02
N ASN E 278 -3.11 82.03 -39.46
CA ASN E 278 -2.64 80.84 -40.18
C ASN E 278 -1.91 81.23 -41.46
N ALA E 279 -1.04 82.23 -41.35
CA ALA E 279 -0.33 82.75 -42.50
C ALA E 279 0.64 81.71 -43.07
N SER E 280 0.72 81.64 -44.39
CA SER E 280 1.70 80.76 -45.02
C SER E 280 3.01 81.51 -45.20
N LEU F 10 -17.69 69.16 -9.87
CA LEU F 10 -17.54 70.34 -10.71
C LEU F 10 -17.96 70.03 -12.15
N GLU F 11 -18.51 71.03 -12.83
CA GLU F 11 -19.09 70.84 -14.16
C GLU F 11 -18.04 71.00 -15.25
N TYR F 12 -18.27 70.32 -16.37
CA TYR F 12 -17.40 70.38 -17.52
C TYR F 12 -18.01 71.31 -18.57
N PHE F 13 -17.15 72.02 -19.29
CA PHE F 13 -17.56 72.98 -20.30
C PHE F 13 -16.72 72.81 -21.57
N THR F 14 -17.27 73.28 -22.68
CA THR F 14 -16.68 73.12 -24.00
C THR F 14 -16.32 74.48 -24.60
N LEU F 15 -15.17 74.54 -25.26
CA LEU F 15 -14.71 75.77 -25.92
C LEU F 15 -14.17 75.44 -27.32
N GLN F 16 -14.61 76.21 -28.31
CA GLN F 16 -14.13 76.09 -29.69
C GLN F 16 -12.92 77.02 -29.91
N ILE F 17 -11.77 76.43 -30.19
CA ILE F 17 -10.53 77.18 -30.41
C ILE F 17 -10.14 77.07 -31.89
N ARG F 18 -9.76 78.20 -32.48
CA ARG F 18 -9.46 78.24 -33.91
C ARG F 18 -7.96 78.03 -34.11
N GLY F 19 -7.60 76.89 -34.68
CA GLY F 19 -6.25 76.67 -35.14
C GLY F 19 -5.38 75.91 -34.15
N ARG F 20 -4.43 75.14 -34.69
CA ARG F 20 -3.57 74.29 -33.87
C ARG F 20 -2.80 75.11 -32.84
N GLU F 21 -2.17 76.20 -33.28
CA GLU F 21 -1.30 76.97 -32.40
C GLU F 21 -2.07 77.47 -31.19
N ARG F 22 -3.20 78.13 -31.41
CA ARG F 22 -4.00 78.63 -30.30
C ARG F 22 -4.51 77.48 -29.44
N PHE F 23 -4.93 76.39 -30.07
CA PHE F 23 -5.48 75.25 -29.31
C PHE F 23 -4.40 74.60 -28.45
N GLU F 24 -3.21 74.41 -28.99
CA GLU F 24 -2.14 73.79 -28.21
C GLU F 24 -1.75 74.68 -27.04
N GLU F 25 -1.82 75.99 -27.21
CA GLU F 25 -1.48 76.88 -26.11
C GLU F 25 -2.53 76.81 -25.00
N PHE F 26 -3.81 76.86 -25.36
CA PHE F 26 -4.86 76.76 -24.36
C PHE F 26 -4.84 75.40 -23.69
N ARG F 27 -4.65 74.34 -24.48
CA ARG F 27 -4.66 72.99 -23.93
C ARG F 27 -3.50 72.79 -22.95
N GLU F 28 -2.34 73.38 -23.21
CA GLU F 28 -1.23 73.24 -22.27
C GLU F 28 -1.51 73.98 -20.97
N LYS F 29 -2.02 75.21 -21.06
CA LYS F 29 -2.40 75.94 -19.85
C LYS F 29 -3.49 75.20 -19.08
N ASN F 30 -4.51 74.69 -19.77
CA ASN F 30 -5.59 73.98 -19.10
C ASN F 30 -5.07 72.77 -18.34
N GLU F 31 -4.10 72.04 -18.92
CA GLU F 31 -3.55 70.88 -18.24
C GLU F 31 -2.68 71.28 -17.05
N ALA F 32 -1.92 72.36 -17.18
CA ALA F 32 -1.10 72.83 -16.06
C ALA F 32 -1.98 73.19 -14.86
N LEU F 33 -3.13 73.80 -15.11
CA LEU F 33 -4.07 74.09 -14.03
C LEU F 33 -4.59 72.82 -13.40
N GLU F 34 -4.98 71.85 -14.22
CA GLU F 34 -5.51 70.59 -13.67
C GLU F 34 -4.44 69.79 -12.93
N LEU F 35 -3.17 70.01 -13.24
CA LEU F 35 -2.11 69.31 -12.53
C LEU F 35 -1.70 70.05 -11.26
N LYS F 36 -2.04 71.33 -11.18
CA LYS F 36 -1.77 72.08 -9.97
C LYS F 36 -2.85 71.81 -8.93
N ASP F 37 -4.08 71.61 -9.39
CA ASP F 37 -5.16 71.20 -8.49
C ASP F 37 -4.99 69.75 -8.03
N ALA F 38 -4.34 68.91 -8.84
CA ALA F 38 -4.26 67.50 -8.48
C ALA F 38 -3.10 67.24 -7.52
N GLN F 39 -2.09 68.09 -7.52
CA GLN F 39 -0.97 67.98 -6.60
C GLN F 39 -1.16 68.81 -5.34
N ALA F 40 -2.29 69.49 -5.19
CA ALA F 40 -2.46 70.41 -4.07
C ALA F 40 -2.83 69.66 -2.80
N GLY F 41 -2.17 70.04 -1.72
CA GLY F 41 -2.38 69.49 -0.40
C GLY F 41 -3.76 69.87 0.10
N THR F 42 -3.99 69.96 1.40
CA THR F 42 -5.30 70.34 1.90
C THR F 42 -5.40 71.83 2.06
N SER F 43 -4.31 72.45 2.44
CA SER F 43 -4.21 73.88 2.57
C SER F 43 -4.42 74.54 1.22
N CYS F 44 -3.82 73.96 0.17
CA CYS F 44 -4.06 74.41 -1.19
C CYS F 44 -5.35 73.67 -1.57
N PHE F 45 -6.47 74.39 -1.51
CA PHE F 45 -7.82 73.85 -1.75
C PHE F 45 -8.22 73.01 -2.98
N ASN F 46 -9.39 72.40 -2.83
CA ASN F 46 -10.08 71.56 -3.78
C ASN F 46 -9.31 71.56 -5.04
N MET G 1 -8.45 -14.42 -11.50
CA MET G 1 -7.22 -13.72 -11.83
C MET G 1 -7.20 -12.36 -11.16
N SER G 2 -6.01 -11.82 -10.93
CA SER G 2 -5.87 -10.60 -10.16
C SER G 2 -6.08 -9.36 -11.03
N LYS G 3 -6.24 -8.22 -10.34
CA LYS G 3 -6.31 -6.93 -11.04
C LYS G 3 -4.99 -6.61 -11.72
N GLY G 4 -3.87 -7.05 -11.16
CA GLY G 4 -2.57 -6.78 -11.74
C GLY G 4 -2.35 -7.39 -13.11
N GLU G 5 -3.19 -8.36 -13.48
CA GLU G 5 -3.10 -8.95 -14.82
C GLU G 5 -3.25 -7.92 -15.91
N GLU G 6 -3.98 -6.82 -15.64
CA GLU G 6 -4.20 -5.79 -16.64
C GLU G 6 -2.92 -5.04 -17.01
N LEU G 7 -1.93 -4.99 -16.11
CA LEU G 7 -0.67 -4.29 -16.35
C LEU G 7 0.26 -5.04 -17.29
N PHE G 8 -0.01 -6.32 -17.56
CA PHE G 8 0.91 -7.18 -18.31
C PHE G 8 0.28 -7.64 -19.62
N THR G 9 -0.86 -7.06 -19.98
CA THR G 9 -1.60 -7.43 -21.18
C THR G 9 -0.86 -7.05 -22.46
N GLY G 10 0.09 -6.12 -22.40
CA GLY G 10 0.86 -5.71 -23.57
C GLY G 10 2.36 -5.87 -23.38
N VAL G 11 3.14 -5.16 -24.20
CA VAL G 11 4.59 -5.14 -24.04
C VAL G 11 4.96 -4.09 -22.99
N VAL G 12 5.79 -4.49 -22.04
CA VAL G 12 6.11 -3.67 -20.87
C VAL G 12 7.61 -3.40 -20.90
N PRO G 13 8.05 -2.14 -20.82
CA PRO G 13 9.49 -1.86 -20.75
C PRO G 13 10.06 -2.29 -19.41
N ILE G 14 11.29 -2.80 -19.43
CA ILE G 14 11.94 -3.35 -18.25
C ILE G 14 13.27 -2.63 -18.02
N LEU G 15 13.51 -2.26 -16.77
CA LEU G 15 14.79 -1.76 -16.32
C LEU G 15 15.28 -2.63 -15.19
N VAL G 16 16.53 -3.06 -15.27
CA VAL G 16 17.17 -3.85 -14.22
C VAL G 16 18.43 -3.11 -13.80
N GLU G 17 18.61 -2.95 -12.49
CA GLU G 17 19.81 -2.33 -11.93
C GLU G 17 20.30 -3.20 -10.79
N LEU G 18 21.56 -3.62 -10.87
CA LEU G 18 22.19 -4.48 -9.88
C LEU G 18 23.48 -3.85 -9.38
N ASP G 19 23.64 -3.82 -8.06
CA ASP G 19 24.90 -3.51 -7.41
C ASP G 19 25.40 -4.77 -6.74
N GLY G 20 26.63 -5.18 -7.05
CA GLY G 20 27.13 -6.45 -6.59
C GLY G 20 28.46 -6.30 -5.88
N ASP G 21 28.73 -7.29 -5.02
CA ASP G 21 29.99 -7.37 -4.30
C ASP G 21 30.25 -8.84 -4.01
N VAL G 22 31.25 -9.42 -4.67
CA VAL G 22 31.63 -10.82 -4.49
C VAL G 22 33.09 -10.85 -4.07
N ASN G 23 33.34 -11.32 -2.84
CA ASN G 23 34.69 -11.38 -2.26
C ASN G 23 35.41 -10.06 -2.38
N GLY G 24 34.68 -8.96 -2.23
CA GLY G 24 35.25 -7.64 -2.31
C GLY G 24 35.30 -7.05 -3.70
N HIS G 25 35.06 -7.85 -4.74
CA HIS G 25 35.07 -7.33 -6.10
C HIS G 25 33.71 -6.68 -6.34
N LYS G 26 33.70 -5.36 -6.42
CA LYS G 26 32.47 -4.60 -6.61
C LYS G 26 32.18 -4.38 -8.09
N PHE G 27 30.90 -4.42 -8.43
CA PHE G 27 30.48 -4.27 -9.82
C PHE G 27 29.04 -3.82 -9.87
N SER G 28 28.63 -3.33 -11.03
CA SER G 28 27.27 -2.88 -11.25
C SER G 28 26.84 -3.34 -12.63
N VAL G 29 25.58 -3.76 -12.73
CA VAL G 29 25.00 -4.22 -13.98
C VAL G 29 23.73 -3.43 -14.23
N ARG G 30 23.56 -2.98 -15.47
CA ARG G 30 22.35 -2.32 -15.93
C ARG G 30 21.77 -3.10 -17.09
N GLY G 31 20.48 -3.37 -17.05
CA GLY G 31 19.82 -4.08 -18.11
C GLY G 31 18.54 -3.38 -18.51
N GLU G 32 18.24 -3.43 -19.81
CA GLU G 32 17.00 -2.87 -20.32
C GLU G 32 16.48 -3.73 -21.45
N GLY G 33 15.17 -3.67 -21.66
CA GLY G 33 14.50 -4.45 -22.68
C GLY G 33 13.00 -4.43 -22.41
N GLU G 34 12.34 -5.51 -22.83
CA GLU G 34 10.89 -5.57 -22.72
C GLU G 34 10.44 -6.98 -22.36
N GLY G 35 9.29 -7.05 -21.70
CA GLY G 35 8.68 -8.29 -21.32
C GLY G 35 7.29 -8.39 -21.93
N ASP G 36 6.91 -9.61 -22.31
CA ASP G 36 5.65 -9.89 -23.00
C ASP G 36 5.02 -11.09 -22.30
N ALA G 37 4.32 -10.83 -21.19
CA ALA G 37 3.80 -11.91 -20.35
C ALA G 37 2.82 -12.80 -21.09
N THR G 38 2.04 -12.23 -22.02
CA THR G 38 1.09 -13.01 -22.81
C THR G 38 1.77 -14.21 -23.45
N ASN G 39 3.03 -14.06 -23.88
CA ASN G 39 3.79 -15.14 -24.47
C ASN G 39 4.94 -15.62 -23.58
N GLY G 40 4.92 -15.27 -22.29
CA GLY G 40 5.97 -15.69 -21.39
C GLY G 40 7.35 -15.29 -21.86
N LYS G 41 7.47 -14.15 -22.52
CA LYS G 41 8.65 -13.75 -23.25
C LYS G 41 9.29 -12.52 -22.62
N LEU G 42 10.60 -12.54 -22.48
CA LEU G 42 11.32 -11.32 -22.15
C LEU G 42 12.62 -11.29 -22.95
N THR G 43 13.00 -10.09 -23.39
CA THR G 43 14.25 -9.88 -24.12
C THR G 43 14.98 -8.75 -23.40
N LEU G 44 16.20 -9.03 -22.96
CA LEU G 44 16.99 -8.08 -22.21
C LEU G 44 18.43 -8.08 -22.70
N LYS G 45 19.03 -6.90 -22.65
CA LYS G 45 20.47 -6.73 -22.81
C LYS G 45 21.04 -6.12 -21.53
N PHE G 46 22.05 -6.78 -20.97
CA PHE G 46 22.70 -6.33 -19.74
C PHE G 46 24.13 -5.90 -20.04
N ILE G 47 24.58 -4.82 -19.38
CA ILE G 47 25.96 -4.36 -19.50
C ILE G 47 26.54 -4.19 -18.10
N CYS G 48 27.78 -4.61 -17.93
CA CYS G 48 28.54 -4.27 -16.74
C CYS G 48 29.04 -2.83 -16.88
N THR G 49 28.60 -1.95 -15.98
CA THR G 49 28.91 -0.53 -16.05
C THR G 49 30.18 -0.14 -15.29
N THR G 50 30.80 -1.06 -14.56
CA THR G 50 32.00 -0.79 -13.77
C THR G 50 33.26 -1.40 -14.39
N GLY G 51 33.16 -1.93 -15.61
CA GLY G 51 34.28 -2.56 -16.27
C GLY G 51 34.06 -4.02 -16.60
N LYS G 52 34.98 -4.89 -16.20
CA LYS G 52 34.83 -6.31 -16.46
C LYS G 52 34.08 -6.96 -15.31
N LEU G 53 33.14 -7.82 -15.64
CA LEU G 53 32.36 -8.53 -14.63
C LEU G 53 33.24 -9.52 -13.87
N PRO G 54 33.28 -9.46 -12.53
CA PRO G 54 34.14 -10.39 -11.77
C PRO G 54 33.60 -11.81 -11.65
N VAL G 55 32.37 -12.06 -12.11
CA VAL G 55 31.80 -13.40 -12.08
C VAL G 55 31.25 -13.70 -13.47
N PRO G 56 31.05 -14.98 -13.81
CA PRO G 56 30.52 -15.28 -15.14
C PRO G 56 29.07 -14.84 -15.26
N TRP G 57 28.73 -14.32 -16.44
CA TRP G 57 27.35 -13.88 -16.68
C TRP G 57 26.30 -14.94 -16.36
N PRO G 58 26.48 -16.23 -16.68
CA PRO G 58 25.42 -17.20 -16.36
C PRO G 58 25.06 -17.28 -14.88
N THR G 59 25.98 -16.93 -13.97
CA THR G 59 25.66 -17.00 -12.55
C THR G 59 24.74 -15.87 -12.09
N LEU G 60 24.51 -14.86 -12.92
CA LEU G 60 23.67 -13.74 -12.54
C LEU G 60 22.29 -13.80 -13.19
N VAL G 61 22.07 -14.75 -14.10
CA VAL G 61 20.83 -14.79 -14.86
C VAL G 61 19.61 -14.88 -13.95
N THR G 62 19.63 -15.80 -12.99
CA THR G 62 18.44 -15.97 -12.14
C THR G 62 18.19 -14.72 -11.31
N THR G 63 19.25 -14.02 -10.91
CA THR G 63 19.07 -12.79 -10.13
C THR G 63 18.51 -11.68 -11.00
N LEU G 64 18.97 -11.60 -12.25
CA LEU G 64 18.54 -10.54 -13.15
C LEU G 64 17.15 -10.79 -13.73
N THR G 65 16.82 -12.04 -14.10
CA THR G 65 15.59 -12.30 -14.86
C THR G 65 14.74 -13.44 -14.33
N TYR G 66 15.33 -14.45 -13.70
CA TYR G 66 14.34 -15.09 -12.83
C TYR G 66 14.04 -14.18 -11.66
N GLY G 67 14.48 -12.94 -11.83
CA GLY G 67 14.17 -11.78 -11.03
C GLY G 67 12.96 -10.99 -11.50
N VAL G 68 12.40 -11.28 -12.67
CA VAL G 68 11.15 -10.63 -13.07
C VAL G 68 10.13 -11.68 -13.48
N GLN G 69 9.83 -12.61 -12.57
CA GLN G 69 8.94 -13.73 -12.86
C GLN G 69 7.49 -13.31 -13.04
N CYS G 70 7.18 -12.02 -12.88
CA CYS G 70 5.86 -11.52 -13.26
C CYS G 70 5.61 -11.59 -14.76
N PHE G 71 6.61 -11.87 -15.58
CA PHE G 71 6.40 -12.02 -17.02
C PHE G 71 6.17 -13.47 -17.44
N SER G 72 6.08 -14.39 -16.47
CA SER G 72 5.74 -15.77 -16.77
C SER G 72 4.36 -15.84 -17.40
N ARG G 73 4.17 -16.81 -18.28
CA ARG G 73 2.85 -17.05 -18.87
C ARG G 73 2.14 -18.10 -18.03
N TYR G 74 1.05 -17.68 -17.38
CA TYR G 74 0.17 -18.61 -16.70
C TYR G 74 -0.97 -18.99 -17.65
N PRO G 75 -1.16 -20.27 -17.96
CA PRO G 75 -2.35 -20.67 -18.73
C PRO G 75 -3.60 -20.13 -18.08
N ASP G 76 -4.64 -19.92 -18.89
CA ASP G 76 -5.84 -19.21 -18.42
C ASP G 76 -6.34 -19.80 -17.10
N HIS G 77 -6.49 -21.13 -17.02
CA HIS G 77 -7.06 -21.72 -15.82
C HIS G 77 -6.10 -21.68 -14.62
N MET G 78 -4.81 -21.41 -14.84
CA MET G 78 -3.87 -21.29 -13.73
C MET G 78 -3.63 -19.85 -13.28
N LYS G 79 -4.27 -18.88 -13.92
CA LYS G 79 -4.03 -17.48 -13.58
C LYS G 79 -4.43 -17.16 -12.15
N ARG G 80 -5.27 -18.01 -11.53
CA ARG G 80 -5.60 -17.88 -10.12
C ARG G 80 -4.40 -18.15 -9.21
N HIS G 81 -3.30 -18.67 -9.74
CA HIS G 81 -2.10 -18.99 -8.96
C HIS G 81 -0.96 -18.00 -9.17
N ASP G 82 -1.19 -16.89 -9.87
CA ASP G 82 -0.10 -16.00 -10.25
C ASP G 82 0.08 -14.94 -9.18
N PHE G 83 0.94 -15.23 -8.20
CA PHE G 83 1.25 -14.25 -7.16
C PHE G 83 1.92 -13.01 -7.75
N PHE G 84 2.83 -13.19 -8.71
CA PHE G 84 3.72 -12.12 -9.12
C PHE G 84 2.95 -10.94 -9.71
N LYS G 85 2.02 -11.21 -10.62
CA LYS G 85 1.23 -10.13 -11.18
C LYS G 85 0.25 -9.57 -10.15
N SER G 86 -0.20 -10.39 -9.19
CA SER G 86 -1.19 -9.90 -8.24
C SER G 86 -0.62 -8.83 -7.32
N ALA G 87 0.69 -8.79 -7.14
CA ALA G 87 1.33 -7.83 -6.31
C ALA G 87 1.62 -6.53 -6.99
N MET G 88 1.41 -6.43 -8.27
CA MET G 88 1.65 -5.22 -8.96
C MET G 88 0.43 -4.36 -8.93
N PRO G 89 0.59 -3.05 -9.02
CA PRO G 89 1.81 -2.29 -9.30
C PRO G 89 2.75 -2.01 -8.13
N GLU G 90 2.31 -2.15 -6.90
CA GLU G 90 3.12 -1.91 -5.74
C GLU G 90 4.36 -2.77 -5.78
N GLY G 91 4.19 -4.01 -6.16
CA GLY G 91 5.29 -4.93 -6.40
C GLY G 91 5.59 -5.85 -5.23
N TYR G 92 6.75 -6.50 -5.31
CA TYR G 92 7.15 -7.47 -4.30
C TYR G 92 8.65 -7.39 -4.08
N VAL G 93 9.08 -7.91 -2.92
CA VAL G 93 10.49 -8.07 -2.60
C VAL G 93 10.88 -9.51 -2.89
N GLN G 94 11.99 -9.70 -3.61
CA GLN G 94 12.48 -11.02 -3.94
C GLN G 94 13.84 -11.21 -3.26
N GLU G 95 13.95 -12.26 -2.43
CA GLU G 95 15.15 -12.56 -1.68
C GLU G 95 15.60 -13.97 -2.03
N ARG G 96 16.92 -14.14 -2.17
CA ARG G 96 17.48 -15.44 -2.50
C ARG G 96 18.74 -15.71 -1.72
N THR G 97 18.98 -16.99 -1.45
CA THR G 97 20.30 -17.51 -1.16
C THR G 97 20.66 -18.48 -2.28
N ILE G 98 21.80 -18.25 -2.92
CA ILE G 98 22.30 -19.11 -4.00
C ILE G 98 23.61 -19.74 -3.52
N SER G 99 23.60 -21.06 -3.32
CA SER G 99 24.73 -21.78 -2.77
C SER G 99 25.40 -22.59 -3.87
N PHE G 100 26.62 -22.20 -4.24
CA PHE G 100 27.39 -22.91 -5.25
C PHE G 100 28.14 -24.05 -4.58
N LYS G 101 27.92 -25.28 -5.05
CA LYS G 101 28.53 -26.44 -4.42
C LYS G 101 30.05 -26.34 -4.44
N ASP G 102 30.66 -26.54 -3.26
CA ASP G 102 32.12 -26.49 -3.09
C ASP G 102 32.69 -25.11 -3.41
N ASP G 103 31.89 -24.07 -3.27
CA ASP G 103 32.36 -22.71 -3.52
C ASP G 103 31.52 -21.77 -2.65
N GLY G 104 31.45 -20.50 -3.05
CA GLY G 104 30.82 -19.47 -2.24
C GLY G 104 29.31 -19.49 -2.27
N THR G 105 28.73 -18.39 -1.78
CA THR G 105 27.28 -18.20 -1.74
C THR G 105 26.93 -16.77 -2.13
N TYR G 106 25.88 -16.62 -2.94
CA TYR G 106 25.25 -15.34 -3.20
C TYR G 106 24.06 -15.16 -2.27
N LYS G 107 23.89 -13.93 -1.78
CA LYS G 107 22.66 -13.53 -1.12
C LYS G 107 22.16 -12.27 -1.82
N THR G 108 20.89 -12.27 -2.22
CA THR G 108 20.34 -11.18 -3.01
C THR G 108 19.05 -10.68 -2.40
N ARG G 109 18.81 -9.38 -2.58
CA ARG G 109 17.55 -8.76 -2.24
C ARG G 109 17.18 -7.81 -3.37
N ALA G 110 15.96 -7.94 -3.85
CA ALA G 110 15.50 -7.15 -4.99
C ALA G 110 14.10 -6.62 -4.73
N GLU G 111 13.80 -5.47 -5.31
CA GLU G 111 12.46 -4.94 -5.37
C GLU G 111 12.03 -4.91 -6.83
N VAL G 112 10.90 -5.55 -7.12
CA VAL G 112 10.32 -5.59 -8.45
C VAL G 112 9.00 -4.85 -8.38
N LYS G 113 8.86 -3.80 -9.16
CA LYS G 113 7.72 -2.90 -9.01
C LYS G 113 7.65 -2.01 -10.24
N PHE G 114 6.47 -1.48 -10.50
CA PHE G 114 6.34 -0.48 -11.55
C PHE G 114 6.79 0.87 -11.02
N GLU G 115 7.54 1.58 -11.85
CA GLU G 115 7.84 2.99 -11.65
C GLU G 115 7.38 3.68 -12.93
N GLY G 116 6.26 4.38 -12.84
CA GLY G 116 5.59 4.79 -14.06
C GLY G 116 5.18 3.57 -14.86
N ASP G 117 5.49 3.58 -16.15
CA ASP G 117 5.12 2.52 -17.08
C ASP G 117 6.20 1.45 -17.21
N THR G 118 7.27 1.54 -16.43
CA THR G 118 8.42 0.65 -16.56
C THR G 118 8.41 -0.33 -15.39
N LEU G 119 8.59 -1.61 -15.69
CA LEU G 119 8.79 -2.58 -14.62
C LEU G 119 10.26 -2.59 -14.24
N VAL G 120 10.55 -2.34 -12.96
CA VAL G 120 11.92 -2.13 -12.50
C VAL G 120 12.29 -3.22 -11.51
N ASN G 121 13.48 -3.79 -11.69
CA ASN G 121 14.04 -4.82 -10.82
C ASN G 121 15.35 -4.24 -10.27
N ARG G 122 15.36 -3.83 -9.00
CA ARG G 122 16.53 -3.22 -8.37
C ARG G 122 17.09 -4.23 -7.38
N ILE G 123 18.35 -4.60 -7.55
CA ILE G 123 18.91 -5.74 -6.85
C ILE G 123 20.17 -5.33 -6.10
N GLU G 124 20.34 -5.85 -4.89
CA GLU G 124 21.60 -5.82 -4.17
C GLU G 124 22.09 -7.26 -4.06
N LEU G 125 23.37 -7.49 -4.35
CA LEU G 125 23.95 -8.83 -4.33
C LEU G 125 25.25 -8.84 -3.54
N LYS G 126 25.36 -9.73 -2.57
CA LYS G 126 26.57 -9.94 -1.80
C LYS G 126 27.06 -11.37 -1.99
N GLY G 127 28.31 -11.53 -2.39
CA GLY G 127 28.90 -12.84 -2.54
C GLY G 127 30.09 -13.06 -1.62
N ILE G 128 30.07 -14.15 -0.84
CA ILE G 128 31.10 -14.40 0.15
C ILE G 128 31.65 -15.81 -0.02
N ASP G 129 32.89 -15.99 0.43
CA ASP G 129 33.52 -17.31 0.59
C ASP G 129 33.79 -18.00 -0.74
N PHE G 130 34.06 -17.24 -1.80
CA PHE G 130 34.34 -17.83 -3.09
C PHE G 130 35.83 -18.09 -3.26
N LYS G 131 36.15 -19.20 -3.93
CA LYS G 131 37.54 -19.56 -4.19
C LYS G 131 38.09 -18.73 -5.34
N GLU G 132 39.23 -18.08 -5.09
CA GLU G 132 39.78 -17.16 -6.08
C GLU G 132 40.15 -17.89 -7.37
N ASP G 133 40.41 -19.19 -7.29
CA ASP G 133 40.69 -20.00 -8.47
C ASP G 133 39.57 -20.99 -8.78
N GLY G 134 38.37 -20.76 -8.24
CA GLY G 134 37.26 -21.65 -8.47
C GLY G 134 36.59 -21.44 -9.81
N ASN G 135 35.46 -22.12 -9.99
CA ASN G 135 34.75 -22.04 -11.26
C ASN G 135 34.14 -20.67 -11.48
N ILE G 136 33.78 -19.97 -10.40
CA ILE G 136 33.09 -18.70 -10.52
C ILE G 136 34.11 -17.58 -10.68
N LEU G 137 34.98 -17.38 -9.68
CA LEU G 137 35.96 -16.31 -9.79
C LEU G 137 37.01 -16.58 -10.86
N GLY G 138 37.26 -17.84 -11.20
CA GLY G 138 38.17 -18.17 -12.27
C GLY G 138 37.57 -18.16 -13.65
N HIS G 139 36.29 -17.82 -13.79
CA HIS G 139 35.59 -17.76 -15.07
C HIS G 139 35.77 -19.06 -15.86
N LYS G 140 35.38 -20.16 -15.24
CA LYS G 140 35.51 -21.47 -15.83
C LYS G 140 34.17 -22.05 -16.28
N LEU G 141 33.12 -21.23 -16.35
CA LEU G 141 31.79 -21.68 -16.72
C LEU G 141 31.49 -21.34 -18.18
N GLU G 142 30.79 -22.25 -18.85
CA GLU G 142 30.38 -22.03 -20.23
C GLU G 142 29.31 -20.94 -20.31
N TYR G 143 29.26 -20.28 -21.46
CA TYR G 143 28.31 -19.20 -21.70
C TYR G 143 27.00 -19.76 -22.29
N ASN G 144 26.33 -20.57 -21.49
CA ASN G 144 25.03 -21.10 -21.83
C ASN G 144 24.21 -21.24 -20.55
N PHE G 145 22.97 -21.66 -20.71
CA PHE G 145 22.03 -21.74 -19.59
C PHE G 145 20.95 -22.75 -19.93
N ASN G 146 20.82 -23.79 -19.11
CA ASN G 146 19.85 -24.84 -19.42
C ASN G 146 18.43 -24.40 -19.06
N SER G 147 17.48 -25.25 -19.45
CA SER G 147 16.09 -25.11 -19.05
C SER G 147 15.91 -25.68 -17.66
N HIS G 148 15.06 -25.02 -16.87
CA HIS G 148 14.84 -25.44 -15.50
C HIS G 148 13.36 -25.40 -15.17
N ASN G 149 13.01 -26.08 -14.09
CA ASN G 149 11.65 -26.09 -13.57
C ASN G 149 11.70 -25.54 -12.16
N VAL G 150 11.09 -24.38 -11.97
CA VAL G 150 11.16 -23.64 -10.71
C VAL G 150 9.93 -24.01 -9.90
N TYR G 151 10.13 -24.73 -8.81
CA TYR G 151 9.04 -25.20 -7.95
C TYR G 151 8.54 -24.07 -7.07
N ILE G 152 7.25 -23.78 -7.13
CA ILE G 152 6.67 -22.64 -6.42
C ILE G 152 5.63 -23.16 -5.43
N THR G 153 5.69 -22.65 -4.19
CA THR G 153 4.73 -23.03 -3.17
C THR G 153 4.32 -21.79 -2.37
N ALA G 154 3.12 -21.84 -1.80
CA ALA G 154 2.61 -20.71 -1.05
C ALA G 154 3.26 -20.60 0.32
N ASP G 155 3.37 -19.37 0.81
CA ASP G 155 3.88 -19.06 2.15
C ASP G 155 2.83 -18.20 2.83
N LYS G 156 1.85 -18.86 3.47
CA LYS G 156 0.69 -18.16 4.02
C LYS G 156 1.11 -17.23 5.15
N GLN G 157 2.11 -17.63 5.95
CA GLN G 157 2.54 -16.83 7.10
C GLN G 157 3.04 -15.45 6.68
N LYS G 158 3.73 -15.35 5.55
CA LYS G 158 4.27 -14.08 5.10
C LYS G 158 3.50 -13.52 3.92
N ASN G 159 2.33 -14.07 3.61
CA ASN G 159 1.50 -13.59 2.52
C ASN G 159 2.23 -13.60 1.18
N GLY G 160 3.12 -14.57 1.00
CA GLY G 160 3.87 -14.63 -0.24
C GLY G 160 4.12 -16.05 -0.72
N ILE G 161 5.26 -16.26 -1.37
CA ILE G 161 5.59 -17.55 -1.95
C ILE G 161 7.04 -17.90 -1.66
N LYS G 162 7.35 -19.17 -1.86
CA LYS G 162 8.72 -19.64 -1.86
C LYS G 162 8.96 -20.42 -3.13
N ALA G 163 10.24 -20.49 -3.50
CA ALA G 163 10.66 -21.28 -4.65
C ALA G 163 11.99 -21.92 -4.32
N ASN G 164 12.17 -23.13 -4.85
CA ASN G 164 13.41 -23.88 -4.69
C ASN G 164 13.72 -24.56 -6.01
N PHE G 165 14.97 -24.45 -6.46
CA PHE G 165 15.42 -25.11 -7.67
C PHE G 165 16.94 -25.15 -7.68
N LYS G 166 17.49 -26.11 -8.42
CA LYS G 166 18.92 -26.30 -8.54
C LYS G 166 19.33 -26.06 -9.98
N ILE G 167 20.17 -25.02 -10.19
CA ILE G 167 20.70 -24.67 -11.50
C ILE G 167 21.95 -25.51 -11.77
N ARG G 168 22.11 -25.93 -13.02
CA ARG G 168 23.22 -26.79 -13.45
C ARG G 168 24.09 -25.98 -14.43
N HIS G 169 25.08 -25.26 -13.89
CA HIS G 169 26.01 -24.52 -14.75
C HIS G 169 27.05 -25.46 -15.36
N ASN G 170 27.09 -25.52 -16.69
CA ASN G 170 28.12 -26.28 -17.39
C ASN G 170 29.49 -25.66 -17.17
N VAL G 171 30.47 -26.49 -16.79
CA VAL G 171 31.86 -26.06 -16.63
C VAL G 171 32.61 -26.41 -17.92
N GLU G 172 33.68 -25.66 -18.18
CA GLU G 172 34.44 -25.82 -19.43
C GLU G 172 35.06 -27.21 -19.57
N ASP G 173 35.45 -27.84 -18.45
CA ASP G 173 36.04 -29.16 -18.50
C ASP G 173 35.02 -30.28 -18.73
N GLY G 174 33.74 -29.95 -18.84
CA GLY G 174 32.69 -30.92 -19.04
C GLY G 174 31.85 -31.21 -17.82
N SER G 175 32.36 -30.91 -16.62
CA SER G 175 31.62 -31.15 -15.39
C SER G 175 30.49 -30.12 -15.23
N VAL G 176 29.86 -30.13 -14.07
CA VAL G 176 28.71 -29.29 -13.78
C VAL G 176 28.92 -28.62 -12.43
N GLN G 177 28.59 -27.34 -12.35
CA GLN G 177 28.66 -26.56 -11.12
C GLN G 177 27.23 -26.29 -10.66
N LEU G 178 26.85 -26.86 -9.54
CA LEU G 178 25.48 -26.75 -9.05
C LEU G 178 25.28 -25.43 -8.30
N ALA G 179 24.11 -24.83 -8.48
CA ALA G 179 23.75 -23.59 -7.80
C ALA G 179 22.38 -23.80 -7.15
N ASP G 180 22.40 -24.01 -5.83
CA ASP G 180 21.21 -24.35 -5.07
C ASP G 180 20.48 -23.05 -4.70
N HIS G 181 19.26 -22.87 -5.22
CA HIS G 181 18.51 -21.63 -5.09
C HIS G 181 17.41 -21.74 -4.04
N TYR G 182 17.39 -20.79 -3.10
CA TYR G 182 16.34 -20.67 -2.12
C TYR G 182 15.73 -19.30 -2.26
N GLN G 183 14.41 -19.25 -2.44
CA GLN G 183 13.77 -18.01 -2.87
C GLN G 183 12.58 -17.67 -2.01
N GLN G 184 12.42 -16.37 -1.71
CA GLN G 184 11.26 -15.88 -0.98
C GLN G 184 10.76 -14.59 -1.62
N ASN G 185 9.44 -14.50 -1.85
CA ASN G 185 8.81 -13.30 -2.34
C ASN G 185 7.71 -12.87 -1.38
N THR G 186 7.66 -11.57 -1.08
CA THR G 186 6.64 -10.98 -0.22
C THR G 186 6.17 -9.67 -0.83
N PRO G 187 4.88 -9.35 -0.73
CA PRO G 187 4.36 -8.14 -1.39
C PRO G 187 4.81 -6.87 -0.68
N ILE G 188 5.04 -5.83 -1.47
CA ILE G 188 5.43 -4.54 -0.92
C ILE G 188 4.22 -3.80 -0.35
N GLY G 189 3.10 -3.82 -1.08
CA GLY G 189 1.90 -3.17 -0.63
C GLY G 189 1.17 -4.00 0.41
N ASP G 190 0.06 -3.45 0.89
CA ASP G 190 -0.76 -4.14 1.89
C ASP G 190 -2.02 -4.74 1.28
N GLY G 191 -2.26 -4.51 -0.01
CA GLY G 191 -3.43 -5.05 -0.68
C GLY G 191 -3.41 -6.56 -0.80
N PRO G 192 -4.56 -7.12 -1.18
CA PRO G 192 -4.65 -8.58 -1.30
C PRO G 192 -3.88 -9.10 -2.50
N VAL G 193 -3.35 -10.30 -2.35
CA VAL G 193 -2.56 -10.97 -3.38
C VAL G 193 -3.10 -12.37 -3.57
N LEU G 194 -2.71 -12.99 -4.67
CA LEU G 194 -3.04 -14.38 -4.94
C LEU G 194 -1.96 -15.29 -4.36
N LEU G 195 -2.38 -16.26 -3.55
CA LEU G 195 -1.47 -17.27 -3.03
C LEU G 195 -1.70 -18.58 -3.77
N PRO G 196 -0.67 -19.15 -4.36
CA PRO G 196 -0.84 -20.28 -5.29
C PRO G 196 -0.86 -21.63 -4.59
N ASP G 197 -1.50 -22.58 -5.26
CA ASP G 197 -1.21 -23.97 -4.99
C ASP G 197 0.08 -24.39 -5.68
N ASN G 198 0.62 -25.53 -5.25
CA ASN G 198 1.89 -26.03 -5.75
C ASN G 198 1.84 -26.11 -7.27
N HIS G 199 2.86 -25.57 -7.92
CA HIS G 199 3.02 -25.63 -9.38
C HIS G 199 4.49 -25.37 -9.68
N TYR G 200 4.83 -25.24 -10.97
CA TYR G 200 6.20 -24.89 -11.30
C TYR G 200 6.22 -24.00 -12.53
N LEU G 201 7.33 -23.28 -12.68
CA LEU G 201 7.60 -22.48 -13.86
C LEU G 201 8.61 -23.23 -14.73
N SER G 202 8.25 -23.44 -15.99
CA SER G 202 9.12 -24.08 -16.96
C SER G 202 9.82 -22.97 -17.73
N THR G 203 11.14 -22.88 -17.57
CA THR G 203 11.91 -21.75 -18.09
C THR G 203 12.87 -22.22 -19.18
N GLN G 204 13.05 -21.39 -20.19
CA GLN G 204 14.03 -21.62 -21.25
C GLN G 204 14.70 -20.32 -21.61
N SER G 205 16.01 -20.39 -21.87
CA SER G 205 16.83 -19.22 -22.11
C SER G 205 17.83 -19.52 -23.21
N VAL G 206 18.19 -18.49 -23.96
CA VAL G 206 19.34 -18.53 -24.86
C VAL G 206 20.17 -17.29 -24.61
N LEU G 207 21.47 -17.48 -24.43
CA LEU G 207 22.39 -16.38 -24.15
C LEU G 207 23.17 -16.05 -25.42
N SER G 208 23.39 -14.76 -25.66
CA SER G 208 24.09 -14.34 -26.86
C SER G 208 24.85 -13.05 -26.58
N LYS G 209 25.52 -12.56 -27.62
CA LYS G 209 26.33 -11.35 -27.57
C LYS G 209 25.82 -10.36 -28.62
N ASP G 210 26.02 -9.08 -28.32
CA ASP G 210 25.70 -8.00 -29.24
C ASP G 210 27.00 -7.63 -29.94
N PRO G 211 27.13 -7.86 -31.25
CA PRO G 211 28.42 -7.60 -31.92
C PRO G 211 28.83 -6.14 -31.90
N ASN G 212 27.89 -5.20 -31.73
CA ASN G 212 28.18 -3.78 -31.67
C ASN G 212 28.49 -3.26 -30.27
N GLU G 213 28.38 -4.09 -29.24
CA GLU G 213 28.51 -3.67 -27.84
C GLU G 213 29.97 -3.80 -27.37
N LYS G 214 30.55 -2.69 -26.91
CA LYS G 214 31.95 -2.69 -26.48
C LYS G 214 32.15 -3.16 -25.05
N ARG G 215 31.19 -2.88 -24.18
CA ARG G 215 31.28 -3.27 -22.78
C ARG G 215 31.01 -4.76 -22.57
N ASP G 216 31.48 -5.25 -21.44
CA ASP G 216 31.15 -6.59 -21.00
C ASP G 216 29.65 -6.71 -20.84
N HIS G 217 29.03 -7.67 -21.51
CA HIS G 217 27.57 -7.63 -21.66
C HIS G 217 27.02 -9.03 -21.88
N MET G 218 25.69 -9.15 -21.79
CA MET G 218 24.97 -10.38 -22.05
C MET G 218 23.62 -10.04 -22.66
N VAL G 219 23.27 -10.73 -23.75
CA VAL G 219 21.95 -10.62 -24.36
C VAL G 219 21.16 -11.86 -24.00
N LEU G 220 19.90 -11.67 -23.63
CA LEU G 220 19.09 -12.75 -23.07
C LEU G 220 17.70 -12.77 -23.69
N LEU G 221 17.28 -13.95 -24.15
CA LEU G 221 15.91 -14.22 -24.53
C LEU G 221 15.42 -15.39 -23.71
N GLU G 222 14.20 -15.28 -23.19
CA GLU G 222 13.72 -16.22 -22.20
C GLU G 222 12.23 -16.45 -22.38
N PHE G 223 11.83 -17.72 -22.31
CA PHE G 223 10.42 -18.12 -22.34
C PHE G 223 10.10 -18.88 -21.06
N VAL G 224 9.04 -18.46 -20.38
CA VAL G 224 8.68 -19.03 -19.08
C VAL G 224 7.18 -19.32 -19.09
N THR G 225 6.82 -20.52 -18.66
CA THR G 225 5.42 -20.95 -18.63
C THR G 225 5.13 -21.67 -17.32
N ALA G 226 4.00 -21.33 -16.70
CA ALA G 226 3.56 -22.05 -15.52
C ALA G 226 2.97 -23.39 -15.91
N ALA G 227 3.07 -24.36 -15.01
CA ALA G 227 2.63 -25.72 -15.33
C ALA G 227 2.39 -26.48 -14.04
N GLY G 228 1.78 -27.66 -14.18
CA GLY G 228 1.71 -28.63 -13.11
C GLY G 228 0.33 -28.88 -12.54
N ILE G 229 -0.66 -28.03 -12.84
CA ILE G 229 -2.02 -28.21 -12.36
C ILE G 229 -2.94 -28.37 -13.56
N THR G 230 -3.79 -29.39 -13.53
CA THR G 230 -4.66 -29.67 -14.66
C THR G 230 -5.85 -28.71 -14.68
N HIS G 231 -6.49 -28.62 -15.85
CA HIS G 231 -7.71 -27.85 -16.00
C HIS G 231 -8.80 -28.36 -15.05
N GLY G 232 -8.95 -29.67 -14.93
CA GLY G 232 -9.94 -30.22 -14.02
C GLY G 232 -9.68 -29.84 -12.57
N MET G 233 -8.41 -29.85 -12.16
CA MET G 233 -8.08 -29.45 -10.79
C MET G 233 -8.42 -27.99 -10.54
N ASP G 234 -8.14 -27.12 -11.51
CA ASP G 234 -8.47 -25.70 -11.33
C ASP G 234 -9.97 -25.45 -11.35
N GLU G 235 -10.74 -26.25 -12.11
CA GLU G 235 -12.19 -26.19 -12.01
C GLU G 235 -12.67 -26.55 -10.61
N LEU G 236 -12.09 -27.60 -10.03
CA LEU G 236 -12.37 -27.94 -8.63
C LEU G 236 -12.07 -26.76 -7.71
N TYR G 237 -10.80 -26.38 -7.61
CA TYR G 237 -10.37 -25.16 -6.90
C TYR G 237 -11.35 -24.00 -7.04
N LYS G 238 -11.88 -23.78 -8.26
CA LYS G 238 -12.81 -22.68 -8.49
C LYS G 238 -14.14 -22.92 -7.79
N LYS G 239 -14.65 -24.15 -7.86
CA LYS G 239 -15.86 -24.51 -7.12
C LYS G 239 -15.63 -24.44 -5.62
N LEU G 240 -14.59 -25.10 -5.13
CA LEU G 240 -14.31 -25.12 -3.70
C LEU G 240 -14.01 -23.73 -3.15
N GLY G 241 -13.42 -22.87 -3.98
CA GLY G 241 -13.14 -21.51 -3.55
C GLY G 241 -14.36 -20.65 -3.29
N GLY G 242 -15.54 -21.09 -3.75
CA GLY G 242 -16.73 -20.30 -3.52
C GLY G 242 -17.67 -20.90 -2.49
N GLU G 243 -17.38 -22.10 -2.01
CA GLU G 243 -18.32 -22.80 -1.16
C GLU G 243 -18.17 -22.38 0.30
N TYR G 244 -19.18 -22.72 1.11
CA TYR G 244 -19.14 -22.55 2.54
C TYR G 244 -18.80 -23.87 3.21
N PHE G 245 -17.98 -23.78 4.25
CA PHE G 245 -17.50 -24.92 5.00
C PHE G 245 -17.83 -24.73 6.47
N THR G 246 -18.37 -25.77 7.10
CA THR G 246 -18.63 -25.74 8.54
C THR G 246 -17.43 -26.23 9.34
N LEU G 247 -16.91 -25.37 10.22
CA LEU G 247 -15.83 -25.72 11.14
C LEU G 247 -16.41 -25.95 12.54
N GLN G 248 -16.05 -27.06 13.15
CA GLN G 248 -16.54 -27.44 14.47
C GLN G 248 -15.46 -27.10 15.51
N ILE G 249 -15.82 -26.27 16.48
CA ILE G 249 -14.88 -25.75 17.47
C ILE G 249 -15.28 -26.22 18.86
N ARG G 250 -14.27 -26.61 19.64
CA ARG G 250 -14.45 -27.04 21.02
C ARG G 250 -14.02 -25.91 21.96
N GLY G 251 -14.95 -25.41 22.77
CA GLY G 251 -14.67 -24.38 23.77
C GLY G 251 -15.18 -23.00 23.37
N ARG G 252 -15.87 -22.31 24.28
CA ARG G 252 -16.44 -21.01 23.96
C ARG G 252 -15.39 -19.97 23.68
N GLU G 253 -14.32 -19.91 24.48
CA GLU G 253 -13.28 -18.93 24.23
C GLU G 253 -12.62 -19.15 22.86
N ARG G 254 -12.32 -20.41 22.55
CA ARG G 254 -11.72 -20.72 21.25
C ARG G 254 -12.66 -20.38 20.09
N PHE G 255 -13.95 -20.67 20.24
CA PHE G 255 -14.96 -20.27 19.26
C PHE G 255 -14.89 -18.76 19.04
N GLU G 256 -15.31 -17.99 20.05
CA GLU G 256 -15.25 -16.52 20.02
C GLU G 256 -14.02 -15.95 19.32
N GLU G 257 -12.84 -16.59 19.49
CA GLU G 257 -11.63 -16.08 18.83
C GLU G 257 -11.67 -16.34 17.33
N PHE G 258 -12.03 -17.56 16.95
CA PHE G 258 -12.19 -17.87 15.53
C PHE G 258 -13.28 -17.01 14.90
N ARG G 259 -14.37 -16.78 15.63
CA ARG G 259 -15.48 -16.02 15.06
C ARG G 259 -15.08 -14.58 14.75
N GLU G 260 -14.32 -13.95 15.66
CA GLU G 260 -13.90 -12.57 15.44
C GLU G 260 -12.96 -12.46 14.25
N LYS G 261 -12.04 -13.42 14.09
CA LYS G 261 -11.13 -13.40 12.96
C LYS G 261 -11.87 -13.65 11.66
N ASN G 262 -12.80 -14.62 11.67
CA ASN G 262 -13.64 -14.87 10.51
C ASN G 262 -14.47 -13.63 10.20
N GLU G 263 -15.02 -13.00 11.25
CA GLU G 263 -15.87 -11.83 11.03
C GLU G 263 -15.08 -10.70 10.41
N ALA G 264 -13.84 -10.51 10.86
CA ALA G 264 -12.99 -9.47 10.31
C ALA G 264 -12.72 -9.72 8.83
N LEU G 265 -12.38 -10.97 8.47
CA LEU G 265 -12.04 -11.26 7.08
C LEU G 265 -13.24 -11.05 6.15
N GLU G 266 -14.42 -11.46 6.57
CA GLU G 266 -15.61 -11.22 5.78
C GLU G 266 -15.87 -9.73 5.68
N LEU G 267 -15.48 -8.98 6.72
CA LEU G 267 -15.63 -7.52 6.69
C LEU G 267 -14.74 -6.88 5.65
N LYS G 268 -13.49 -7.32 5.55
CA LYS G 268 -12.61 -6.79 4.51
C LYS G 268 -13.18 -7.06 3.12
N ASP G 269 -13.69 -8.27 2.89
CA ASP G 269 -14.29 -8.58 1.60
C ASP G 269 -15.46 -7.66 1.29
N ALA G 270 -16.38 -7.50 2.24
CA ALA G 270 -17.58 -6.69 1.97
C ALA G 270 -17.22 -5.23 1.79
N GLN G 271 -16.21 -4.73 2.52
CA GLN G 271 -15.82 -3.33 2.34
C GLN G 271 -15.32 -3.09 0.92
N ALA G 272 -14.58 -4.05 0.36
CA ALA G 272 -14.18 -4.00 -1.04
C ALA G 272 -15.19 -4.68 -1.97
N GLY G 273 -16.48 -4.51 -1.72
CA GLY G 273 -17.53 -5.17 -2.48
C GLY G 273 -17.32 -6.61 -2.91
N GLY G 274 -16.53 -7.38 -2.17
CA GLY G 274 -16.19 -8.73 -2.56
C GLY G 274 -15.35 -8.87 -3.81
N THR G 275 -14.80 -7.76 -4.32
CA THR G 275 -14.19 -7.75 -5.64
C THR G 275 -13.00 -8.70 -5.73
N CYS G 276 -12.41 -9.10 -4.61
CA CYS G 276 -11.22 -9.92 -4.61
C CYS G 276 -11.46 -11.35 -4.14
N PHE G 277 -12.70 -11.72 -3.84
CA PHE G 277 -12.95 -13.05 -3.30
C PHE G 277 -12.97 -14.11 -4.39
N ASN G 278 -12.20 -15.18 -4.19
CA ASN G 278 -12.14 -16.33 -5.10
C ASN G 278 -11.90 -15.87 -6.54
N ALA G 279 -10.94 -14.96 -6.71
CA ALA G 279 -10.67 -14.39 -8.02
C ALA G 279 -10.13 -15.46 -8.96
N SER G 280 -10.56 -15.41 -10.21
CA SER G 280 -10.03 -16.32 -11.23
C SER G 280 -8.82 -15.70 -11.93
N GLU H 9 -16.84 -27.28 30.37
CA GLU H 9 -15.63 -27.12 29.58
C GLU H 9 -15.79 -27.69 28.17
N LEU H 10 -16.50 -28.81 28.06
CA LEU H 10 -16.68 -29.46 26.78
C LEU H 10 -18.01 -29.01 26.19
N GLU H 11 -17.94 -28.15 25.17
CA GLU H 11 -19.10 -27.58 24.50
C GLU H 11 -18.71 -27.25 23.07
N TYR H 12 -19.49 -27.70 22.11
CA TYR H 12 -19.17 -27.56 20.69
C TYR H 12 -19.89 -26.38 20.04
N PHE H 13 -19.20 -25.75 19.09
CA PHE H 13 -19.76 -24.65 18.31
C PHE H 13 -19.38 -24.86 16.86
N THR H 14 -20.18 -24.30 15.95
CA THR H 14 -19.96 -24.39 14.52
C THR H 14 -19.76 -23.00 13.95
N LEU H 15 -18.87 -22.89 12.97
CA LEU H 15 -18.55 -21.62 12.32
C LEU H 15 -18.61 -21.83 10.81
N GLN H 16 -19.28 -20.92 10.11
CA GLN H 16 -19.39 -20.98 8.66
C GLN H 16 -18.22 -20.22 8.03
N ILE H 17 -17.36 -20.93 7.29
CA ILE H 17 -16.17 -20.35 6.68
C ILE H 17 -16.38 -20.30 5.17
N ARG H 18 -16.06 -19.17 4.56
CA ARG H 18 -16.29 -18.96 3.14
C ARG H 18 -15.02 -19.32 2.36
N GLY H 19 -15.08 -20.40 1.59
CA GLY H 19 -14.03 -20.68 0.61
C GLY H 19 -12.99 -21.67 1.13
N ARG H 20 -12.42 -22.44 0.20
CA ARG H 20 -11.45 -23.47 0.58
C ARG H 20 -10.26 -22.89 1.32
N GLU H 21 -9.66 -21.82 0.79
CA GLU H 21 -8.43 -21.28 1.36
C GLU H 21 -8.63 -20.84 2.81
N ARG H 22 -9.65 -20.02 3.06
CA ARG H 22 -9.90 -19.55 4.41
C ARG H 22 -10.24 -20.71 5.33
N PHE H 23 -11.02 -21.68 4.85
CA PHE H 23 -11.40 -22.82 5.67
C PHE H 23 -10.18 -23.68 6.02
N GLU H 24 -9.32 -23.94 5.04
CA GLU H 24 -8.13 -24.74 5.32
C GLU H 24 -7.23 -24.04 6.33
N GLU H 25 -7.19 -22.70 6.30
CA GLU H 25 -6.37 -21.99 7.27
C GLU H 25 -6.96 -22.13 8.67
N PHE H 26 -8.28 -21.91 8.81
CA PHE H 26 -8.91 -22.04 10.11
C PHE H 26 -8.85 -23.46 10.63
N ARG H 27 -9.11 -24.44 9.76
CA ARG H 27 -9.12 -25.84 10.18
C ARG H 27 -7.75 -26.30 10.64
N GLU H 28 -6.69 -25.79 10.01
CA GLU H 28 -5.34 -26.19 10.40
C GLU H 28 -4.99 -25.66 11.77
N LYS H 29 -5.29 -24.38 12.02
CA LYS H 29 -5.06 -23.80 13.35
C LYS H 29 -5.92 -24.48 14.41
N ASN H 30 -7.18 -24.72 14.10
CA ASN H 30 -8.07 -25.41 15.03
C ASN H 30 -7.59 -26.81 15.35
N GLU H 31 -7.04 -27.52 14.35
CA GLU H 31 -6.59 -28.88 14.60
C GLU H 31 -5.35 -28.91 15.50
N ALA H 32 -4.45 -27.95 15.30
CA ALA H 32 -3.25 -27.86 16.13
C ALA H 32 -3.60 -27.62 17.60
N LEU H 33 -4.60 -26.80 17.85
CA LEU H 33 -5.03 -26.55 19.23
C LEU H 33 -5.56 -27.82 19.86
N GLU H 34 -6.40 -28.52 19.15
CA GLU H 34 -6.92 -29.75 19.67
C GLU H 34 -5.81 -30.76 19.85
N LEU H 35 -4.63 -30.41 19.42
CA LEU H 35 -3.55 -31.30 19.58
C LEU H 35 -2.62 -30.78 20.61
N LYS H 36 -2.71 -29.50 20.94
CA LYS H 36 -1.85 -29.01 21.99
C LYS H 36 -2.66 -29.18 23.22
N ASP H 37 -3.93 -28.80 23.17
CA ASP H 37 -4.81 -28.89 24.34
C ASP H 37 -4.97 -30.28 24.84
N ALA H 38 -5.04 -31.25 23.93
CA ALA H 38 -5.24 -32.65 24.23
C ALA H 38 -4.07 -33.42 24.74
N GLN H 39 -3.87 -34.62 24.21
CA GLN H 39 -2.87 -35.50 24.76
C GLN H 39 -3.09 -35.62 26.29
N ALA H 40 -4.27 -36.04 26.70
CA ALA H 40 -4.61 -36.22 28.11
C ALA H 40 -5.59 -37.36 28.35
N MET I 1 6.01 -45.55 -5.35
CA MET I 1 4.78 -46.24 -4.97
C MET I 1 5.02 -47.08 -3.72
N SER I 2 3.97 -47.35 -2.95
CA SER I 2 4.11 -47.98 -1.64
C SER I 2 4.16 -49.51 -1.76
N LYS I 3 4.58 -50.15 -0.68
CA LYS I 3 4.54 -51.61 -0.64
C LYS I 3 3.13 -52.14 -0.70
N GLY I 4 2.18 -51.40 -0.12
CA GLY I 4 0.81 -51.85 -0.11
C GLY I 4 0.22 -51.98 -1.49
N GLU I 5 0.84 -51.34 -2.49
CA GLU I 5 0.38 -51.47 -3.86
C GLU I 5 0.35 -52.93 -4.31
N GLU I 6 1.24 -53.77 -3.74
CA GLU I 6 1.34 -55.16 -4.15
C GLU I 6 0.09 -55.96 -3.79
N LEU I 7 -0.67 -55.53 -2.77
CA LEU I 7 -1.88 -56.21 -2.34
C LEU I 7 -3.05 -55.98 -3.28
N PHE I 8 -2.96 -55.01 -4.20
CA PHE I 8 -4.11 -54.61 -5.02
C PHE I 8 -3.90 -54.88 -6.49
N THR I 9 -2.84 -55.60 -6.87
CA THR I 9 -2.58 -55.86 -8.27
C THR I 9 -3.62 -56.79 -8.89
N GLY I 10 -4.39 -57.53 -8.10
CA GLY I 10 -5.41 -58.40 -8.66
C GLY I 10 -6.81 -58.08 -8.17
N VAL I 11 -7.72 -59.03 -8.33
CA VAL I 11 -9.08 -58.87 -7.82
C VAL I 11 -9.10 -59.24 -6.34
N VAL I 12 -9.70 -58.36 -5.52
CA VAL I 12 -9.64 -58.47 -4.07
C VAL I 12 -11.06 -58.62 -3.55
N PRO I 13 -11.35 -59.64 -2.75
CA PRO I 13 -12.69 -59.74 -2.14
C PRO I 13 -12.90 -58.67 -1.08
N ILE I 14 -14.12 -58.17 -0.99
CA ILE I 14 -14.48 -57.08 -0.11
C ILE I 14 -15.61 -57.53 0.80
N LEU I 15 -15.50 -57.20 2.08
CA LEU I 15 -16.57 -57.36 3.04
C LEU I 15 -16.86 -56.01 3.68
N VAL I 16 -18.14 -55.63 3.73
CA VAL I 16 -18.55 -54.38 4.36
C VAL I 16 -19.61 -54.71 5.42
N GLU I 17 -19.42 -54.17 6.63
CA GLU I 17 -20.34 -54.35 7.74
C GLU I 17 -20.58 -52.98 8.37
N LEU I 18 -21.84 -52.56 8.42
CA LEU I 18 -22.20 -51.27 8.98
C LEU I 18 -23.27 -51.47 10.06
N ASP I 19 -23.05 -50.87 11.22
CA ASP I 19 -24.08 -50.75 12.25
C ASP I 19 -24.46 -49.27 12.39
N GLY I 20 -25.74 -48.97 12.21
CA GLY I 20 -26.19 -47.61 12.16
C GLY I 20 -27.38 -47.35 13.09
N ASP I 21 -27.53 -46.08 13.43
CA ASP I 21 -28.65 -45.61 14.24
C ASP I 21 -28.92 -44.17 13.83
N VAL I 22 -30.07 -43.93 13.20
CA VAL I 22 -30.47 -42.60 12.76
C VAL I 22 -31.79 -42.26 13.44
N ASN I 23 -31.77 -41.23 14.29
CA ASN I 23 -32.96 -40.81 15.04
C ASN I 23 -33.59 -41.98 15.82
N GLY I 24 -32.73 -42.86 16.34
CA GLY I 24 -33.19 -44.00 17.11
C GLY I 24 -33.53 -45.25 16.31
N HIS I 25 -33.63 -45.14 14.98
CA HIS I 25 -33.92 -46.29 14.15
C HIS I 25 -32.63 -47.08 13.93
N LYS I 26 -32.55 -48.27 14.50
CA LYS I 26 -31.34 -49.07 14.39
C LYS I 26 -31.42 -49.96 13.15
N PHE I 27 -30.28 -50.14 12.50
CA PHE I 27 -30.25 -50.98 11.32
C PHE I 27 -28.83 -51.47 11.10
N SER I 28 -28.71 -52.52 10.29
CA SER I 28 -27.42 -53.12 9.97
C SER I 28 -27.38 -53.44 8.48
N VAL I 29 -26.22 -53.21 7.87
CA VAL I 29 -26.01 -53.46 6.46
C VAL I 29 -24.78 -54.36 6.31
N ARG I 30 -24.90 -55.36 5.46
CA ARG I 30 -23.80 -56.23 5.10
C ARG I 30 -23.60 -56.21 3.58
N GLY I 31 -22.36 -56.06 3.15
CA GLY I 31 -22.04 -56.04 1.75
C GLY I 31 -20.86 -56.92 1.42
N GLU I 32 -20.90 -57.51 0.24
CA GLU I 32 -19.82 -58.34 -0.27
C GLU I 32 -19.66 -58.13 -1.77
N GLY I 33 -18.45 -58.37 -2.25
CA GLY I 33 -18.15 -58.21 -3.65
C GLY I 33 -16.64 -58.20 -3.84
N GLU I 34 -16.21 -57.52 -4.90
CA GLU I 34 -14.80 -57.51 -5.21
C GLU I 34 -14.39 -56.16 -5.80
N GLY I 35 -13.12 -55.81 -5.57
CA GLY I 35 -12.56 -54.58 -6.09
C GLY I 35 -11.34 -54.86 -6.94
N ASP I 36 -11.17 -54.06 -7.98
CA ASP I 36 -10.13 -54.23 -8.97
C ASP I 36 -9.43 -52.88 -9.12
N ALA I 37 -8.48 -52.61 -8.23
CA ALA I 37 -7.84 -51.30 -8.17
C ALA I 37 -7.12 -50.96 -9.46
N THR I 38 -6.58 -51.98 -10.14
CA THR I 38 -5.91 -51.78 -11.42
C THR I 38 -6.78 -50.98 -12.39
N ASN I 39 -8.10 -51.23 -12.38
CA ASN I 39 -9.03 -50.51 -13.24
C ASN I 39 -9.95 -49.59 -12.45
N GLY I 40 -9.64 -49.30 -11.19
CA GLY I 40 -10.48 -48.44 -10.38
C GLY I 40 -11.91 -48.92 -10.22
N LYS I 41 -12.12 -50.23 -10.17
CA LYS I 41 -13.43 -50.85 -10.32
C LYS I 41 -13.86 -51.53 -9.01
N LEU I 42 -15.13 -51.35 -8.66
CA LEU I 42 -15.73 -52.04 -7.52
C LEU I 42 -17.11 -52.56 -7.89
N THR I 43 -17.44 -53.76 -7.43
CA THR I 43 -18.77 -54.35 -7.59
C THR I 43 -19.21 -54.87 -6.23
N LEU I 44 -20.34 -54.36 -5.73
CA LEU I 44 -20.83 -54.75 -4.41
C LEU I 44 -22.33 -54.97 -4.44
N LYS I 45 -22.77 -55.91 -3.62
CA LYS I 45 -24.18 -56.08 -3.26
C LYS I 45 -24.32 -55.86 -1.76
N PHE I 46 -25.22 -54.96 -1.37
CA PHE I 46 -25.46 -54.68 0.03
C PHE I 46 -26.85 -55.17 0.42
N ILE I 47 -26.95 -55.70 1.64
CA ILE I 47 -28.21 -56.22 2.19
C ILE I 47 -28.47 -55.51 3.51
N CYS I 48 -29.69 -55.02 3.69
CA CYS I 48 -30.12 -54.61 5.01
C CYS I 48 -30.56 -55.85 5.78
N THR I 49 -29.84 -56.16 6.86
CA THR I 49 -30.09 -57.38 7.60
C THR I 49 -31.11 -57.21 8.72
N THR I 50 -31.57 -56.00 8.98
CA THR I 50 -32.50 -55.72 10.07
C THR I 50 -33.92 -55.42 9.58
N GLY I 51 -34.20 -55.63 8.29
CA GLY I 51 -35.52 -55.33 7.77
C GLY I 51 -35.53 -54.25 6.72
N LYS I 52 -36.34 -53.21 6.92
CA LYS I 52 -36.39 -52.10 5.98
C LYS I 52 -35.36 -51.04 6.39
N LEU I 53 -34.63 -50.56 5.40
CA LEU I 53 -33.64 -49.52 5.66
C LEU I 53 -34.36 -48.23 6.04
N PRO I 54 -34.05 -47.63 7.19
CA PRO I 54 -34.74 -46.41 7.61
C PRO I 54 -34.30 -45.15 6.88
N VAL I 55 -33.26 -45.22 6.06
CA VAL I 55 -32.77 -44.08 5.28
C VAL I 55 -32.64 -44.53 3.84
N PRO I 56 -32.62 -43.61 2.88
CA PRO I 56 -32.48 -44.03 1.48
C PRO I 56 -31.09 -44.57 1.21
N TRP I 57 -31.04 -45.62 0.39
CA TRP I 57 -29.77 -46.24 0.01
C TRP I 57 -28.75 -45.25 -0.54
N PRO I 58 -29.10 -44.28 -1.40
CA PRO I 58 -28.06 -43.35 -1.88
C PRO I 58 -27.36 -42.56 -0.78
N THR I 59 -28.00 -42.33 0.37
CA THR I 59 -27.33 -41.59 1.44
C THR I 59 -26.26 -42.41 2.15
N LEU I 60 -26.19 -43.71 1.89
CA LEU I 60 -25.19 -44.57 2.50
C LEU I 60 -24.04 -44.93 1.56
N VAL I 61 -24.13 -44.53 0.29
CA VAL I 61 -23.13 -44.96 -0.71
C VAL I 61 -21.73 -44.54 -0.29
N THR I 62 -21.56 -43.27 0.07
CA THR I 62 -20.21 -42.78 0.40
C THR I 62 -19.65 -43.48 1.64
N THR I 63 -20.53 -43.85 2.58
CA THR I 63 -20.08 -44.55 3.78
C THR I 63 -19.67 -45.97 3.47
N LEU I 64 -20.41 -46.65 2.59
CA LEU I 64 -20.12 -48.04 2.24
C LEU I 64 -18.96 -48.19 1.27
N THR I 65 -18.85 -47.31 0.24
CA THR I 65 -17.87 -47.54 -0.83
C THR I 65 -17.01 -46.33 -1.19
N TYR I 66 -17.50 -45.09 -1.02
CA TYR I 66 -16.39 -44.15 -0.87
C TYR I 66 -15.73 -44.36 0.48
N GLY I 67 -16.11 -45.49 1.10
CA GLY I 67 -15.49 -46.08 2.26
C GLY I 67 -14.39 -47.06 1.99
N VAL I 68 -14.16 -47.43 0.72
CA VAL I 68 -13.01 -48.28 0.39
C VAL I 68 -12.24 -47.62 -0.76
N GLN I 69 -11.78 -46.40 -0.54
CA GLN I 69 -11.10 -45.64 -1.58
C GLN I 69 -9.72 -46.19 -1.91
N CYS I 70 -9.26 -47.24 -1.22
CA CYS I 70 -8.04 -47.93 -1.63
C CYS I 70 -8.17 -48.64 -2.97
N PHE I 71 -9.38 -48.75 -3.52
CA PHE I 71 -9.57 -49.33 -4.85
C PHE I 71 -9.59 -48.27 -5.94
N SER I 72 -9.31 -47.02 -5.61
CA SER I 72 -9.14 -46.01 -6.66
C SER I 72 -7.96 -46.38 -7.53
N ARG I 73 -8.06 -46.04 -8.81
CA ARG I 73 -6.96 -46.22 -9.74
C ARG I 73 -6.13 -44.94 -9.78
N TYR I 74 -4.91 -45.01 -9.30
CA TYR I 74 -3.97 -43.90 -9.42
C TYR I 74 -3.13 -44.08 -10.67
N PRO I 75 -3.13 -43.13 -11.60
CA PRO I 75 -2.21 -43.21 -12.74
C PRO I 75 -0.78 -43.39 -12.26
N ASP I 76 0.04 -44.05 -13.10
CA ASP I 76 1.37 -44.49 -12.66
C ASP I 76 2.16 -43.36 -11.99
N HIS I 77 2.20 -42.18 -12.61
CA HIS I 77 3.01 -41.11 -12.04
C HIS I 77 2.40 -40.50 -10.78
N MET I 78 1.12 -40.77 -10.50
CA MET I 78 0.48 -40.30 -9.28
C MET I 78 0.49 -41.33 -8.16
N LYS I 79 1.07 -42.51 -8.38
CA LYS I 79 1.07 -43.54 -7.35
C LYS I 79 1.83 -43.10 -6.10
N ARG I 80 2.71 -42.10 -6.21
CA ARG I 80 3.35 -41.53 -5.04
C ARG I 80 2.38 -40.79 -4.11
N HIS I 81 1.14 -40.54 -4.55
CA HIS I 81 0.17 -39.80 -3.73
C HIS I 81 -0.89 -40.71 -3.12
N ASP I 82 -0.77 -42.03 -3.25
CA ASP I 82 -1.85 -42.94 -2.88
C ASP I 82 -1.69 -43.32 -1.42
N PHE I 83 -2.30 -42.52 -0.54
CA PHE I 83 -2.27 -42.82 0.89
C PHE I 83 -2.96 -44.14 1.20
N PHE I 84 -4.08 -44.40 0.54
CA PHE I 84 -4.98 -45.47 0.96
C PHE I 84 -4.30 -46.84 0.90
N LYS I 85 -3.68 -47.16 -0.24
CA LYS I 85 -2.99 -48.43 -0.35
C LYS I 85 -1.74 -48.48 0.54
N SER I 86 -1.10 -47.33 0.79
CA SER I 86 0.14 -47.36 1.55
C SER I 86 -0.08 -47.75 3.00
N ALA I 87 -1.25 -47.54 3.54
CA ALA I 87 -1.56 -47.92 4.88
C ALA I 87 -1.90 -49.40 5.05
N MET I 88 -2.17 -50.09 3.99
CA MET I 88 -2.43 -51.50 4.03
C MET I 88 -1.15 -52.30 4.28
N PRO I 89 -1.26 -53.43 4.96
CA PRO I 89 -2.50 -54.12 5.29
C PRO I 89 -3.09 -53.77 6.63
N GLU I 90 -2.33 -53.14 7.48
CA GLU I 90 -2.84 -52.72 8.78
C GLU I 90 -4.05 -51.81 8.61
N GLY I 91 -4.04 -50.96 7.60
CA GLY I 91 -5.23 -50.22 7.22
C GLY I 91 -5.29 -48.83 7.80
N TYR I 92 -6.49 -48.25 7.70
CA TYR I 92 -6.69 -46.88 8.15
C TYR I 92 -8.09 -46.74 8.76
N VAL I 93 -8.23 -45.69 9.55
CA VAL I 93 -9.50 -45.27 10.12
C VAL I 93 -10.06 -44.18 9.23
N GLN I 94 -11.33 -44.31 8.85
CA GLN I 94 -12.02 -43.30 8.06
C GLN I 94 -13.17 -42.75 8.88
N GLU I 95 -13.13 -41.45 9.14
CA GLU I 95 -14.16 -40.76 9.91
C GLU I 95 -14.77 -39.65 9.07
N ARG I 96 -16.09 -39.51 9.16
CA ARG I 96 -16.79 -38.51 8.39
C ARG I 96 -17.85 -37.81 9.22
N THR I 97 -18.08 -36.56 8.88
CA THR I 97 -19.33 -35.88 9.16
C THR I 97 -20.00 -35.60 7.83
N ILE I 98 -21.25 -36.07 7.68
CA ILE I 98 -22.04 -35.80 6.48
C ILE I 98 -23.21 -34.93 6.93
N SER I 99 -23.24 -33.70 6.46
CA SER I 99 -24.22 -32.71 6.89
C SER I 99 -25.23 -32.52 5.76
N PHE I 100 -26.47 -32.96 6.00
CA PHE I 100 -27.53 -32.81 5.02
C PHE I 100 -28.17 -31.43 5.19
N LYS I 101 -28.18 -30.65 4.11
CA LYS I 101 -28.70 -29.29 4.15
C LYS I 101 -30.15 -29.29 4.63
N ASP I 102 -30.41 -28.47 5.66
CA ASP I 102 -31.76 -28.32 6.25
C ASP I 102 -32.29 -29.63 6.83
N ASP I 103 -31.41 -30.54 7.23
CA ASP I 103 -31.84 -31.82 7.82
C ASP I 103 -30.74 -32.27 8.79
N GLY I 104 -30.69 -33.58 9.05
CA GLY I 104 -29.78 -34.10 10.05
C GLY I 104 -28.36 -34.22 9.56
N THR I 105 -27.54 -34.92 10.36
CA THR I 105 -26.14 -35.15 10.05
C THR I 105 -25.79 -36.58 10.40
N TYR I 106 -24.97 -37.21 9.55
CA TYR I 106 -24.35 -38.49 9.88
C TYR I 106 -22.97 -38.23 10.47
N LYS I 107 -22.59 -39.04 11.44
CA LYS I 107 -21.20 -39.15 11.87
C LYS I 107 -20.82 -40.62 11.79
N THR I 108 -19.69 -40.89 11.14
CA THR I 108 -19.25 -42.25 10.88
C THR I 108 -17.81 -42.44 11.30
N ARG I 109 -17.50 -43.65 11.75
CA ARG I 109 -16.14 -44.07 12.00
C ARG I 109 -16.02 -45.48 11.45
N ALA I 110 -15.02 -45.69 10.60
CA ALA I 110 -14.82 -46.94 9.91
C ALA I 110 -13.36 -47.32 9.97
N GLU I 111 -13.10 -48.62 9.95
CA GLU I 111 -11.76 -49.15 9.82
C GLU I 111 -11.69 -49.99 8.55
N VAL I 112 -10.72 -49.67 7.69
CA VAL I 112 -10.52 -50.40 6.45
C VAL I 112 -9.17 -51.10 6.54
N LYS I 113 -9.17 -52.42 6.37
CA LYS I 113 -7.97 -53.21 6.58
C LYS I 113 -8.14 -54.58 5.93
N PHE I 114 -7.02 -55.22 5.65
CA PHE I 114 -7.03 -56.61 5.21
C PHE I 114 -7.16 -57.55 6.39
N GLU I 115 -7.98 -58.57 6.23
CA GLU I 115 -8.03 -59.72 7.13
C GLU I 115 -7.81 -60.93 6.24
N GLY I 116 -6.61 -61.51 6.33
CA GLY I 116 -6.20 -62.44 5.30
C GLY I 116 -6.19 -61.74 3.97
N ASP I 117 -6.79 -62.37 2.97
CA ASP I 117 -6.84 -61.83 1.62
C ASP I 117 -8.10 -61.01 1.35
N THR I 118 -8.89 -60.70 2.37
CA THR I 118 -10.14 -59.97 2.20
C THR I 118 -9.97 -58.56 2.74
N LEU I 119 -10.37 -57.57 1.94
CA LEU I 119 -10.41 -56.19 2.42
C LEU I 119 -11.75 -55.97 3.14
N VAL I 120 -11.68 -55.53 4.39
CA VAL I 120 -12.86 -55.44 5.24
C VAL I 120 -13.08 -53.98 5.61
N ASN I 121 -14.32 -53.51 5.49
CA ASN I 121 -14.71 -52.16 5.86
C ASN I 121 -15.81 -52.24 6.91
N ARG I 122 -15.47 -51.98 8.17
CA ARG I 122 -16.45 -52.03 9.27
C ARG I 122 -16.72 -50.62 9.76
N ILE I 123 -18.00 -50.24 9.77
CA ILE I 123 -18.42 -48.86 9.95
C ILE I 123 -19.38 -48.76 11.13
N GLU I 124 -19.22 -47.72 11.94
CA GLU I 124 -20.21 -47.34 12.91
C GLU I 124 -20.80 -46.00 12.46
N LEU I 125 -22.13 -45.90 12.46
CA LEU I 125 -22.79 -44.70 11.96
C LEU I 125 -23.87 -44.25 12.94
N LYS I 126 -23.83 -42.99 13.35
CA LYS I 126 -24.86 -42.37 14.18
C LYS I 126 -25.46 -41.19 13.43
N GLY I 127 -26.79 -41.16 13.33
CA GLY I 127 -27.49 -40.05 12.71
C GLY I 127 -28.46 -39.32 13.61
N ILE I 128 -28.34 -37.98 13.68
CA ILE I 128 -29.14 -37.17 14.59
C ILE I 128 -29.78 -36.00 13.87
N ASP I 129 -30.89 -35.52 14.45
CA ASP I 129 -31.55 -34.26 14.08
C ASP I 129 -32.20 -34.33 12.71
N PHE I 130 -32.68 -35.50 12.31
CA PHE I 130 -33.36 -35.64 11.03
C PHE I 130 -34.84 -35.37 11.18
N LYS I 131 -35.43 -34.77 10.15
CA LYS I 131 -36.86 -34.48 10.12
C LYS I 131 -37.65 -35.74 9.79
N GLU I 132 -38.68 -36.00 10.60
CA GLU I 132 -39.44 -37.23 10.44
C GLU I 132 -40.12 -37.29 9.08
N ASP I 133 -40.42 -36.12 8.52
CA ASP I 133 -41.02 -35.96 7.19
C ASP I 133 -40.08 -35.29 6.19
N GLY I 134 -38.77 -35.31 6.44
CA GLY I 134 -37.81 -34.75 5.52
C GLY I 134 -37.51 -35.69 4.36
N ASN I 135 -36.47 -35.32 3.59
CA ASN I 135 -36.12 -36.10 2.42
C ASN I 135 -35.51 -37.45 2.77
N ILE I 136 -34.84 -37.54 3.93
CA ILE I 136 -34.08 -38.74 4.28
C ILE I 136 -35.02 -39.73 4.96
N LEU I 137 -35.59 -39.36 6.11
CA LEU I 137 -36.49 -40.28 6.79
C LEU I 137 -37.78 -40.50 6.01
N GLY I 138 -38.17 -39.57 5.15
CA GLY I 138 -39.33 -39.76 4.30
C GLY I 138 -39.10 -40.52 3.02
N HIS I 139 -37.87 -40.97 2.76
CA HIS I 139 -37.53 -41.72 1.55
C HIS I 139 -37.99 -40.99 0.28
N LYS I 140 -37.54 -39.75 0.14
CA LYS I 140 -37.93 -38.91 -0.99
C LYS I 140 -36.84 -38.72 -2.01
N LEU I 141 -35.77 -39.52 -1.95
CA LEU I 141 -34.65 -39.39 -2.87
C LEU I 141 -34.76 -40.41 -3.99
N GLU I 142 -34.39 -39.99 -5.20
CA GLU I 142 -34.37 -40.92 -6.32
C GLU I 142 -33.26 -41.96 -6.11
N TYR I 143 -33.44 -43.12 -6.73
CA TYR I 143 -32.50 -44.22 -6.59
C TYR I 143 -31.40 -44.14 -7.66
N ASN I 144 -30.61 -43.08 -7.56
CA ASN I 144 -29.46 -42.92 -8.43
C ASN I 144 -28.35 -42.22 -7.64
N PHE I 145 -27.21 -42.04 -8.30
CA PHE I 145 -26.04 -41.46 -7.65
C PHE I 145 -25.20 -40.80 -8.72
N ASN I 146 -24.99 -39.49 -8.59
CA ASN I 146 -24.29 -38.75 -9.62
C ASN I 146 -22.78 -38.97 -9.52
N SER I 147 -22.06 -38.50 -10.53
CA SER I 147 -20.61 -38.55 -10.49
C SER I 147 -20.08 -37.33 -9.73
N HIS I 148 -19.03 -37.54 -8.94
CA HIS I 148 -18.50 -36.50 -8.08
C HIS I 148 -16.98 -36.46 -8.15
N ASN I 149 -16.42 -35.35 -7.68
CA ASN I 149 -14.97 -35.14 -7.59
C ASN I 149 -14.60 -34.91 -6.13
N VAL I 150 -13.82 -35.84 -5.58
CA VAL I 150 -13.47 -35.86 -4.16
C VAL I 150 -12.10 -35.21 -3.98
N TYR I 151 -12.09 -34.05 -3.33
CA TYR I 151 -10.88 -33.28 -3.11
C TYR I 151 -10.08 -33.83 -1.93
N ILE I 152 -8.81 -34.17 -2.17
CA ILE I 152 -7.94 -34.80 -1.17
C ILE I 152 -6.74 -33.90 -0.90
N THR I 153 -6.43 -33.72 0.39
CA THR I 153 -5.28 -32.92 0.80
C THR I 153 -4.59 -33.64 1.95
N ALA I 154 -3.30 -33.35 2.12
CA ALA I 154 -2.54 -34.01 3.18
C ALA I 154 -2.87 -33.43 4.55
N ASP I 155 -2.76 -34.28 5.58
CA ASP I 155 -2.93 -33.88 6.97
C ASP I 155 -1.66 -34.33 7.70
N LYS I 156 -0.61 -33.52 7.59
CA LYS I 156 0.69 -33.91 8.14
C LYS I 156 0.66 -34.00 9.66
N GLN I 157 -0.17 -33.19 10.32
CA GLN I 157 -0.24 -33.26 11.78
C GLN I 157 -0.66 -34.64 12.26
N LYS I 158 -1.58 -35.29 11.55
CA LYS I 158 -2.08 -36.61 11.95
C LYS I 158 -1.56 -37.74 11.07
N ASN I 159 -0.55 -37.49 10.24
CA ASN I 159 0.03 -38.53 9.39
C ASN I 159 -1.01 -39.17 8.46
N GLY I 160 -1.99 -38.38 8.03
CA GLY I 160 -3.03 -38.87 7.15
C GLY I 160 -3.48 -37.88 6.10
N ILE I 161 -4.76 -37.92 5.75
CA ILE I 161 -5.33 -37.07 4.72
C ILE I 161 -6.69 -36.55 5.18
N LYS I 162 -7.18 -35.54 4.46
CA LYS I 162 -8.54 -35.06 4.61
C LYS I 162 -9.20 -35.05 3.24
N ALA I 163 -10.53 -35.07 3.24
CA ALA I 163 -11.29 -34.97 2.01
C ALA I 163 -12.53 -34.12 2.23
N ASN I 164 -12.91 -33.37 1.19
CA ASN I 164 -14.12 -32.55 1.22
C ASN I 164 -14.82 -32.66 -0.12
N PHE I 165 -16.13 -32.89 -0.09
CA PHE I 165 -16.95 -32.89 -1.29
C PHE I 165 -18.40 -32.76 -0.88
N LYS I 166 -19.23 -32.23 -1.78
CA LYS I 166 -20.65 -32.05 -1.55
C LYS I 166 -21.41 -32.90 -2.54
N ILE I 167 -22.19 -33.85 -2.03
CA ILE I 167 -23.03 -34.71 -2.86
C ILE I 167 -24.36 -34.01 -3.13
N ARG I 168 -24.87 -34.17 -4.35
CA ARG I 168 -26.17 -33.61 -4.76
C ARG I 168 -27.14 -34.78 -5.01
N HIS I 169 -27.89 -35.15 -3.96
CA HIS I 169 -28.92 -36.19 -4.08
C HIS I 169 -30.17 -35.65 -4.78
N ASN I 170 -30.56 -36.26 -5.88
CA ASN I 170 -31.81 -35.91 -6.54
C ASN I 170 -33.01 -36.27 -5.66
N VAL I 171 -33.93 -35.31 -5.52
CA VAL I 171 -35.18 -35.49 -4.79
C VAL I 171 -36.28 -35.83 -5.79
N GLU I 172 -37.32 -36.53 -5.32
CA GLU I 172 -38.38 -36.98 -6.22
C GLU I 172 -39.08 -35.83 -6.93
N ASP I 173 -39.21 -34.68 -6.27
CA ASP I 173 -39.88 -33.54 -6.89
C ASP I 173 -39.00 -32.82 -7.92
N GLY I 174 -37.75 -33.22 -8.08
CA GLY I 174 -36.83 -32.55 -9.00
C GLY I 174 -35.80 -31.68 -8.32
N SER I 175 -36.02 -31.30 -7.07
CA SER I 175 -35.05 -30.48 -6.35
C SER I 175 -33.84 -31.33 -5.98
N VAL I 176 -32.94 -30.77 -5.17
CA VAL I 176 -31.67 -31.41 -4.84
C VAL I 176 -31.47 -31.33 -3.34
N GLN I 177 -30.97 -32.43 -2.76
CA GLN I 177 -30.66 -32.52 -1.33
C GLN I 177 -29.14 -32.57 -1.18
N LEU I 178 -28.57 -31.53 -0.58
CA LEU I 178 -27.13 -31.44 -0.44
C LEU I 178 -26.66 -32.28 0.73
N ALA I 179 -25.51 -32.94 0.56
CA ALA I 179 -24.89 -33.73 1.61
C ALA I 179 -23.42 -33.30 1.66
N ASP I 180 -23.09 -32.47 2.63
CA ASP I 180 -21.76 -31.89 2.78
C ASP I 180 -20.87 -32.88 3.53
N HIS I 181 -19.83 -33.36 2.87
CA HIS I 181 -18.97 -34.43 3.42
C HIS I 181 -17.65 -33.87 3.93
N TYR I 182 -17.31 -34.19 5.18
CA TYR I 182 -16.03 -33.86 5.78
C TYR I 182 -15.37 -35.15 6.23
N GLN I 183 -14.16 -35.41 5.75
CA GLN I 183 -13.53 -36.71 5.88
C GLN I 183 -12.10 -36.58 6.41
N GLN I 184 -11.73 -37.52 7.28
CA GLN I 184 -10.39 -37.66 7.83
C GLN I 184 -10.00 -39.12 7.79
N ASN I 185 -8.80 -39.41 7.30
CA ASN I 185 -8.24 -40.75 7.33
C ASN I 185 -6.90 -40.69 8.07
N THR I 186 -6.67 -41.68 8.93
CA THR I 186 -5.43 -41.81 9.68
C THR I 186 -5.01 -43.27 9.67
N PRO I 187 -3.70 -43.54 9.58
CA PRO I 187 -3.24 -44.93 9.49
C PRO I 187 -3.39 -45.66 10.81
N ILE I 188 -3.71 -46.96 10.70
CA ILE I 188 -3.79 -47.80 11.89
C ILE I 188 -2.41 -48.23 12.35
N GLY I 189 -1.55 -48.65 11.42
CA GLY I 189 -0.22 -49.11 11.75
C GLY I 189 0.73 -47.97 12.01
N ASP I 190 1.97 -48.33 12.36
CA ASP I 190 3.01 -47.36 12.63
C ASP I 190 4.00 -47.23 11.48
N GLY I 191 3.89 -48.09 10.46
CA GLY I 191 4.79 -48.03 9.33
C GLY I 191 4.59 -46.77 8.52
N PRO I 192 5.50 -46.51 7.59
CA PRO I 192 5.41 -45.29 6.78
C PRO I 192 4.26 -45.38 5.80
N VAL I 193 3.65 -44.23 5.53
CA VAL I 193 2.56 -44.11 4.58
C VAL I 193 2.90 -42.98 3.63
N LEU I 194 2.21 -42.96 2.49
CA LEU I 194 2.39 -41.89 1.51
C LEU I 194 1.42 -40.75 1.83
N LEU I 195 1.95 -39.53 1.93
CA LEU I 195 1.13 -38.35 2.13
C LEU I 195 1.03 -37.60 0.82
N PRO I 196 -0.16 -37.32 0.32
CA PRO I 196 -0.30 -36.78 -1.05
C PRO I 196 -0.20 -35.27 -1.11
N ASP I 197 0.18 -34.79 -2.29
CA ASP I 197 -0.09 -33.42 -2.65
C ASP I 197 -1.54 -33.31 -3.12
N ASN I 198 -2.03 -32.06 -3.23
CA ASN I 198 -3.43 -31.85 -3.59
C ASN I 198 -3.77 -32.55 -4.90
N HIS I 199 -4.87 -33.29 -4.87
CA HIS I 199 -5.39 -33.94 -6.07
C HIS I 199 -6.86 -34.24 -5.81
N TYR I 200 -7.50 -34.99 -6.72
CA TYR I 200 -8.86 -35.39 -6.48
C TYR I 200 -9.12 -36.76 -7.08
N LEU I 201 -10.17 -37.41 -6.57
CA LEU I 201 -10.66 -38.66 -7.10
C LEU I 201 -11.92 -38.37 -7.91
N SER I 202 -11.93 -38.83 -9.15
CA SER I 202 -13.09 -38.69 -10.02
C SER I 202 -13.89 -39.99 -9.96
N THR I 203 -15.12 -39.90 -9.46
CA THR I 203 -15.92 -41.08 -9.16
C THR I 203 -17.19 -41.11 -10.00
N GLN I 204 -17.57 -42.32 -10.41
CA GLN I 204 -18.84 -42.57 -11.08
C GLN I 204 -19.45 -43.84 -10.53
N SER I 205 -20.77 -43.84 -10.41
CA SER I 205 -21.50 -44.92 -9.76
C SER I 205 -22.77 -45.21 -10.54
N VAL I 206 -23.17 -46.48 -10.52
CA VAL I 206 -24.50 -46.85 -10.99
C VAL I 206 -25.11 -47.82 -9.97
N LEU I 207 -26.35 -47.52 -9.53
CA LEU I 207 -27.06 -48.30 -8.53
C LEU I 207 -28.16 -49.14 -9.18
N SER I 208 -28.30 -50.39 -8.74
CA SER I 208 -29.27 -51.26 -9.37
C SER I 208 -29.85 -52.21 -8.33
N LYS I 209 -30.76 -53.07 -8.79
CA LYS I 209 -31.43 -54.05 -7.96
C LYS I 209 -31.19 -55.44 -8.52
N ASP I 210 -31.20 -56.43 -7.63
CA ASP I 210 -31.13 -57.83 -8.00
C ASP I 210 -32.54 -58.38 -7.98
N PRO I 211 -33.09 -58.80 -9.13
CA PRO I 211 -34.49 -59.24 -9.15
C PRO I 211 -34.76 -60.45 -8.25
N ASN I 212 -33.75 -61.24 -7.91
CA ASN I 212 -34.00 -62.39 -7.04
C ASN I 212 -33.93 -62.05 -5.57
N GLU I 213 -33.37 -60.89 -5.21
CA GLU I 213 -33.19 -60.56 -3.80
C GLU I 213 -34.42 -59.77 -3.35
N LYS I 214 -35.21 -60.37 -2.45
CA LYS I 214 -36.41 -59.73 -1.93
C LYS I 214 -36.15 -58.90 -0.68
N ARG I 215 -35.04 -59.12 0.01
CA ARG I 215 -34.72 -58.23 1.12
C ARG I 215 -34.32 -56.87 0.56
N ASP I 216 -34.45 -55.84 1.40
CA ASP I 216 -33.99 -54.51 1.02
C ASP I 216 -32.49 -54.53 0.75
N HIS I 217 -32.09 -54.07 -0.43
CA HIS I 217 -30.73 -54.29 -0.90
C HIS I 217 -30.35 -53.20 -1.92
N MET I 218 -29.06 -53.15 -2.24
CA MET I 218 -28.53 -52.25 -3.25
C MET I 218 -27.36 -52.92 -3.94
N VAL I 219 -27.35 -52.90 -5.28
CA VAL I 219 -26.22 -53.35 -6.07
C VAL I 219 -25.50 -52.11 -6.60
N LEU I 220 -24.17 -52.12 -6.53
CA LEU I 220 -23.39 -50.93 -6.82
C LEU I 220 -22.24 -51.29 -7.75
N LEU I 221 -22.06 -50.50 -8.80
CA LEU I 221 -20.87 -50.55 -9.63
C LEU I 221 -20.24 -49.16 -9.62
N GLU I 222 -18.91 -49.12 -9.47
CA GLU I 222 -18.21 -47.87 -9.19
C GLU I 222 -16.85 -47.84 -9.89
N PHE I 223 -16.56 -46.70 -10.53
CA PHE I 223 -15.27 -46.43 -11.15
C PHE I 223 -14.68 -45.16 -10.56
N VAL I 224 -13.43 -45.24 -10.09
CA VAL I 224 -12.75 -44.12 -9.45
C VAL I 224 -11.35 -44.00 -10.01
N THR I 225 -10.95 -42.78 -10.36
CA THR I 225 -9.61 -42.52 -10.88
C THR I 225 -9.06 -41.26 -10.24
N ALA I 226 -7.81 -41.31 -9.80
CA ALA I 226 -7.17 -40.12 -9.26
C ALA I 226 -6.74 -39.19 -10.40
N ALA I 227 -6.71 -37.90 -10.11
CA ALA I 227 -6.46 -36.90 -11.14
C ALA I 227 -5.98 -35.61 -10.49
N GLY I 228 -5.52 -34.68 -11.33
CA GLY I 228 -5.28 -33.30 -10.90
C GLY I 228 -3.83 -32.86 -10.90
N ILE I 229 -2.89 -33.79 -11.04
CA ILE I 229 -1.45 -33.48 -11.06
C ILE I 229 -0.87 -33.92 -12.40
N THR I 230 -0.09 -33.03 -13.03
CA THR I 230 0.45 -33.38 -14.34
C THR I 230 1.61 -34.36 -14.21
N HIS I 231 1.93 -35.00 -15.35
CA HIS I 231 3.12 -35.84 -15.41
C HIS I 231 4.37 -35.02 -15.11
N GLY I 232 4.44 -33.80 -15.65
CA GLY I 232 5.60 -32.95 -15.39
C GLY I 232 5.75 -32.59 -13.92
N MET I 233 4.63 -32.33 -13.23
CA MET I 233 4.72 -31.98 -11.82
C MET I 233 5.23 -33.16 -10.99
N ASP I 234 4.78 -34.37 -11.29
CA ASP I 234 5.22 -35.53 -10.52
C ASP I 234 6.68 -35.89 -10.80
N GLU I 235 7.17 -35.66 -12.01
CA GLU I 235 8.60 -35.80 -12.26
C GLU I 235 9.39 -34.82 -11.42
N LEU I 236 8.90 -33.58 -11.30
CA LEU I 236 9.51 -32.62 -10.38
C LEU I 236 9.52 -33.17 -8.96
N TYR I 237 8.34 -33.36 -8.37
CA TYR I 237 8.19 -34.02 -7.06
C TYR I 237 9.19 -35.14 -6.84
N LYS I 238 9.40 -35.99 -7.85
CA LYS I 238 10.33 -37.11 -7.68
C LYS I 238 11.77 -36.61 -7.58
N LYS I 239 12.13 -35.60 -8.38
CA LYS I 239 13.45 -34.99 -8.23
C LYS I 239 13.59 -34.31 -6.87
N LEU I 240 12.65 -33.41 -6.53
CA LEU I 240 12.75 -32.69 -5.27
C LEU I 240 12.66 -33.62 -4.08
N GLY I 241 11.93 -34.73 -4.22
CA GLY I 241 11.85 -35.69 -3.13
C GLY I 241 13.17 -36.37 -2.81
N GLY I 242 14.15 -36.27 -3.69
CA GLY I 242 15.42 -36.90 -3.40
C GLY I 242 16.58 -35.97 -3.06
N GLU I 243 16.47 -34.66 -3.25
CA GLU I 243 17.67 -33.86 -3.04
C GLU I 243 17.79 -33.45 -1.57
N TYR I 244 18.93 -32.85 -1.25
CA TYR I 244 19.20 -32.32 0.08
C TYR I 244 18.95 -30.81 0.12
N PHE I 245 18.38 -30.35 1.21
CA PHE I 245 17.99 -28.95 1.41
C PHE I 245 18.66 -28.39 2.65
N THR I 246 19.34 -27.26 2.50
CA THR I 246 20.00 -26.58 3.61
C THR I 246 19.03 -25.66 4.35
N LEU I 247 18.83 -25.93 5.64
CA LEU I 247 18.00 -25.09 6.50
C LEU I 247 18.90 -24.25 7.41
N GLN I 248 18.59 -22.95 7.49
CA GLN I 248 19.33 -22.01 8.31
C GLN I 248 18.56 -21.78 9.61
N ILE I 249 19.22 -22.06 10.74
CA ILE I 249 18.60 -21.97 12.07
C ILE I 249 19.39 -20.98 12.92
N ARG I 250 18.67 -20.11 13.64
CA ARG I 250 19.25 -19.14 14.56
C ARG I 250 19.09 -19.61 16.00
N GLY I 251 20.21 -19.79 16.69
CA GLY I 251 20.23 -20.18 18.08
C GLY I 251 20.66 -21.62 18.25
N ARG I 252 21.60 -21.87 19.18
CA ARG I 252 22.14 -23.22 19.32
C ARG I 252 21.13 -24.19 19.87
N GLU I 253 20.34 -23.78 20.86
CA GLU I 253 19.35 -24.70 21.41
C GLU I 253 18.34 -25.10 20.36
N ARG I 254 17.84 -24.12 19.61
CA ARG I 254 16.88 -24.41 18.55
C ARG I 254 17.50 -25.30 17.47
N PHE I 255 18.77 -25.05 17.13
CA PHE I 255 19.50 -25.93 16.22
C PHE I 255 19.49 -27.36 16.75
N GLU I 256 20.28 -27.62 17.79
CA GLU I 256 20.33 -28.91 18.46
C GLU I 256 18.97 -29.62 18.57
N GLU I 257 17.88 -28.87 18.76
CA GLU I 257 16.56 -29.49 18.79
C GLU I 257 16.12 -29.93 17.39
N PHE I 258 16.29 -29.07 16.37
CA PHE I 258 16.03 -29.49 15.00
C PHE I 258 16.96 -30.64 14.59
N ARG I 259 18.23 -30.59 14.98
CA ARG I 259 19.15 -31.64 14.59
C ARG I 259 18.75 -33.00 15.18
N GLU I 260 18.29 -33.00 16.43
CA GLU I 260 17.91 -34.25 17.06
C GLU I 260 16.70 -34.87 16.37
N LYS I 261 15.73 -34.05 15.97
CA LYS I 261 14.57 -34.55 15.23
C LYS I 261 14.97 -35.04 13.84
N ASN I 262 15.87 -34.32 13.17
CA ASN I 262 16.35 -34.76 11.86
C ASN I 262 17.04 -36.12 11.95
N GLU I 263 17.90 -36.29 12.96
CA GLU I 263 18.64 -37.53 13.09
C GLU I 263 17.70 -38.70 13.35
N ALA I 264 16.63 -38.48 14.12
CA ALA I 264 15.66 -39.53 14.35
C ALA I 264 14.99 -39.97 13.06
N LEU I 265 14.56 -39.01 12.24
CA LEU I 265 13.89 -39.35 10.98
C LEU I 265 14.83 -40.08 10.02
N GLU I 266 16.08 -39.63 9.92
CA GLU I 266 17.04 -40.29 9.04
C GLU I 266 17.37 -41.68 9.54
N LEU I 267 17.31 -41.89 10.86
CA LEU I 267 17.59 -43.22 11.40
C LEU I 267 16.50 -44.21 10.99
N LYS I 268 15.23 -43.80 11.08
CA LYS I 268 14.12 -44.65 10.66
C LYS I 268 14.23 -45.07 9.20
N ASP I 269 14.60 -44.12 8.32
CA ASP I 269 14.82 -44.44 6.92
C ASP I 269 15.88 -45.52 6.77
N ALA I 270 17.00 -45.36 7.50
CA ALA I 270 18.07 -46.35 7.44
C ALA I 270 17.62 -47.69 8.03
N GLN I 271 16.70 -47.65 9.01
CA GLN I 271 16.20 -48.88 9.65
C GLN I 271 15.52 -49.81 8.65
N ALA I 272 14.74 -49.26 7.72
CA ALA I 272 14.13 -50.13 6.72
C ALA I 272 15.04 -50.39 5.53
N GLY I 273 16.27 -49.91 5.56
CA GLY I 273 17.16 -50.02 4.41
C GLY I 273 16.90 -48.99 3.35
N GLY I 274 16.34 -47.83 3.73
CA GLY I 274 15.93 -46.82 2.79
C GLY I 274 14.77 -47.21 1.90
N THR I 275 14.09 -48.32 2.21
CA THR I 275 13.13 -48.90 1.27
C THR I 275 11.95 -47.98 0.98
N CYS I 276 11.63 -47.07 1.90
CA CYS I 276 10.44 -46.24 1.81
C CYS I 276 10.71 -44.76 1.63
N PHE I 277 11.95 -44.34 1.37
CA PHE I 277 12.21 -42.90 1.45
C PHE I 277 11.53 -42.05 0.37
N ASN I 278 12.04 -42.06 -0.85
CA ASN I 278 11.42 -41.24 -1.89
C ASN I 278 10.64 -42.15 -2.83
N ALA I 279 9.80 -43.01 -2.25
CA ALA I 279 9.12 -44.04 -3.02
C ALA I 279 8.17 -43.44 -4.05
N SER I 280 8.14 -44.06 -5.22
CA SER I 280 7.22 -43.66 -6.27
C SER I 280 5.90 -44.41 -6.14
N HIS J 7 26.98 -19.61 20.60
CA HIS J 7 26.52 -19.60 21.99
C HIS J 7 24.99 -19.52 22.04
N HIS J 8 24.46 -18.57 22.82
CA HIS J 8 23.08 -18.62 23.29
C HIS J 8 22.06 -18.49 22.16
N GLU J 9 21.80 -17.26 21.69
CA GLU J 9 20.61 -16.98 20.91
C GLU J 9 20.87 -16.55 19.47
N LEU J 10 21.97 -15.85 19.20
CA LEU J 10 22.10 -15.13 17.94
C LEU J 10 22.89 -15.87 16.87
N GLU J 11 23.50 -17.01 17.19
CA GLU J 11 24.34 -17.70 16.23
C GLU J 11 23.52 -18.55 15.27
N TYR J 12 23.94 -18.56 14.00
CA TYR J 12 23.25 -19.29 12.94
C TYR J 12 23.92 -20.64 12.74
N PHE J 13 23.13 -21.64 12.37
CA PHE J 13 23.61 -22.99 12.11
C PHE J 13 22.95 -23.54 10.85
N THR J 14 23.58 -24.56 10.28
CA THR J 14 23.12 -25.19 9.05
C THR J 14 22.71 -26.63 9.35
N LEU J 15 21.60 -27.05 8.75
CA LEU J 15 21.08 -28.40 8.89
C LEU J 15 20.76 -28.93 7.50
N GLN J 16 21.26 -30.13 7.19
CA GLN J 16 20.99 -30.77 5.92
C GLN J 16 19.75 -31.65 6.06
N ILE J 17 18.69 -31.30 5.32
CA ILE J 17 17.42 -32.02 5.38
C ILE J 17 17.26 -32.79 4.06
N ARG J 18 16.87 -34.06 4.16
CA ARG J 18 16.76 -34.93 3.00
C ARG J 18 15.32 -34.92 2.48
N GLY J 19 15.12 -34.36 1.30
CA GLY J 19 13.86 -34.51 0.61
C GLY J 19 12.92 -33.33 0.80
N ARG J 20 12.09 -33.08 -0.22
CA ARG J 20 11.19 -31.93 -0.20
C ARG J 20 10.24 -31.97 0.99
N GLU J 21 9.56 -33.11 1.20
CA GLU J 21 8.53 -33.19 2.22
C GLU J 21 9.09 -32.88 3.60
N ARG J 22 10.19 -33.54 3.96
CA ARG J 22 10.81 -33.31 5.26
C ARG J 22 11.31 -31.87 5.39
N PHE J 23 11.90 -31.32 4.32
CA PHE J 23 12.41 -29.96 4.38
C PHE J 23 11.28 -28.95 4.54
N GLU J 24 10.17 -29.12 3.80
CA GLU J 24 9.06 -28.18 3.93
C GLU J 24 8.49 -28.19 5.33
N GLU J 25 8.50 -29.35 5.99
CA GLU J 25 8.02 -29.45 7.35
C GLU J 25 8.94 -28.71 8.32
N PHE J 26 10.26 -28.94 8.24
CA PHE J 26 11.17 -28.23 9.13
C PHE J 26 11.17 -26.73 8.85
N ARG J 27 11.19 -26.35 7.58
CA ARG J 27 11.26 -24.94 7.24
C ARG J 27 10.03 -24.18 7.72
N GLU J 28 8.87 -24.84 7.71
CA GLU J 28 7.64 -24.20 8.18
C GLU J 28 7.69 -23.98 9.70
N LYS J 29 8.07 -25.02 10.43
CA LYS J 29 8.18 -24.93 11.89
C LYS J 29 9.23 -23.91 12.29
N ASN J 30 10.38 -23.93 11.62
CA ASN J 30 11.41 -22.94 11.90
C ASN J 30 10.91 -21.53 11.63
N GLU J 31 10.11 -21.36 10.57
CA GLU J 31 9.59 -20.04 10.25
C GLU J 31 8.59 -19.56 11.30
N ALA J 32 7.75 -20.48 11.80
CA ALA J 32 6.81 -20.12 12.87
C ALA J 32 7.56 -19.72 14.14
N LEU J 33 8.65 -20.41 14.44
CA LEU J 33 9.49 -20.03 15.59
C LEU J 33 10.09 -18.65 15.37
N GLU J 34 10.61 -18.40 14.18
CA GLU J 34 11.18 -17.10 13.83
C GLU J 34 10.12 -16.00 13.74
N LEU J 35 8.83 -16.36 13.78
CA LEU J 35 7.77 -15.38 13.93
C LEU J 35 7.10 -15.39 15.29
N LYS J 36 7.35 -16.42 16.11
CA LYS J 36 6.85 -16.42 17.48
C LYS J 36 7.65 -15.45 18.33
N ASP J 37 8.90 -15.22 17.95
CA ASP J 37 9.67 -14.10 18.52
C ASP J 37 9.05 -12.81 17.99
N ALA J 38 7.91 -12.46 18.56
CA ALA J 38 7.15 -11.31 18.07
C ALA J 38 7.73 -10.02 18.61
N MET K 1 -3.27 -56.53 30.77
CA MET K 1 -4.15 -55.37 30.79
C MET K 1 -4.04 -54.63 29.46
N SER K 2 -5.07 -53.88 29.11
CA SER K 2 -5.11 -53.26 27.79
C SER K 2 -4.32 -51.96 27.78
N LYS K 3 -4.03 -51.47 26.58
CA LYS K 3 -3.42 -50.14 26.48
C LYS K 3 -4.38 -49.05 26.94
N GLY K 4 -5.69 -49.28 26.83
CA GLY K 4 -6.64 -48.28 27.31
C GLY K 4 -6.59 -48.05 28.81
N GLU K 5 -6.00 -48.98 29.56
CA GLU K 5 -5.88 -48.82 31.00
C GLU K 5 -5.13 -47.54 31.37
N GLU K 6 -4.20 -47.10 30.53
CA GLU K 6 -3.42 -45.90 30.84
C GLU K 6 -4.25 -44.61 30.75
N LEU K 7 -5.38 -44.63 30.04
CA LEU K 7 -6.25 -43.45 30.01
C LEU K 7 -7.02 -43.25 31.30
N PHE K 8 -6.99 -44.24 32.21
CA PHE K 8 -7.83 -44.21 33.41
C PHE K 8 -7.02 -44.20 34.70
N THR K 9 -5.70 -44.06 34.63
CA THR K 9 -4.87 -44.05 35.84
C THR K 9 -5.09 -42.83 36.71
N GLY K 10 -5.66 -41.75 36.17
CA GLY K 10 -5.91 -40.57 36.97
C GLY K 10 -7.38 -40.19 37.03
N VAL K 11 -7.67 -38.95 37.40
CA VAL K 11 -9.04 -38.46 37.44
C VAL K 11 -9.44 -37.96 36.06
N VAL K 12 -10.59 -38.42 35.57
CA VAL K 12 -11.04 -38.16 34.21
C VAL K 12 -12.37 -37.41 34.29
N PRO K 13 -12.49 -36.24 33.65
CA PRO K 13 -13.78 -35.54 33.63
C PRO K 13 -14.81 -36.26 32.76
N ILE K 14 -16.07 -36.18 33.18
CA ILE K 14 -17.15 -36.92 32.55
C ILE K 14 -18.24 -35.95 32.10
N LEU K 15 -18.74 -36.17 30.89
CA LEU K 15 -19.93 -35.50 30.40
C LEU K 15 -20.94 -36.57 30.02
N VAL K 16 -22.18 -36.41 30.47
CA VAL K 16 -23.27 -37.32 30.15
C VAL K 16 -24.38 -36.51 29.50
N GLU K 17 -24.89 -36.98 28.37
CA GLU K 17 -26.01 -36.33 27.71
C GLU K 17 -27.05 -37.35 27.31
N LEU K 18 -28.29 -37.13 27.76
CA LEU K 18 -29.39 -38.04 27.50
C LEU K 18 -30.56 -37.26 26.90
N ASP K 19 -31.09 -37.78 25.79
CA ASP K 19 -32.36 -37.37 25.22
C ASP K 19 -33.35 -38.52 25.36
N GLY K 20 -34.51 -38.26 25.97
CA GLY K 20 -35.44 -39.32 26.30
C GLY K 20 -36.84 -39.05 25.78
N ASP K 21 -37.60 -40.14 25.63
CA ASP K 21 -38.99 -40.08 25.19
C ASP K 21 -39.74 -41.25 25.83
N VAL K 22 -40.60 -40.96 26.80
CA VAL K 22 -41.38 -41.99 27.50
C VAL K 22 -42.86 -41.67 27.34
N ASN K 23 -43.58 -42.56 26.66
CA ASN K 23 -45.01 -42.37 26.39
C ASN K 23 -45.29 -41.00 25.77
N GLY K 24 -44.37 -40.57 24.91
CA GLY K 24 -44.48 -39.28 24.24
C GLY K 24 -43.86 -38.11 24.98
N HIS K 25 -43.53 -38.26 26.27
CA HIS K 25 -42.92 -37.17 27.02
C HIS K 25 -41.42 -37.10 26.75
N LYS K 26 -41.00 -36.03 26.09
CA LYS K 26 -39.60 -35.77 25.78
C LYS K 26 -38.95 -34.99 26.92
N PHE K 27 -37.68 -35.30 27.16
CA PHE K 27 -36.91 -34.69 28.23
C PHE K 27 -35.44 -34.84 27.90
N SER K 28 -34.63 -34.01 28.55
CA SER K 28 -33.18 -34.05 28.35
C SER K 28 -32.49 -33.93 29.69
N VAL K 29 -31.41 -34.67 29.84
CA VAL K 29 -30.59 -34.66 31.05
C VAL K 29 -29.15 -34.41 30.64
N ARG K 30 -28.48 -33.53 31.38
CA ARG K 30 -27.07 -33.29 31.20
C ARG K 30 -26.39 -33.51 32.54
N GLY K 31 -25.29 -34.24 32.54
CA GLY K 31 -24.56 -34.51 33.76
C GLY K 31 -23.08 -34.24 33.56
N GLU K 32 -22.43 -33.83 34.63
CA GLU K 32 -21.00 -33.57 34.58
C GLU K 32 -20.39 -33.99 35.91
N GLY K 33 -19.09 -34.31 35.86
CA GLY K 33 -18.36 -34.73 37.04
C GLY K 33 -17.06 -35.41 36.65
N GLU K 34 -16.62 -36.31 37.52
CA GLU K 34 -15.33 -36.96 37.33
C GLU K 34 -15.38 -38.42 37.74
N GLY K 35 -14.52 -39.21 37.11
CA GLY K 35 -14.39 -40.62 37.43
C GLY K 35 -12.96 -40.96 37.80
N ASP K 36 -12.81 -41.88 38.76
CA ASP K 36 -11.51 -42.27 39.29
C ASP K 36 -11.49 -43.79 39.30
N ALA K 37 -11.11 -44.37 38.16
CA ALA K 37 -11.16 -45.82 38.01
C ALA K 37 -10.25 -46.53 39.00
N THR K 38 -9.13 -45.91 39.35
CA THR K 38 -8.21 -46.49 40.33
C THR K 38 -8.94 -46.90 41.61
N ASN K 39 -9.92 -46.10 42.03
CA ASN K 39 -10.70 -46.43 43.22
C ASN K 39 -12.14 -46.81 42.89
N GLY K 40 -12.43 -47.09 41.61
CA GLY K 40 -13.77 -47.43 41.20
C GLY K 40 -14.81 -46.40 41.55
N LYS K 41 -14.43 -45.13 41.55
CA LYS K 41 -15.24 -44.05 42.12
C LYS K 41 -15.65 -43.06 41.04
N LEU K 42 -16.92 -42.67 41.04
CA LEU K 42 -17.37 -41.57 40.19
C LEU K 42 -18.36 -40.68 40.93
N THR K 43 -18.26 -39.38 40.69
CA THR K 43 -19.13 -38.37 41.28
C THR K 43 -19.74 -37.55 40.15
N LEU K 44 -21.06 -37.51 40.08
CA LEU K 44 -21.76 -36.80 39.01
C LEU K 44 -22.90 -36.00 39.61
N LYS K 45 -23.21 -34.87 38.96
CA LYS K 45 -24.43 -34.10 39.16
C LYS K 45 -25.20 -34.07 37.85
N PHE K 46 -26.48 -34.46 37.89
CA PHE K 46 -27.32 -34.47 36.69
C PHE K 46 -28.40 -33.40 36.80
N ILE K 47 -28.70 -32.77 35.66
CA ILE K 47 -29.71 -31.72 35.55
C ILE K 47 -30.70 -32.11 34.46
N CYS K 48 -32.00 -31.97 34.75
CA CYS K 48 -32.99 -32.02 33.69
C CYS K 48 -33.07 -30.65 33.05
N THR K 49 -32.70 -30.56 31.76
CA THR K 49 -32.61 -29.29 31.06
C THR K 49 -33.91 -28.89 30.39
N THR K 50 -34.94 -29.75 30.43
CA THR K 50 -36.23 -29.46 29.82
C THR K 50 -37.32 -29.17 30.82
N GLY K 51 -36.99 -29.04 32.11
CA GLY K 51 -37.99 -28.79 33.12
C GLY K 51 -38.14 -29.92 34.12
N LYS K 52 -39.36 -30.44 34.27
CA LYS K 52 -39.61 -31.52 35.20
C LYS K 52 -39.32 -32.86 34.54
N LEU K 53 -38.58 -33.71 35.24
CA LEU K 53 -38.30 -35.03 34.74
C LEU K 53 -39.59 -35.85 34.77
N PRO K 54 -40.01 -36.43 33.64
CA PRO K 54 -41.27 -37.19 33.63
C PRO K 54 -41.17 -38.57 34.26
N VAL K 55 -39.99 -39.02 34.63
CA VAL K 55 -39.80 -40.31 35.30
C VAL K 55 -38.94 -40.08 36.54
N PRO K 56 -38.97 -41.01 37.51
CA PRO K 56 -38.17 -40.80 38.72
C PRO K 56 -36.68 -40.90 38.41
N TRP K 57 -35.91 -40.07 39.08
CA TRP K 57 -34.45 -40.10 38.92
C TRP K 57 -33.84 -41.49 39.11
N PRO K 58 -34.21 -42.29 40.12
CA PRO K 58 -33.57 -43.61 40.28
C PRO K 58 -33.73 -44.53 39.08
N THR K 59 -34.78 -44.39 38.27
CA THR K 59 -34.93 -45.27 37.12
C THR K 59 -33.95 -44.94 36.00
N LEU K 60 -33.22 -43.83 36.10
CA LEU K 60 -32.24 -43.44 35.09
C LEU K 60 -30.79 -43.68 35.52
N VAL K 61 -30.56 -44.09 36.76
CA VAL K 61 -29.19 -44.22 37.28
C VAL K 61 -28.37 -45.16 36.40
N THR K 62 -28.90 -46.35 36.10
CA THR K 62 -28.15 -47.32 35.32
C THR K 62 -27.90 -46.83 33.90
N THR K 63 -28.81 -46.04 33.35
CA THR K 63 -28.60 -45.49 32.00
C THR K 63 -27.54 -44.41 32.03
N LEU K 64 -27.52 -43.59 33.08
CA LEU K 64 -26.56 -42.51 33.17
C LEU K 64 -25.17 -42.98 33.60
N THR K 65 -25.07 -43.90 34.58
CA THR K 65 -23.77 -44.21 35.20
C THR K 65 -23.42 -45.70 35.29
N TYR K 66 -24.42 -46.59 35.41
CA TYR K 66 -23.97 -47.89 34.93
C TYR K 66 -23.84 -47.85 33.42
N GLY K 67 -23.85 -46.61 32.93
CA GLY K 67 -23.49 -46.22 31.59
C GLY K 67 -22.04 -45.85 31.39
N VAL K 68 -21.25 -45.72 32.46
CA VAL K 68 -19.82 -45.49 32.31
C VAL K 68 -19.02 -46.49 33.12
N GLN K 69 -19.26 -47.78 32.85
CA GLN K 69 -18.64 -48.85 33.63
C GLN K 69 -17.14 -48.98 33.38
N CYS K 70 -16.58 -48.17 32.47
CA CYS K 70 -15.13 -48.09 32.34
C CYS K 70 -14.47 -47.49 33.57
N PHE K 71 -15.24 -46.94 34.51
CA PHE K 71 -14.67 -46.44 35.76
C PHE K 71 -14.72 -47.47 36.89
N SER K 72 -15.13 -48.70 36.59
CA SER K 72 -15.04 -49.77 37.56
C SER K 72 -13.60 -50.03 37.93
N ARG K 73 -13.37 -50.45 39.17
CA ARG K 73 -12.04 -50.84 39.61
C ARG K 73 -11.90 -52.35 39.41
N TYR K 74 -11.00 -52.74 38.52
CA TYR K 74 -10.64 -54.14 38.37
C TYR K 74 -9.40 -54.42 39.19
N PRO K 75 -9.43 -55.36 40.14
CA PRO K 75 -8.20 -55.78 40.82
C PRO K 75 -7.15 -56.18 39.79
N ASP K 76 -5.88 -56.03 40.19
CA ASP K 76 -4.78 -56.20 39.25
C ASP K 76 -4.90 -57.50 38.45
N HIS K 77 -5.14 -58.62 39.14
CA HIS K 77 -5.19 -59.88 38.41
C HIS K 77 -6.43 -60.03 37.53
N MET K 78 -7.46 -59.21 37.74
CA MET K 78 -8.64 -59.27 36.89
C MET K 78 -8.61 -58.25 35.76
N LYS K 79 -7.55 -57.44 35.67
CA LYS K 79 -7.51 -56.41 34.63
C LYS K 79 -7.54 -57.02 33.24
N ARG K 80 -7.20 -58.29 33.09
CA ARG K 80 -7.32 -58.99 31.81
C ARG K 80 -8.76 -59.17 31.36
N HIS K 81 -9.74 -58.90 32.22
CA HIS K 81 -11.14 -59.08 31.88
C HIS K 81 -11.87 -57.76 31.64
N ASP K 82 -11.16 -56.62 31.63
CA ASP K 82 -11.81 -55.32 31.59
C ASP K 82 -12.03 -54.94 30.13
N PHE K 83 -13.21 -55.32 29.61
CA PHE K 83 -13.56 -54.94 28.25
C PHE K 83 -13.67 -53.43 28.10
N PHE K 84 -14.23 -52.75 29.12
CA PHE K 84 -14.64 -51.36 28.96
C PHE K 84 -13.46 -50.44 28.67
N LYS K 85 -12.39 -50.55 29.47
CA LYS K 85 -11.23 -49.70 29.21
C LYS K 85 -10.50 -50.11 27.94
N SER K 86 -10.57 -51.39 27.55
CA SER K 86 -9.82 -51.85 26.39
C SER K 86 -10.37 -51.26 25.10
N ALA K 87 -11.66 -50.93 25.08
CA ALA K 87 -12.29 -50.35 23.91
C ALA K 87 -11.99 -48.86 23.75
N MET K 88 -11.38 -48.23 24.75
CA MET K 88 -11.03 -46.82 24.71
C MET K 88 -9.72 -46.60 23.96
N PRO K 89 -9.51 -45.40 23.39
CA PRO K 89 -10.39 -44.22 23.46
C PRO K 89 -11.52 -44.20 22.43
N GLU K 90 -11.47 -45.03 21.39
CA GLU K 90 -12.53 -45.01 20.39
C GLU K 90 -13.89 -45.31 21.02
N GLY K 91 -13.92 -46.20 22.01
CA GLY K 91 -15.11 -46.39 22.83
C GLY K 91 -15.97 -47.57 22.43
N TYR K 92 -17.18 -47.58 23.00
CA TYR K 92 -18.11 -48.68 22.76
C TYR K 92 -19.54 -48.17 22.73
N VAL K 93 -20.41 -48.99 22.14
CA VAL K 93 -21.85 -48.78 22.14
C VAL K 93 -22.44 -49.61 23.25
N GLN K 94 -23.32 -49.01 24.06
CA GLN K 94 -24.01 -49.71 25.14
C GLN K 94 -25.50 -49.65 24.87
N GLU K 95 -26.14 -50.82 24.76
CA GLU K 95 -27.57 -50.92 24.52
C GLU K 95 -28.23 -51.72 25.62
N ARG K 96 -29.41 -51.27 26.04
CA ARG K 96 -30.15 -51.95 27.09
C ARG K 96 -31.63 -52.03 26.74
N THR K 97 -32.24 -53.10 27.23
CA THR K 97 -33.69 -53.15 27.43
C THR K 97 -33.90 -53.21 28.93
N ILE K 98 -34.68 -52.29 29.46
CA ILE K 98 -35.03 -52.27 30.88
C ILE K 98 -36.53 -52.51 30.96
N SER K 99 -36.91 -53.66 31.51
CA SER K 99 -38.30 -54.10 31.56
C SER K 99 -38.81 -53.96 32.99
N PHE K 100 -39.72 -53.01 33.20
CA PHE K 100 -40.31 -52.77 34.52
C PHE K 100 -41.50 -53.70 34.72
N LYS K 101 -41.44 -54.50 35.78
CA LYS K 101 -42.51 -55.46 36.05
C LYS K 101 -43.84 -54.74 36.19
N ASP K 102 -44.83 -55.22 35.45
CA ASP K 102 -46.19 -54.69 35.41
C ASP K 102 -46.24 -53.26 34.90
N ASP K 103 -45.26 -52.82 34.13
CA ASP K 103 -45.28 -51.47 33.59
C ASP K 103 -44.52 -51.48 32.26
N GLY K 104 -44.02 -50.31 31.86
CA GLY K 104 -43.43 -50.13 30.55
C GLY K 104 -42.02 -50.67 30.44
N THR K 105 -41.38 -50.27 29.35
CA THR K 105 -40.02 -50.69 29.03
C THR K 105 -39.22 -49.49 28.51
N TYR K 106 -37.98 -49.39 28.98
CA TYR K 106 -37.01 -48.48 28.39
C TYR K 106 -36.18 -49.25 27.37
N LYS K 107 -35.87 -48.60 26.26
CA LYS K 107 -34.83 -49.08 25.35
C LYS K 107 -33.83 -47.94 25.17
N THR K 108 -32.55 -48.24 25.39
CA THR K 108 -31.53 -47.21 25.41
C THR K 108 -30.39 -47.61 24.49
N ARG K 109 -29.75 -46.60 23.90
CA ARG K 109 -28.55 -46.80 23.12
C ARG K 109 -27.59 -45.66 23.40
N ALA K 110 -26.35 -46.00 23.76
CA ALA K 110 -25.38 -45.00 24.17
C ALA K 110 -24.03 -45.25 23.52
N GLU K 111 -23.29 -44.17 23.31
CA GLU K 111 -21.89 -44.22 22.90
C GLU K 111 -21.05 -43.66 24.03
N VAL K 112 -20.08 -44.45 24.48
CA VAL K 112 -19.15 -44.04 25.52
C VAL K 112 -17.77 -44.00 24.88
N LYS K 113 -17.16 -42.81 24.88
CA LYS K 113 -15.92 -42.62 24.15
C LYS K 113 -15.25 -41.35 24.65
N PHE K 114 -13.95 -41.27 24.42
CA PHE K 114 -13.23 -40.05 24.74
C PHE K 114 -13.44 -39.01 23.65
N GLU K 115 -13.68 -37.78 24.08
CA GLU K 115 -13.68 -36.60 23.21
C GLU K 115 -12.71 -35.61 23.85
N GLY K 116 -11.54 -35.45 23.25
CA GLY K 116 -10.49 -34.74 23.95
C GLY K 116 -10.13 -35.47 25.24
N ASP K 117 -10.09 -34.73 26.35
CA ASP K 117 -9.74 -35.28 27.65
C ASP K 117 -10.95 -35.76 28.44
N THR K 118 -12.14 -35.67 27.85
CA THR K 118 -13.38 -35.94 28.56
C THR K 118 -13.98 -37.26 28.11
N LEU K 119 -14.38 -38.08 29.07
CA LEU K 119 -15.16 -39.27 28.74
C LEU K 119 -16.63 -38.87 28.62
N VAL K 120 -17.24 -39.18 27.48
CA VAL K 120 -18.58 -38.72 27.14
C VAL K 120 -19.49 -39.93 27.00
N ASN K 121 -20.68 -39.83 27.60
CA ASN K 121 -21.73 -40.84 27.49
C ASN K 121 -22.94 -40.17 26.84
N ARG K 122 -23.19 -40.45 25.57
CA ARG K 122 -24.30 -39.85 24.83
C ARG K 122 -25.39 -40.91 24.64
N ILE K 123 -26.59 -40.63 25.15
CA ILE K 123 -27.62 -41.65 25.28
C ILE K 123 -28.90 -41.25 24.56
N GLU K 124 -29.52 -42.23 23.91
CA GLU K 124 -30.90 -42.13 23.46
C GLU K 124 -31.76 -43.13 24.22
N LEU K 125 -32.92 -42.68 24.69
CA LEU K 125 -33.82 -43.50 25.48
C LEU K 125 -35.24 -43.36 24.95
N LYS K 126 -35.86 -44.49 24.63
CA LYS K 126 -37.26 -44.54 24.23
C LYS K 126 -38.02 -45.41 25.23
N GLY K 127 -39.10 -44.85 25.79
CA GLY K 127 -39.91 -45.60 26.73
C GLY K 127 -41.35 -45.73 26.27
N ILE K 128 -41.88 -46.95 26.26
CA ILE K 128 -43.22 -47.22 25.76
C ILE K 128 -43.98 -48.08 26.75
N ASP K 129 -45.31 -47.99 26.66
CA ASP K 129 -46.25 -48.87 27.35
C ASP K 129 -46.28 -48.63 28.86
N PHE K 130 -46.03 -47.40 29.29
CA PHE K 130 -46.06 -47.07 30.70
C PHE K 130 -47.46 -46.63 31.13
N LYS K 131 -47.83 -47.02 32.35
CA LYS K 131 -49.10 -46.63 32.94
C LYS K 131 -48.98 -45.21 33.46
N GLU K 132 -49.93 -44.36 33.07
CA GLU K 132 -49.81 -42.95 33.42
C GLU K 132 -49.86 -42.73 34.93
N ASP K 133 -50.49 -43.64 35.68
CA ASP K 133 -50.49 -43.58 37.14
C ASP K 133 -49.71 -44.75 37.74
N GLY K 134 -48.77 -45.32 37.00
CA GLY K 134 -47.96 -46.40 37.54
C GLY K 134 -46.91 -45.84 38.48
N ASN K 135 -45.98 -46.70 38.89
CA ASN K 135 -44.96 -46.26 39.83
C ASN K 135 -44.00 -45.28 39.17
N ILE K 136 -43.80 -45.40 37.86
CA ILE K 136 -42.79 -44.62 37.16
C ILE K 136 -43.35 -43.27 36.72
N LEU K 137 -44.36 -43.27 35.85
CA LEU K 137 -44.93 -41.99 35.42
C LEU K 137 -45.63 -41.27 36.56
N GLY K 138 -46.08 -42.00 37.58
CA GLY K 138 -46.66 -41.39 38.76
C GLY K 138 -45.70 -40.94 39.83
N HIS K 139 -44.40 -41.11 39.64
CA HIS K 139 -43.38 -40.69 40.61
C HIS K 139 -43.66 -41.24 42.01
N LYS K 140 -43.76 -42.56 42.10
CA LYS K 140 -44.05 -43.23 43.37
C LYS K 140 -42.84 -43.97 43.94
N LEU K 141 -41.64 -43.69 43.44
CA LEU K 141 -40.44 -44.38 43.88
C LEU K 141 -39.67 -43.55 44.89
N GLU K 142 -39.12 -44.22 45.90
CA GLU K 142 -38.28 -43.55 46.87
C GLU K 142 -36.97 -43.10 46.24
N TYR K 143 -36.39 -42.04 46.80
CA TYR K 143 -35.17 -41.44 46.26
C TYR K 143 -33.93 -42.08 46.89
N ASN K 144 -33.74 -43.36 46.57
CA ASN K 144 -32.55 -44.09 46.98
C ASN K 144 -32.20 -45.13 45.93
N PHE K 145 -31.12 -45.85 46.16
CA PHE K 145 -30.60 -46.80 45.18
C PHE K 145 -29.78 -47.84 45.91
N ASN K 146 -30.16 -49.11 45.77
CA ASN K 146 -29.54 -50.18 46.51
C ASN K 146 -28.23 -50.63 45.84
N SER K 147 -27.50 -51.50 46.54
CA SER K 147 -26.31 -52.11 45.97
C SER K 147 -26.71 -53.27 45.08
N HIS K 148 -25.99 -53.45 43.97
CA HIS K 148 -26.33 -54.51 43.03
C HIS K 148 -25.06 -55.19 42.54
N ASN K 149 -25.25 -56.40 42.00
CA ASN K 149 -24.18 -57.20 41.41
C ASN K 149 -24.53 -57.42 39.95
N VAL K 150 -23.72 -56.87 39.05
CA VAL K 150 -24.00 -56.88 37.62
C VAL K 150 -23.24 -58.03 36.98
N TYR K 151 -23.97 -59.05 36.51
CA TYR K 151 -23.37 -60.23 35.92
C TYR K 151 -22.91 -59.94 34.50
N ILE K 152 -21.62 -60.16 34.22
CA ILE K 152 -21.03 -59.83 32.95
C ILE K 152 -20.52 -61.09 32.29
N THR K 153 -20.81 -61.26 31.00
CA THR K 153 -20.37 -62.42 30.26
C THR K 153 -19.93 -61.98 28.87
N ALA K 154 -19.04 -62.77 28.27
CA ALA K 154 -18.49 -62.43 26.97
C ALA K 154 -19.49 -62.72 25.85
N ASP K 155 -19.41 -61.91 24.80
CA ASP K 155 -20.18 -62.11 23.57
C ASP K 155 -19.16 -62.12 22.43
N LYS K 156 -18.56 -63.30 22.19
CA LYS K 156 -17.48 -63.36 21.20
C LYS K 156 -18.00 -63.10 19.79
N GLN K 157 -19.25 -63.46 19.52
CA GLN K 157 -19.82 -63.26 18.19
C GLN K 157 -19.80 -61.78 17.80
N LYS K 158 -20.09 -60.88 18.74
CA LYS K 158 -20.11 -59.45 18.49
C LYS K 158 -18.88 -58.74 19.06
N ASN K 159 -17.88 -59.51 19.49
CA ASN K 159 -16.61 -58.98 20.00
C ASN K 159 -16.83 -58.05 21.19
N GLY K 160 -17.85 -58.32 21.99
CA GLY K 160 -18.15 -57.48 23.13
C GLY K 160 -18.60 -58.28 24.33
N ILE K 161 -19.52 -57.74 25.12
CA ILE K 161 -19.98 -58.39 26.33
C ILE K 161 -21.49 -58.24 26.43
N LYS K 162 -22.07 -59.01 27.35
CA LYS K 162 -23.47 -58.91 27.71
C LYS K 162 -23.53 -58.76 29.23
N ALA K 163 -24.63 -58.20 29.72
CA ALA K 163 -24.85 -58.10 31.15
C ALA K 163 -26.32 -58.29 31.44
N ASN K 164 -26.60 -58.90 32.60
CA ASN K 164 -27.96 -59.12 33.06
C ASN K 164 -28.03 -58.87 34.56
N PHE K 165 -29.02 -58.10 35.00
CA PHE K 165 -29.24 -57.86 36.42
C PHE K 165 -30.65 -57.32 36.60
N LYS K 166 -31.19 -57.52 37.80
CA LYS K 166 -32.53 -57.05 38.15
C LYS K 166 -32.41 -56.02 39.27
N ILE K 167 -32.80 -54.78 38.98
CA ILE K 167 -32.83 -53.68 39.95
C ILE K 167 -34.16 -53.73 40.70
N ARG K 168 -34.10 -53.46 42.00
CA ARG K 168 -35.24 -53.44 42.91
C ARG K 168 -35.47 -52.02 43.43
N HIS K 169 -36.29 -51.23 42.74
CA HIS K 169 -36.61 -49.87 43.19
C HIS K 169 -37.64 -49.87 44.32
N ASN K 170 -37.26 -49.28 45.45
CA ASN K 170 -38.19 -49.12 46.56
C ASN K 170 -39.34 -48.18 46.19
N VAL K 171 -40.56 -48.63 46.46
CA VAL K 171 -41.76 -47.84 46.26
C VAL K 171 -42.16 -47.24 47.60
N GLU K 172 -42.82 -46.07 47.54
CA GLU K 172 -43.17 -45.33 48.75
C GLU K 172 -44.12 -46.10 49.65
N ASP K 173 -44.97 -46.96 49.08
CA ASP K 173 -45.88 -47.75 49.91
C ASP K 173 -45.17 -48.89 50.65
N GLY K 174 -43.87 -49.06 50.42
CA GLY K 174 -43.09 -50.11 51.03
C GLY K 174 -42.74 -51.27 50.12
N SER K 175 -43.48 -51.45 49.03
CA SER K 175 -43.22 -52.52 48.08
C SER K 175 -42.00 -52.19 47.22
N VAL K 176 -41.76 -53.01 46.20
CA VAL K 176 -40.58 -52.92 45.34
C VAL K 176 -41.00 -52.99 43.89
N GLN K 177 -40.37 -52.16 43.05
CA GLN K 177 -40.62 -52.12 41.61
C GLN K 177 -39.41 -52.70 40.89
N LEU K 178 -39.60 -53.85 40.25
CA LEU K 178 -38.49 -54.54 39.60
C LEU K 178 -38.22 -53.96 38.21
N ALA K 179 -36.93 -53.87 37.87
CA ALA K 179 -36.46 -53.38 36.57
C ALA K 179 -35.47 -54.40 36.04
N ASP K 180 -35.89 -55.20 35.07
CA ASP K 180 -35.08 -56.26 34.51
C ASP K 180 -34.18 -55.69 33.40
N HIS K 181 -32.86 -55.77 33.58
CA HIS K 181 -31.90 -55.15 32.66
C HIS K 181 -31.26 -56.20 31.75
N TYR K 182 -31.32 -55.96 30.44
CA TYR K 182 -30.63 -56.77 29.45
C TYR K 182 -29.68 -55.85 28.69
N GLN K 183 -28.40 -56.18 28.69
CA GLN K 183 -27.39 -55.23 28.25
C GLN K 183 -26.47 -55.87 27.22
N GLN K 184 -26.12 -55.06 26.21
CA GLN K 184 -25.18 -55.42 25.15
C GLN K 184 -24.22 -54.27 24.94
N ASN K 185 -22.92 -54.58 24.94
CA ASN K 185 -21.87 -53.63 24.64
C ASN K 185 -21.04 -54.16 23.48
N THR K 186 -20.74 -53.29 22.52
CA THR K 186 -19.93 -53.64 21.37
C THR K 186 -18.95 -52.51 21.12
N PRO K 187 -17.71 -52.83 20.74
CA PRO K 187 -16.71 -51.78 20.56
C PRO K 187 -17.02 -50.94 19.34
N ILE K 188 -16.73 -49.64 19.43
CA ILE K 188 -16.92 -48.77 18.28
C ILE K 188 -15.82 -49.01 17.26
N GLY K 189 -14.58 -49.17 17.72
CA GLY K 189 -13.49 -49.50 16.83
C GLY K 189 -13.47 -50.99 16.53
N ASP K 190 -12.55 -51.38 15.65
CA ASP K 190 -12.38 -52.77 15.30
C ASP K 190 -11.07 -53.36 15.84
N GLY K 191 -10.25 -52.54 16.52
CA GLY K 191 -8.99 -52.99 17.09
C GLY K 191 -9.20 -54.04 18.17
N PRO K 192 -8.12 -54.61 18.69
CA PRO K 192 -8.26 -55.68 19.67
C PRO K 192 -8.81 -55.17 21.01
N VAL K 193 -9.67 -55.97 21.62
CA VAL K 193 -10.29 -55.68 22.90
C VAL K 193 -10.17 -56.91 23.79
N LEU K 194 -10.34 -56.70 25.10
CA LEU K 194 -10.32 -57.80 26.05
C LEU K 194 -11.72 -58.39 26.20
N LEU K 195 -11.83 -59.69 25.99
CA LEU K 195 -13.11 -60.35 26.24
C LEU K 195 -13.02 -61.12 27.54
N PRO K 196 -13.94 -60.88 28.48
CA PRO K 196 -13.79 -61.42 29.82
C PRO K 196 -14.35 -62.83 29.97
N ASP K 197 -13.81 -63.53 30.96
CA ASP K 197 -14.52 -64.67 31.50
C ASP K 197 -15.58 -64.18 32.49
N ASN K 198 -16.52 -65.06 32.84
CA ASN K 198 -17.65 -64.67 33.68
C ASN K 198 -17.18 -64.01 34.97
N HIS K 199 -17.77 -62.86 35.29
CA HIS K 199 -17.51 -62.16 36.54
C HIS K 199 -18.69 -61.23 36.81
N TYR K 200 -18.56 -60.37 37.83
CA TYR K 200 -19.60 -59.40 38.12
C TYR K 200 -19.00 -58.10 38.64
N LEU K 201 -19.78 -57.04 38.51
CA LEU K 201 -19.46 -55.73 39.07
C LEU K 201 -20.28 -55.51 40.33
N SER K 202 -19.61 -55.20 41.44
CA SER K 202 -20.27 -54.89 42.70
C SER K 202 -20.40 -53.39 42.85
N THR K 203 -21.64 -52.89 42.89
CA THR K 203 -21.90 -51.46 42.82
C THR K 203 -22.52 -50.96 44.12
N GLN K 204 -22.15 -49.75 44.53
CA GLN K 204 -22.79 -49.05 45.63
C GLN K 204 -22.96 -47.59 45.25
N SER K 205 -24.10 -47.02 45.63
CA SER K 205 -24.49 -45.68 45.21
C SER K 205 -25.13 -44.94 46.37
N VAL K 206 -24.96 -43.63 46.39
CA VAL K 206 -25.74 -42.76 47.26
C VAL K 206 -26.23 -41.58 46.45
N LEU K 207 -27.53 -41.32 46.52
CA LEU K 207 -28.18 -40.23 45.82
C LEU K 207 -28.41 -39.08 46.79
N SER K 208 -28.23 -37.85 46.31
CA SER K 208 -28.40 -36.69 47.16
C SER K 208 -28.85 -35.51 46.31
N LYS K 209 -29.04 -34.37 46.97
CA LYS K 209 -29.46 -33.14 46.32
C LYS K 209 -28.46 -32.04 46.60
N ASP K 210 -28.38 -31.10 45.67
CA ASP K 210 -27.56 -29.91 45.83
C ASP K 210 -28.48 -28.81 46.37
N PRO K 211 -28.29 -28.36 47.61
CA PRO K 211 -29.24 -27.39 48.19
C PRO K 211 -29.29 -26.08 47.44
N ASN K 212 -28.24 -25.76 46.69
CA ASN K 212 -28.16 -24.55 45.89
C ASN K 212 -28.77 -24.71 44.51
N GLU K 213 -29.12 -25.92 44.10
CA GLU K 213 -29.59 -26.18 42.74
C GLU K 213 -31.11 -26.12 42.70
N LYS K 214 -31.63 -25.18 41.92
CA LYS K 214 -33.08 -24.99 41.77
C LYS K 214 -33.68 -25.81 40.64
N ARG K 215 -32.86 -26.27 39.70
CA ARG K 215 -33.40 -27.15 38.67
C ARG K 215 -33.61 -28.56 39.24
N ASP K 216 -34.49 -29.30 38.57
CA ASP K 216 -34.66 -30.72 38.88
C ASP K 216 -33.34 -31.43 38.63
N HIS K 217 -32.83 -32.12 39.64
CA HIS K 217 -31.46 -32.60 39.58
C HIS K 217 -31.27 -33.82 40.48
N MET K 218 -30.10 -34.45 40.31
CA MET K 218 -29.67 -35.58 41.12
C MET K 218 -28.17 -35.52 41.26
N VAL K 219 -27.68 -35.65 42.49
CA VAL K 219 -26.26 -35.79 42.77
C VAL K 219 -26.00 -37.25 43.09
N LEU K 220 -24.92 -37.79 42.53
CA LEU K 220 -24.66 -39.23 42.63
C LEU K 220 -23.20 -39.48 42.98
N LEU K 221 -22.98 -40.35 43.96
CA LEU K 221 -21.67 -40.89 44.28
C LEU K 221 -21.75 -42.41 44.19
N GLU K 222 -20.75 -43.02 43.56
CA GLU K 222 -20.88 -44.43 43.21
C GLU K 222 -19.51 -45.10 43.29
N PHE K 223 -19.48 -46.28 43.89
CA PHE K 223 -18.27 -47.12 43.95
C PHE K 223 -18.58 -48.45 43.30
N VAL K 224 -17.74 -48.86 42.35
CA VAL K 224 -17.94 -50.10 41.59
C VAL K 224 -16.63 -50.86 41.52
N THR K 225 -16.69 -52.16 41.81
CA THR K 225 -15.52 -53.03 41.80
C THR K 225 -15.86 -54.36 41.14
N ALA K 226 -14.98 -54.83 40.27
CA ALA K 226 -15.17 -56.14 39.65
C ALA K 226 -14.77 -57.24 40.63
N ALA K 227 -15.39 -58.40 40.48
CA ALA K 227 -15.20 -59.51 41.41
C ALA K 227 -15.61 -60.80 40.74
N GLY K 228 -15.31 -61.92 41.42
CA GLY K 228 -15.85 -63.22 41.07
C GLY K 228 -14.83 -64.23 40.58
N ILE K 229 -13.60 -63.82 40.28
CA ILE K 229 -12.56 -64.72 39.80
C ILE K 229 -11.38 -64.67 40.77
N THR K 230 -10.88 -65.83 41.16
CA THR K 230 -9.80 -65.90 42.14
C THR K 230 -8.45 -65.53 41.51
N HIS K 231 -7.50 -65.20 42.38
CA HIS K 231 -6.12 -65.00 41.96
C HIS K 231 -5.57 -66.26 41.28
N GLY K 232 -5.84 -67.43 41.87
CA GLY K 232 -5.37 -68.67 41.28
C GLY K 232 -5.95 -68.92 39.89
N MET K 233 -7.23 -68.60 39.71
CA MET K 233 -7.83 -68.76 38.39
C MET K 233 -7.20 -67.82 37.38
N ASP K 234 -6.90 -66.58 37.80
CA ASP K 234 -6.27 -65.63 36.88
C ASP K 234 -4.81 -65.99 36.61
N GLU K 235 -4.11 -66.63 37.55
CA GLU K 235 -2.79 -67.17 37.22
C GLU K 235 -2.90 -68.27 36.18
N LEU K 236 -3.93 -69.08 36.26
CA LEU K 236 -4.16 -70.10 35.28
C LEU K 236 -4.58 -69.54 33.95
N TYR K 237 -5.33 -68.48 33.90
CA TYR K 237 -5.69 -67.92 32.61
C TYR K 237 -4.48 -67.32 31.86
N LYS K 238 -3.55 -66.78 32.59
CA LYS K 238 -2.37 -66.25 32.05
C LYS K 238 -1.45 -67.35 31.48
N LYS K 239 -1.33 -68.46 32.17
CA LYS K 239 -0.56 -69.59 31.65
C LYS K 239 -1.18 -70.11 30.36
N LEU K 240 -2.48 -70.42 30.42
CA LEU K 240 -3.18 -70.98 29.26
C LEU K 240 -3.23 -70.01 28.09
N GLY K 241 -3.24 -68.70 28.35
CA GLY K 241 -3.23 -67.73 27.28
C GLY K 241 -1.95 -67.69 26.47
N GLY K 242 -0.88 -68.31 26.95
CA GLY K 242 0.36 -68.30 26.21
C GLY K 242 0.71 -69.63 25.57
N GLU K 243 -0.07 -70.66 25.87
CA GLU K 243 0.26 -72.01 25.43
C GLU K 243 -0.25 -72.26 24.01
N TYR K 244 0.41 -73.21 23.33
CA TYR K 244 -0.01 -73.72 22.03
C TYR K 244 -0.84 -74.97 22.27
N PHE K 245 -1.86 -75.13 21.49
CA PHE K 245 -2.77 -76.23 21.54
C PHE K 245 -2.79 -76.88 20.19
N THR K 246 -3.14 -78.13 20.13
CA THR K 246 -3.15 -78.81 18.89
C THR K 246 -4.52 -79.11 18.48
N LEU K 247 -4.99 -78.60 17.36
CA LEU K 247 -6.36 -78.99 17.05
C LEU K 247 -6.30 -80.12 15.99
N GLN K 248 -7.16 -81.12 16.17
CA GLN K 248 -7.29 -82.21 15.21
C GLN K 248 -8.47 -81.95 14.29
N ILE K 249 -8.21 -81.89 12.98
CA ILE K 249 -9.21 -81.55 11.97
C ILE K 249 -9.38 -82.74 11.02
N ARG K 250 -10.64 -82.99 10.63
CA ARG K 250 -11.01 -84.04 9.69
C ARG K 250 -11.27 -83.46 8.31
N GLY K 251 -10.50 -83.90 7.33
CA GLY K 251 -10.76 -83.45 5.96
C GLY K 251 -9.74 -82.43 5.45
N ARG K 252 -9.31 -82.63 4.20
CA ARG K 252 -8.30 -81.74 3.62
C ARG K 252 -8.86 -80.33 3.43
N GLU K 253 -10.09 -80.24 2.93
CA GLU K 253 -10.72 -78.93 2.74
C GLU K 253 -10.93 -78.21 4.06
N ARG K 254 -11.44 -78.93 5.07
CA ARG K 254 -11.68 -78.34 6.37
C ARG K 254 -10.39 -77.82 6.98
N PHE K 255 -9.31 -78.61 6.87
CA PHE K 255 -8.02 -78.20 7.39
C PHE K 255 -7.53 -76.87 6.81
N GLU K 256 -7.52 -76.74 5.47
CA GLU K 256 -7.01 -75.51 4.87
C GLU K 256 -7.82 -74.28 5.27
N GLU K 257 -9.13 -74.44 5.47
CA GLU K 257 -9.92 -73.29 5.89
C GLU K 257 -9.51 -72.87 7.30
N PHE K 258 -9.33 -73.85 8.19
CA PHE K 258 -8.81 -73.57 9.51
C PHE K 258 -7.38 -73.02 9.44
N ARG K 259 -6.53 -73.59 8.59
CA ARG K 259 -5.15 -73.13 8.52
C ARG K 259 -5.06 -71.72 7.96
N GLU K 260 -5.84 -71.40 6.93
CA GLU K 260 -5.77 -70.04 6.39
C GLU K 260 -6.32 -69.03 7.38
N LYS K 261 -7.36 -69.40 8.13
CA LYS K 261 -7.88 -68.52 9.17
C LYS K 261 -6.90 -68.37 10.32
N ASN K 262 -6.25 -69.46 10.72
CA ASN K 262 -5.21 -69.36 11.76
C ASN K 262 -4.04 -68.50 11.29
N GLU K 263 -3.58 -68.71 10.05
CA GLU K 263 -2.45 -67.95 9.55
C GLU K 263 -2.78 -66.46 9.45
N ALA K 264 -4.02 -66.11 9.10
CA ALA K 264 -4.42 -64.71 9.05
C ALA K 264 -4.34 -64.07 10.42
N LEU K 265 -4.85 -64.76 11.45
CA LEU K 265 -4.84 -64.19 12.79
C LEU K 265 -3.42 -64.01 13.30
N GLU K 266 -2.54 -64.99 13.06
CA GLU K 266 -1.17 -64.85 13.51
C GLU K 266 -0.44 -63.75 12.76
N LEU K 267 -0.83 -63.53 11.51
CA LEU K 267 -0.27 -62.44 10.72
C LEU K 267 -0.65 -61.09 11.32
N LYS K 268 -1.92 -60.94 11.72
CA LYS K 268 -2.35 -59.72 12.40
C LYS K 268 -1.53 -59.48 13.66
N ASP K 269 -1.30 -60.54 14.45
CA ASP K 269 -0.46 -60.44 15.64
C ASP K 269 0.93 -59.96 15.27
N ALA K 270 1.51 -60.56 14.22
CA ALA K 270 2.88 -60.22 13.84
C ALA K 270 2.98 -58.78 13.35
N GLN K 271 1.94 -58.27 12.68
CA GLN K 271 1.97 -56.89 12.22
C GLN K 271 2.09 -55.93 13.38
N ALA K 272 1.38 -56.19 14.48
CA ALA K 272 1.50 -55.41 15.70
C ALA K 272 2.58 -55.95 16.65
N GLY K 273 3.72 -56.38 16.12
CA GLY K 273 4.76 -56.99 16.93
C GLY K 273 4.34 -57.87 18.09
N GLY K 274 3.17 -58.50 18.00
CA GLY K 274 2.65 -59.28 19.10
C GLY K 274 2.26 -58.49 20.32
N THR K 275 2.15 -57.16 20.21
CA THR K 275 2.04 -56.31 21.39
C THR K 275 0.76 -56.56 22.18
N CYS K 276 -0.27 -57.14 21.57
CA CYS K 276 -1.53 -57.31 22.27
C CYS K 276 -1.84 -58.76 22.63
N PHE K 277 -0.93 -59.69 22.35
CA PHE K 277 -1.25 -61.08 22.55
C PHE K 277 -1.15 -61.45 24.04
N ASN K 278 -2.21 -62.05 24.57
CA ASN K 278 -2.26 -62.52 25.94
C ASN K 278 -1.90 -61.40 26.93
N ALA K 279 -2.48 -60.23 26.70
CA ALA K 279 -2.19 -59.07 27.52
C ALA K 279 -2.70 -59.28 28.94
N SER K 280 -1.95 -58.80 29.91
CA SER K 280 -2.38 -58.84 31.31
C SER K 280 -3.17 -57.59 31.65
N GLU L 11 -9.14 -88.61 6.63
CA GLU L 11 -7.75 -88.23 6.86
C GLU L 11 -7.69 -87.04 7.83
N TYR L 12 -6.91 -87.19 8.90
CA TYR L 12 -6.84 -86.21 9.97
C TYR L 12 -5.61 -85.32 9.81
N PHE L 13 -5.73 -84.07 10.24
CA PHE L 13 -4.67 -83.08 10.16
C PHE L 13 -4.53 -82.35 11.48
N THR L 14 -3.35 -81.78 11.72
CA THR L 14 -3.05 -81.11 12.96
C THR L 14 -2.75 -79.64 12.70
N LEU L 15 -3.27 -78.78 13.58
CA LEU L 15 -3.09 -77.34 13.49
C LEU L 15 -2.67 -76.82 14.86
N GLN L 16 -1.64 -76.03 14.93
CA GLN L 16 -1.20 -75.46 16.17
C GLN L 16 -1.83 -74.09 16.36
N ILE L 17 -2.55 -73.91 17.42
CA ILE L 17 -3.26 -72.67 17.74
C ILE L 17 -2.61 -72.04 18.97
N ARG L 18 -2.34 -70.73 18.91
CA ARG L 18 -1.66 -70.06 20.01
C ARG L 18 -2.71 -69.42 20.94
N GLY L 19 -2.79 -69.92 22.17
CA GLY L 19 -3.56 -69.30 23.22
C GLY L 19 -4.91 -69.95 23.43
N ARG L 20 -5.38 -69.90 24.67
CA ARG L 20 -6.64 -70.55 25.03
C ARG L 20 -7.81 -69.99 24.24
N GLU L 21 -7.95 -68.66 24.19
CA GLU L 21 -9.12 -68.05 23.57
C GLU L 21 -9.24 -68.44 22.11
N ARG L 22 -8.15 -68.30 21.35
CA ARG L 22 -8.19 -68.68 19.94
C ARG L 22 -8.45 -70.17 19.79
N PHE L 23 -7.84 -71.00 20.65
CA PHE L 23 -8.05 -72.44 20.54
C PHE L 23 -9.49 -72.81 20.88
N GLU L 24 -10.06 -72.21 21.93
CA GLU L 24 -11.43 -72.54 22.28
C GLU L 24 -12.41 -72.15 21.17
N GLU L 25 -12.14 -71.06 20.47
CA GLU L 25 -13.00 -70.66 19.36
C GLU L 25 -12.88 -71.63 18.19
N PHE L 26 -11.65 -72.00 17.81
CA PHE L 26 -11.48 -72.97 16.73
C PHE L 26 -12.06 -74.32 17.12
N ARG L 27 -11.82 -74.77 18.36
CA ARG L 27 -12.31 -76.08 18.78
C ARG L 27 -13.83 -76.12 18.76
N GLU L 28 -14.50 -75.01 19.05
CA GLU L 28 -15.96 -75.00 19.04
C GLU L 28 -16.50 -75.15 17.62
N LYS L 29 -15.94 -74.40 16.67
CA LYS L 29 -16.39 -74.53 15.28
C LYS L 29 -16.08 -75.91 14.72
N ASN L 30 -14.89 -76.44 15.01
CA ASN L 30 -14.54 -77.75 14.48
C ASN L 30 -15.49 -78.83 14.97
N GLU L 31 -15.88 -78.79 16.24
CA GLU L 31 -16.81 -79.78 16.75
C GLU L 31 -18.20 -79.56 16.19
N ALA L 32 -18.60 -78.29 16.01
CA ALA L 32 -19.90 -78.02 15.41
C ALA L 32 -19.98 -78.62 14.02
N LEU L 33 -18.89 -78.54 13.26
CA LEU L 33 -18.85 -79.20 11.96
C LEU L 33 -18.90 -80.71 12.10
N GLU L 34 -18.10 -81.25 13.03
CA GLU L 34 -18.02 -82.70 13.19
C GLU L 34 -19.30 -83.31 13.74
N LEU L 35 -20.13 -82.53 14.41
CA LEU L 35 -21.39 -83.05 14.91
C LEU L 35 -22.52 -82.86 13.92
N LYS L 36 -22.30 -82.07 12.87
CA LYS L 36 -23.35 -81.88 11.89
C LYS L 36 -23.34 -82.98 10.83
N ASP L 37 -22.16 -83.32 10.30
CA ASP L 37 -21.99 -84.42 9.37
C ASP L 37 -22.00 -85.80 10.06
N ALA L 38 -22.58 -85.90 11.25
CA ALA L 38 -22.65 -87.15 11.99
C ALA L 38 -24.09 -87.49 12.31
N MET M 1 16.98 54.07 -30.57
CA MET M 1 15.77 53.27 -30.64
C MET M 1 15.59 52.53 -29.32
N SER M 2 14.36 52.17 -28.99
CA SER M 2 14.04 51.62 -27.69
C SER M 2 14.33 50.11 -27.64
N LYS M 3 14.35 49.57 -26.41
CA LYS M 3 14.44 48.12 -26.25
C LYS M 3 13.21 47.42 -26.82
N GLY M 4 12.04 48.07 -26.76
CA GLY M 4 10.83 47.44 -27.28
C GLY M 4 10.87 47.19 -28.77
N GLU M 5 11.81 47.84 -29.48
CA GLU M 5 11.95 47.60 -30.91
C GLU M 5 12.22 46.12 -31.19
N GLU M 6 12.83 45.40 -30.26
CA GLU M 6 13.14 43.99 -30.50
C GLU M 6 11.88 43.14 -30.58
N LEU M 7 10.78 43.56 -29.93
CA LEU M 7 9.55 42.77 -29.94
C LEU M 7 8.80 42.85 -31.27
N PHE M 8 9.18 43.77 -32.13
CA PHE M 8 8.45 44.05 -33.36
C PHE M 8 9.28 43.75 -34.59
N THR M 9 10.43 43.10 -34.40
CA THR M 9 11.32 42.77 -35.50
C THR M 9 10.75 41.69 -36.42
N GLY M 10 9.76 40.93 -35.97
CA GLY M 10 9.14 39.90 -36.80
C GLY M 10 7.64 40.10 -36.98
N VAL M 11 6.93 39.04 -37.37
CA VAL M 11 5.48 39.07 -37.46
C VAL M 11 4.91 38.74 -36.09
N VAL M 12 3.97 39.57 -35.62
CA VAL M 12 3.43 39.48 -34.26
C VAL M 12 1.94 39.21 -34.36
N PRO M 13 1.42 38.16 -33.73
CA PRO M 13 -0.04 37.94 -33.74
C PRO M 13 -0.77 38.96 -32.88
N ILE M 14 -1.96 39.33 -33.32
CA ILE M 14 -2.75 40.40 -32.72
C ILE M 14 -4.11 39.86 -32.31
N LEU M 15 -4.55 40.23 -31.12
CA LEU M 15 -5.92 40.00 -30.67
C LEU M 15 -6.51 41.35 -30.30
N VAL M 16 -7.73 41.62 -30.76
CA VAL M 16 -8.45 42.84 -30.42
C VAL M 16 -9.80 42.47 -29.83
N GLU M 17 -10.15 43.10 -28.71
CA GLU M 17 -11.45 42.90 -28.08
C GLU M 17 -12.05 44.25 -27.71
N LEU M 18 -13.26 44.49 -28.19
CA LEU M 18 -13.97 45.74 -27.94
C LEU M 18 -15.34 45.42 -27.33
N ASP M 19 -15.65 46.10 -26.22
CA ASP M 19 -16.99 46.14 -25.65
C ASP M 19 -17.55 47.54 -25.79
N GLY M 20 -18.73 47.66 -26.40
CA GLY M 20 -19.26 48.96 -26.78
C GLY M 20 -20.66 49.21 -26.27
N ASP M 21 -20.99 50.49 -26.18
CA ASP M 21 -22.32 50.94 -25.76
C ASP M 21 -22.59 52.27 -26.43
N VAL M 22 -23.50 52.29 -27.41
CA VAL M 22 -23.86 53.51 -28.13
C VAL M 22 -25.35 53.72 -27.99
N ASN M 23 -25.73 54.82 -27.31
CA ASN M 23 -27.13 55.15 -27.05
C ASN M 23 -27.88 53.96 -26.45
N GLY M 24 -27.19 53.19 -25.59
CA GLY M 24 -27.75 52.02 -24.95
C GLY M 24 -27.60 50.72 -25.71
N HIS M 25 -27.23 50.74 -26.98
CA HIS M 25 -27.05 49.51 -27.75
C HIS M 25 -25.68 48.91 -27.45
N LYS M 26 -25.68 47.76 -26.78
CA LYS M 26 -24.45 47.06 -26.44
C LYS M 26 -24.05 46.11 -27.55
N PHE M 27 -22.75 45.97 -27.75
CA PHE M 27 -22.21 45.13 -28.80
C PHE M 27 -20.77 44.78 -28.45
N SER M 28 -20.27 43.72 -29.09
CA SER M 28 -18.91 43.26 -28.85
C SER M 28 -18.27 42.89 -30.18
N VAL M 29 -16.99 43.23 -30.32
CA VAL M 29 -16.21 42.93 -31.51
C VAL M 29 -14.94 42.21 -31.08
N ARG M 30 -14.60 41.13 -31.77
CA ARG M 30 -13.35 40.43 -31.54
C ARG M 30 -12.62 40.37 -32.88
N GLY M 31 -11.34 40.68 -32.87
CA GLY M 31 -10.54 40.64 -34.08
C GLY M 31 -9.24 39.90 -33.85
N GLU M 32 -8.74 39.29 -34.94
CA GLU M 32 -7.48 38.56 -34.89
C GLU M 32 -6.72 38.76 -36.20
N GLY M 33 -5.40 38.61 -36.13
CA GLY M 33 -4.57 38.79 -37.31
C GLY M 33 -3.10 38.96 -36.93
N GLU M 34 -2.38 39.68 -37.77
CA GLU M 34 -0.93 39.81 -37.64
C GLU M 34 -0.49 41.24 -37.94
N GLY M 35 0.59 41.63 -37.29
CA GLY M 35 1.21 42.92 -37.53
C GLY M 35 2.65 42.73 -37.93
N ASP M 36 3.11 43.55 -38.87
CA ASP M 36 4.46 43.46 -39.41
C ASP M 36 5.04 44.88 -39.41
N ALA M 37 5.58 45.29 -38.27
CA ALA M 37 6.04 46.67 -38.08
C ALA M 37 7.16 47.03 -39.05
N THR M 38 8.01 46.06 -39.39
CA THR M 38 9.09 46.31 -40.34
C THR M 38 8.57 46.94 -41.64
N ASN M 39 7.39 46.53 -42.09
CA ASN M 39 6.78 47.09 -43.28
C ASN M 39 5.53 47.92 -42.96
N GLY M 40 5.33 48.28 -41.70
CA GLY M 40 4.17 49.07 -41.30
C GLY M 40 2.85 48.43 -41.67
N LYS M 41 2.77 47.11 -41.63
CA LYS M 41 1.67 46.35 -42.23
C LYS M 41 0.87 45.62 -41.16
N LEU M 42 -0.46 45.70 -41.24
CA LEU M 42 -1.30 44.86 -40.40
C LEU M 42 -2.50 44.35 -41.18
N THR M 43 -2.87 43.10 -40.92
CA THR M 43 -4.03 42.45 -41.52
C THR M 43 -4.88 41.88 -40.40
N LEU M 44 -6.15 42.28 -40.36
CA LEU M 44 -7.05 41.85 -39.31
C LEU M 44 -8.39 41.49 -39.92
N LYS M 45 -9.07 40.53 -39.29
CA LYS M 45 -10.48 40.24 -39.52
C LYS M 45 -11.22 40.47 -38.21
N PHE M 46 -12.27 41.29 -38.26
CA PHE M 46 -13.06 41.59 -37.07
C PHE M 46 -14.44 40.96 -37.19
N ILE M 47 -14.95 40.49 -36.06
CA ILE M 47 -16.25 39.83 -35.98
C ILE M 47 -17.08 40.54 -34.92
N CYS M 48 -18.33 40.86 -35.24
CA CYS M 48 -19.28 41.25 -34.20
C CYS M 48 -19.83 39.99 -33.58
N THR M 49 -19.54 39.79 -32.30
CA THR M 49 -19.90 38.57 -31.60
C THR M 49 -21.28 38.63 -30.97
N THR M 50 -21.96 39.78 -31.04
CA THR M 50 -23.27 39.96 -30.44
C THR M 50 -24.40 40.07 -31.47
N GLY M 51 -24.11 39.83 -32.74
CA GLY M 51 -25.14 39.95 -33.77
C GLY M 51 -24.85 41.05 -34.77
N LYS M 52 -25.78 41.98 -34.92
CA LYS M 52 -25.62 43.10 -35.85
C LYS M 52 -24.88 44.23 -35.18
N LEU M 53 -23.88 44.76 -35.86
CA LEU M 53 -23.16 45.91 -35.33
C LEU M 53 -24.07 47.12 -35.38
N PRO M 54 -24.32 47.82 -34.26
CA PRO M 54 -25.24 48.96 -34.27
C PRO M 54 -24.67 50.22 -34.90
N VAL M 55 -23.39 50.22 -35.27
CA VAL M 55 -22.75 51.36 -35.93
C VAL M 55 -22.04 50.84 -37.17
N PRO M 56 -21.75 51.70 -38.15
CA PRO M 56 -21.05 51.23 -39.34
C PRO M 56 -19.63 50.83 -39.01
N TRP M 57 -19.17 49.76 -39.64
CA TRP M 57 -17.79 49.30 -39.44
C TRP M 57 -16.74 50.38 -39.65
N PRO M 58 -16.81 51.23 -40.68
CA PRO M 58 -15.74 52.25 -40.83
C PRO M 58 -15.59 53.19 -39.64
N THR M 59 -16.63 53.42 -38.84
CA THR M 59 -16.47 54.31 -37.69
C THR M 59 -15.68 53.67 -36.55
N LEU M 60 -15.37 52.38 -36.62
CA LEU M 60 -14.60 51.71 -35.58
C LEU M 60 -13.15 51.45 -35.97
N VAL M 61 -12.75 51.74 -37.20
CA VAL M 61 -11.41 51.40 -37.67
C VAL M 61 -10.34 52.00 -36.74
N THR M 62 -10.46 53.30 -36.45
CA THR M 62 -9.44 53.96 -35.64
C THR M 62 -9.40 53.39 -34.22
N THR M 63 -10.54 52.97 -33.68
CA THR M 63 -10.55 52.38 -32.35
C THR M 63 -9.92 50.99 -32.37
N LEU M 64 -10.16 50.23 -33.43
CA LEU M 64 -9.63 48.87 -33.54
C LEU M 64 -8.16 48.83 -33.94
N THR M 65 -7.72 49.68 -34.89
CA THR M 65 -6.37 49.52 -35.47
C THR M 65 -5.52 50.78 -35.52
N TYR M 66 -6.13 51.97 -35.65
CA TYR M 66 -5.26 53.03 -35.14
C TYR M 66 -5.19 52.92 -33.63
N GLY M 67 -5.65 51.77 -33.16
CA GLY M 67 -5.48 51.26 -31.82
C GLY M 67 -4.24 50.42 -31.62
N VAL M 68 -3.53 50.06 -32.69
CA VAL M 68 -2.28 49.33 -32.53
C VAL M 68 -1.16 50.04 -33.32
N GLN M 69 -0.97 51.32 -33.03
CA GLN M 69 -0.02 52.13 -33.78
C GLN M 69 1.42 51.76 -33.52
N CYS M 70 1.67 50.79 -32.62
CA CYS M 70 3.00 50.21 -32.47
C CYS M 70 3.43 49.41 -33.69
N PHE M 71 2.54 49.15 -34.64
CA PHE M 71 2.91 48.47 -35.88
C PHE M 71 3.24 49.45 -37.00
N SER M 72 3.30 50.74 -36.71
CA SER M 72 3.76 51.73 -37.67
C SER M 72 5.22 51.47 -38.03
N ARG M 73 5.58 51.81 -39.27
CA ARG M 73 6.96 51.75 -39.70
C ARG M 73 7.60 53.11 -39.47
N TYR M 74 8.55 53.17 -38.55
CA TYR M 74 9.36 54.37 -38.38
C TYR M 74 10.64 54.20 -39.16
N PRO M 75 10.95 55.08 -40.12
CA PRO M 75 12.26 55.03 -40.78
C PRO M 75 13.39 55.09 -39.76
N ASP M 76 14.52 54.49 -40.12
CA ASP M 76 15.61 54.27 -39.17
C ASP M 76 15.95 55.53 -38.37
N HIS M 77 16.10 56.67 -39.05
CA HIS M 77 16.49 57.86 -38.33
C HIS M 77 15.38 58.42 -37.46
N MET M 78 14.13 58.02 -37.68
CA MET M 78 13.03 58.49 -36.84
C MET M 78 12.69 57.53 -35.71
N LYS M 79 13.41 56.40 -35.61
CA LYS M 79 13.06 55.44 -34.56
C LYS M 79 13.21 56.03 -33.16
N ARG M 80 13.98 57.11 -33.00
CA ARG M 80 14.09 57.76 -31.71
C ARG M 80 12.79 58.41 -31.26
N HIS M 81 11.79 58.52 -32.14
CA HIS M 81 10.52 59.16 -31.81
C HIS M 81 9.39 58.18 -31.61
N ASP M 82 9.67 56.87 -31.60
CA ASP M 82 8.62 55.85 -31.60
C ASP M 82 8.23 55.57 -30.16
N PHE M 83 7.25 56.33 -29.67
CA PHE M 83 6.75 56.10 -28.31
C PHE M 83 6.13 54.71 -28.17
N PHE M 84 5.39 54.27 -29.19
CA PHE M 84 4.52 53.10 -29.04
C PHE M 84 5.30 51.83 -28.74
N LYS M 85 6.36 51.57 -29.51
CA LYS M 85 7.16 50.37 -29.23
C LYS M 85 7.95 50.52 -27.94
N SER M 86 8.30 51.75 -27.57
CA SER M 86 9.12 51.95 -26.39
C SER M 86 8.37 51.60 -25.12
N ALA M 87 7.04 51.70 -25.14
CA ALA M 87 6.20 51.38 -24.00
C ALA M 87 5.98 49.88 -23.83
N MET M 88 6.38 49.06 -24.81
CA MET M 88 6.22 47.61 -24.75
C MET M 88 7.36 46.99 -23.95
N PRO M 89 7.13 45.81 -23.35
CA PRO M 89 5.92 44.98 -23.40
C PRO M 89 4.81 45.37 -22.43
N GLU M 90 5.10 46.19 -21.41
CA GLU M 90 4.07 46.55 -20.44
C GLU M 90 2.88 47.19 -21.14
N GLY M 91 3.15 48.00 -22.16
CA GLY M 91 2.14 48.57 -23.00
C GLY M 91 1.76 49.97 -22.62
N TYR M 92 0.66 50.44 -23.19
CA TYR M 92 0.20 51.79 -22.97
C TYR M 92 -1.32 51.81 -22.97
N VAL M 93 -1.86 52.88 -22.37
CA VAL M 93 -3.29 53.16 -22.40
C VAL M 93 -3.55 54.17 -23.50
N GLN M 94 -4.55 53.90 -24.33
CA GLN M 94 -4.93 54.81 -25.41
C GLN M 94 -6.36 55.28 -25.16
N GLU M 95 -6.54 56.61 -25.05
CA GLU M 95 -7.84 57.21 -24.83
C GLU M 95 -8.15 58.20 -25.94
N ARG M 96 -9.41 58.18 -26.38
CA ARG M 96 -9.86 59.03 -27.46
C ARG M 96 -11.22 59.61 -27.13
N THR M 97 -11.46 60.80 -27.64
CA THR M 97 -12.80 61.33 -27.87
C THR M 97 -12.94 61.48 -29.37
N ILE M 98 -13.97 60.87 -29.95
CA ILE M 98 -14.26 60.98 -31.36
C ILE M 98 -15.59 61.69 -31.48
N SER M 99 -15.57 62.90 -32.03
CA SER M 99 -16.74 63.79 -32.11
C SER M 99 -17.21 63.83 -33.55
N PHE M 100 -18.39 63.26 -33.80
CA PHE M 100 -19.00 63.25 -35.13
C PHE M 100 -19.79 64.54 -35.34
N LYS M 101 -19.43 65.29 -36.38
CA LYS M 101 -20.08 66.56 -36.64
C LYS M 101 -21.58 66.38 -36.80
N ASP M 102 -22.34 67.16 -36.03
CA ASP M 102 -23.81 67.14 -36.01
C ASP M 102 -24.36 65.79 -35.56
N ASP M 103 -23.61 65.03 -34.79
CA ASP M 103 -24.11 63.75 -34.29
C ASP M 103 -23.42 63.47 -32.96
N GLY M 104 -23.35 62.19 -32.58
CA GLY M 104 -22.89 61.80 -31.27
C GLY M 104 -21.39 61.83 -31.12
N THR M 105 -20.94 61.23 -30.02
CA THR M 105 -19.53 61.15 -29.67
C THR M 105 -19.21 59.75 -29.14
N TYR M 106 -18.07 59.22 -29.57
CA TYR M 106 -17.49 58.04 -28.95
C TYR M 106 -16.47 58.49 -27.92
N LYS M 107 -16.41 57.81 -26.78
CA LYS M 107 -15.30 57.95 -25.86
C LYS M 107 -14.76 56.54 -25.62
N THR M 108 -13.45 56.36 -25.83
CA THR M 108 -12.85 55.03 -25.81
C THR M 108 -11.66 55.02 -24.88
N ARG M 109 -11.43 53.86 -24.26
CA ARG M 109 -10.22 53.66 -23.47
C ARG M 109 -9.72 52.25 -23.74
N ALA M 110 -8.44 52.13 -24.09
CA ALA M 110 -7.87 50.85 -24.49
C ALA M 110 -6.54 50.62 -23.81
N GLU M 111 -6.24 49.34 -23.58
CA GLU M 111 -4.92 48.92 -23.13
C GLU M 111 -4.32 48.11 -24.26
N VAL M 112 -3.13 48.51 -24.69
CA VAL M 112 -2.38 47.82 -25.73
C VAL M 112 -1.12 47.28 -25.08
N LYS M 113 -0.95 45.96 -25.09
CA LYS M 113 0.13 45.34 -24.36
C LYS M 113 0.34 43.93 -24.88
N PHE M 114 1.53 43.40 -24.62
CA PHE M 114 1.80 41.99 -24.92
C PHE M 114 1.23 41.11 -23.83
N GLU M 115 0.59 40.02 -24.25
CA GLU M 115 0.20 38.93 -23.36
C GLU M 115 0.78 37.67 -23.97
N GLY M 116 1.82 37.12 -23.35
CA GLY M 116 2.60 36.10 -24.05
C GLY M 116 3.19 36.67 -25.34
N ASP M 117 3.01 35.95 -26.43
CA ASP M 117 3.56 36.35 -27.73
C ASP M 117 2.60 37.20 -28.54
N THR M 118 1.44 37.53 -27.99
CA THR M 118 0.38 38.20 -28.72
C THR M 118 0.26 39.65 -28.26
N LEU M 119 0.19 40.56 -29.23
CA LEU M 119 -0.14 41.95 -28.92
C LEU M 119 -1.65 42.07 -28.81
N VAL M 120 -2.14 42.57 -27.68
CA VAL M 120 -3.56 42.61 -27.37
C VAL M 120 -4.02 44.06 -27.25
N ASN M 121 -5.15 44.36 -27.87
CA ASN M 121 -5.78 45.67 -27.78
C ASN M 121 -7.16 45.46 -27.16
N ARG M 122 -7.32 45.83 -25.89
CA ARG M 122 -8.58 45.65 -25.17
C ARG M 122 -9.24 47.01 -25.01
N ILE M 123 -10.46 47.14 -25.52
CA ILE M 123 -11.10 48.45 -25.67
C ILE M 123 -12.46 48.49 -24.99
N GLU M 124 -12.74 49.62 -24.33
CA GLU M 124 -14.07 50.01 -23.88
C GLU M 124 -14.51 51.24 -24.67
N LEU M 125 -15.73 51.24 -25.18
CA LEU M 125 -16.26 52.34 -25.99
C LEU M 125 -17.64 52.73 -25.48
N LYS M 126 -17.83 54.01 -25.21
CA LYS M 126 -19.11 54.56 -24.80
C LYS M 126 -19.55 55.59 -25.83
N GLY M 127 -20.76 55.42 -26.38
CA GLY M 127 -21.28 56.36 -27.34
C GLY M 127 -22.59 57.01 -26.92
N ILE M 128 -22.66 58.33 -26.94
CA ILE M 128 -23.82 59.05 -26.45
C ILE M 128 -24.25 60.09 -27.48
N ASP M 129 -25.54 60.46 -27.41
CA ASP M 129 -26.09 61.61 -28.12
C ASP M 129 -26.13 61.40 -29.63
N PHE M 130 -26.29 60.16 -30.06
CA PHE M 130 -26.38 59.85 -31.48
C PHE M 130 -27.82 59.91 -31.95
N LYS M 131 -28.01 60.39 -33.18
CA LYS M 131 -29.33 60.46 -33.80
C LYS M 131 -29.72 59.08 -34.30
N GLU M 132 -30.91 58.62 -33.89
CA GLU M 132 -31.32 57.27 -34.25
C GLU M 132 -31.47 57.16 -35.77
N ASP M 133 -31.72 58.29 -36.44
CA ASP M 133 -31.82 58.38 -37.89
C ASP M 133 -30.64 59.09 -38.53
N GLY M 134 -29.53 59.21 -37.82
CA GLY M 134 -28.35 59.86 -38.35
C GLY M 134 -27.55 58.94 -39.26
N ASN M 135 -26.36 59.42 -39.63
CA ASN M 135 -25.51 58.67 -40.53
C ASN M 135 -24.93 57.43 -39.87
N ILE M 136 -24.73 57.47 -38.55
CA ILE M 136 -24.04 56.39 -37.84
C ILE M 136 -25.06 55.33 -37.43
N LEU M 137 -26.02 55.70 -36.58
CA LEU M 137 -27.00 54.71 -36.15
C LEU M 137 -27.89 54.25 -37.30
N GLY M 138 -28.05 55.08 -38.34
CA GLY M 138 -28.78 54.72 -39.53
C GLY M 138 -27.99 53.97 -40.58
N HIS M 139 -26.72 53.67 -40.35
CA HIS M 139 -25.87 52.93 -41.30
C HIS M 139 -25.92 53.53 -42.71
N LYS M 140 -25.56 54.81 -42.80
CA LYS M 140 -25.58 55.53 -44.07
C LYS M 140 -24.18 55.81 -44.60
N LEU M 141 -23.16 55.15 -44.08
CA LEU M 141 -21.78 55.39 -44.49
C LEU M 141 -21.33 54.34 -45.49
N GLU M 142 -20.54 54.78 -46.47
CA GLU M 142 -19.96 53.84 -47.43
C GLU M 142 -18.92 52.96 -46.75
N TYR M 143 -18.72 51.78 -47.33
CA TYR M 143 -17.79 50.78 -46.79
C TYR M 143 -16.40 50.98 -47.40
N ASN M 144 -15.80 52.13 -47.07
CA ASN M 144 -14.44 52.41 -47.50
C ASN M 144 -13.76 53.25 -46.43
N PHE M 145 -12.49 53.57 -46.67
CA PHE M 145 -11.70 54.29 -45.67
C PHE M 145 -10.55 54.98 -46.39
N ASN M 146 -10.46 56.30 -46.24
CA ASN M 146 -9.46 57.09 -46.93
C ASN M 146 -8.11 57.02 -46.21
N SER M 147 -7.09 57.56 -46.86
CA SER M 147 -5.79 57.72 -46.24
C SER M 147 -5.79 58.96 -45.36
N HIS M 148 -5.11 58.89 -44.22
CA HIS M 148 -5.11 60.01 -43.31
C HIS M 148 -3.70 60.24 -42.77
N ASN M 149 -3.49 61.44 -42.25
CA ASN M 149 -2.22 61.84 -41.65
C ASN M 149 -2.49 62.17 -40.19
N VAL M 150 -1.94 61.37 -39.29
CA VAL M 150 -2.22 61.46 -37.86
C VAL M 150 -1.09 62.26 -37.21
N TYR M 151 -1.43 63.46 -36.75
CA TYR M 151 -0.47 64.37 -36.14
C TYR M 151 -0.17 63.95 -34.70
N ILE M 152 1.11 63.72 -34.41
CA ILE M 152 1.54 63.22 -33.10
C ILE M 152 2.44 64.25 -32.45
N THR M 153 2.19 64.53 -31.18
CA THR M 153 2.99 65.48 -30.41
C THR M 153 3.21 64.93 -29.02
N ALA M 154 4.29 65.37 -28.38
CA ALA M 154 4.67 64.88 -27.06
C ALA M 154 3.79 65.49 -25.97
N ASP M 155 3.59 64.72 -24.91
CA ASP M 155 2.89 65.17 -23.71
C ASP M 155 3.85 64.85 -22.57
N LYS M 156 4.74 65.79 -22.30
CA LYS M 156 5.83 65.56 -21.37
C LYS M 156 5.34 65.34 -19.94
N GLN M 157 4.30 66.05 -19.52
CA GLN M 157 3.82 65.90 -18.15
C GLN M 157 3.30 64.49 -17.88
N LYS M 158 2.65 63.86 -18.85
CA LYS M 158 2.06 62.55 -18.65
C LYS M 158 2.93 61.45 -19.24
N ASN M 159 4.16 61.78 -19.63
CA ASN M 159 5.15 60.83 -20.12
C ASN M 159 4.62 60.07 -21.34
N GLY M 160 3.79 60.74 -22.14
CA GLY M 160 3.21 60.10 -23.29
C GLY M 160 3.08 61.03 -24.48
N ILE M 161 2.03 60.81 -25.28
CA ILE M 161 1.82 61.57 -26.50
C ILE M 161 0.36 61.94 -26.64
N LYS M 162 0.10 62.86 -27.55
CA LYS M 162 -1.23 63.22 -28.00
C LYS M 162 -1.29 63.11 -29.51
N ALA M 163 -2.51 62.95 -30.02
CA ALA M 163 -2.73 62.92 -31.45
C ALA M 163 -4.03 63.62 -31.76
N ASN M 164 -4.07 64.27 -32.92
CA ASN M 164 -5.28 64.94 -33.42
C ASN M 164 -5.39 64.71 -34.91
N PHE M 165 -6.58 64.33 -35.37
CA PHE M 165 -6.85 64.18 -36.79
C PHE M 165 -8.36 64.16 -37.00
N LYS M 166 -8.77 64.53 -38.22
CA LYS M 166 -10.18 64.55 -38.59
C LYS M 166 -10.40 63.55 -39.72
N ILE M 167 -11.19 62.53 -39.44
CA ILE M 167 -11.56 61.51 -40.43
C ILE M 167 -12.77 61.99 -41.22
N ARG M 168 -12.78 61.73 -42.52
CA ARG M 168 -13.94 62.03 -43.37
C ARG M 168 -14.51 60.71 -43.88
N HIS M 169 -15.64 60.30 -43.31
CA HIS M 169 -16.41 59.13 -43.75
C HIS M 169 -17.35 59.51 -44.89
N ASN M 170 -17.20 58.81 -46.03
CA ASN M 170 -18.10 59.01 -47.16
C ASN M 170 -19.52 58.57 -46.82
N VAL M 171 -20.49 59.43 -47.09
CA VAL M 171 -21.91 59.12 -46.89
C VAL M 171 -22.51 58.68 -48.23
N GLU M 172 -23.55 57.85 -48.15
CA GLU M 172 -24.13 57.28 -49.36
C GLU M 172 -24.71 58.33 -50.29
N ASP M 173 -25.20 59.45 -49.74
CA ASP M 173 -25.74 60.51 -50.59
C ASP M 173 -24.65 61.31 -51.30
N GLY M 174 -23.38 60.99 -51.06
CA GLY M 174 -22.27 61.69 -51.66
C GLY M 174 -21.57 62.65 -50.73
N SER M 175 -22.22 63.06 -49.64
CA SER M 175 -21.64 63.98 -48.68
C SER M 175 -20.58 63.27 -47.82
N VAL M 176 -20.12 63.97 -46.78
CA VAL M 176 -19.02 63.51 -45.93
C VAL M 176 -19.43 63.69 -44.48
N GLN M 177 -19.08 62.70 -43.64
CA GLN M 177 -19.34 62.73 -42.21
C GLN M 177 -18.02 62.89 -41.48
N LEU M 178 -17.84 64.03 -40.81
CA LEU M 178 -16.59 64.32 -40.13
C LEU M 178 -16.55 63.65 -38.77
N ALA M 179 -15.36 63.14 -38.41
CA ALA M 179 -15.11 62.51 -37.11
C ALA M 179 -13.83 63.13 -36.55
N ASP M 180 -13.99 64.03 -35.57
CA ASP M 180 -12.86 64.74 -34.98
C ASP M 180 -12.26 63.89 -33.87
N HIS M 181 -10.99 63.51 -34.02
CA HIS M 181 -10.31 62.59 -33.11
C HIS M 181 -9.37 63.34 -32.18
N TYR M 182 -9.51 63.12 -30.87
CA TYR M 182 -8.60 63.64 -29.86
C TYR M 182 -8.03 62.45 -29.10
N GLN M 183 -6.71 62.33 -29.07
CA GLN M 183 -6.10 61.09 -28.61
C GLN M 183 -5.03 61.38 -27.58
N GLN M 184 -4.97 60.53 -26.56
CA GLN M 184 -3.94 60.59 -25.54
C GLN M 184 -3.46 59.18 -25.26
N ASN M 185 -2.15 58.99 -25.24
CA ASN M 185 -1.52 57.72 -24.88
C ASN M 185 -0.61 57.94 -23.69
N THR M 186 -0.67 57.01 -22.73
CA THR M 186 0.20 57.08 -21.57
C THR M 186 0.72 55.67 -21.30
N PRO M 187 1.98 55.54 -20.89
CA PRO M 187 2.55 54.20 -20.69
C PRO M 187 1.96 53.52 -19.47
N ILE M 188 1.79 52.20 -19.57
CA ILE M 188 1.30 51.46 -18.42
C ILE M 188 2.41 51.30 -17.40
N GLY M 189 3.63 51.04 -17.84
CA GLY M 189 4.76 50.99 -16.94
C GLY M 189 5.27 52.38 -16.64
N ASP M 190 6.25 52.46 -15.74
CA ASP M 190 6.87 53.72 -15.38
C ASP M 190 8.31 53.82 -15.90
N GLY M 191 8.81 52.76 -16.56
CA GLY M 191 10.14 52.74 -17.10
C GLY M 191 10.33 53.79 -18.18
N PRO M 192 11.57 53.94 -18.68
CA PRO M 192 11.81 55.00 -19.67
C PRO M 192 11.15 54.72 -21.00
N VAL M 193 10.62 55.78 -21.61
CA VAL M 193 9.94 55.70 -22.90
C VAL M 193 10.50 56.81 -23.80
N LEU M 194 10.27 56.65 -25.09
CA LEU M 194 10.69 57.67 -26.04
C LEU M 194 9.59 58.70 -26.21
N LEU M 195 9.93 59.95 -26.02
CA LEU M 195 8.98 61.02 -26.28
C LEU M 195 9.34 61.71 -27.57
N PRO M 196 8.43 61.80 -28.52
CA PRO M 196 8.78 62.27 -29.86
C PRO M 196 8.74 63.78 -30.01
N ASP M 197 9.52 64.25 -30.97
CA ASP M 197 9.25 65.55 -31.53
C ASP M 197 8.12 65.43 -32.55
N ASN M 198 7.53 66.57 -32.91
CA ASN M 198 6.35 66.58 -33.78
C ASN M 198 6.59 65.79 -35.06
N HIS M 199 5.66 64.91 -35.39
CA HIS M 199 5.70 64.17 -36.64
C HIS M 199 4.29 63.69 -36.96
N TYR M 200 4.15 62.85 -37.98
CA TYR M 200 2.83 62.30 -38.28
C TYR M 200 2.93 60.89 -38.79
N LEU M 201 1.82 60.16 -38.68
CA LEU M 201 1.69 58.83 -39.23
C LEU M 201 0.87 58.93 -40.51
N SER M 202 1.42 58.40 -41.61
CA SER M 202 0.72 58.34 -42.89
C SER M 202 0.09 56.96 -43.04
N THR M 203 -1.24 56.90 -43.08
CA THR M 203 -1.97 55.65 -43.01
C THR M 203 -2.71 55.38 -44.31
N GLN M 204 -2.78 54.10 -44.69
CA GLN M 204 -3.60 53.65 -45.81
C GLN M 204 -4.28 52.35 -45.46
N SER M 205 -5.53 52.20 -45.90
CA SER M 205 -6.38 51.10 -45.50
C SER M 205 -7.19 50.63 -46.70
N VAL M 206 -7.50 49.33 -46.72
CA VAL M 206 -8.52 48.81 -47.62
C VAL M 206 -9.43 47.87 -46.82
N LEU M 207 -10.73 48.10 -46.92
CA LEU M 207 -11.72 47.30 -46.22
C LEU M 207 -12.35 46.31 -47.18
N SER M 208 -12.59 45.09 -46.70
CA SER M 208 -13.14 44.06 -47.56
C SER M 208 -13.96 43.10 -46.72
N LYS M 209 -14.52 42.09 -47.40
CA LYS M 209 -15.34 41.08 -46.78
C LYS M 209 -14.74 39.70 -47.03
N ASP M 210 -15.02 38.78 -46.11
CA ASP M 210 -14.64 37.39 -46.24
C ASP M 210 -15.85 36.66 -46.82
N PRO M 211 -15.77 36.16 -48.05
CA PRO M 211 -16.97 35.58 -48.68
C PRO M 211 -17.52 34.37 -47.94
N ASN M 212 -16.70 33.70 -47.14
CA ASN M 212 -17.12 32.52 -46.38
C ASN M 212 -17.71 32.87 -45.02
N GLU M 213 -17.62 34.13 -44.61
CA GLU M 213 -18.03 34.55 -43.27
C GLU M 213 -19.48 35.04 -43.26
N LYS M 214 -20.32 34.35 -42.49
CA LYS M 214 -21.73 34.70 -42.39
C LYS M 214 -22.02 35.71 -41.29
N ARG M 215 -21.15 35.82 -40.30
CA ARG M 215 -21.37 36.83 -39.27
C ARG M 215 -21.03 38.21 -39.81
N ASP M 216 -21.59 39.22 -39.16
CA ASP M 216 -21.23 40.61 -39.46
C ASP M 216 -19.75 40.82 -39.16
N HIS M 217 -19.01 41.30 -40.15
CA HIS M 217 -17.55 41.29 -40.03
C HIS M 217 -16.93 42.36 -40.93
N MET M 218 -15.63 42.56 -40.74
CA MET M 218 -14.82 43.47 -41.54
C MET M 218 -13.42 42.89 -41.65
N VAL M 219 -12.89 42.84 -42.87
CA VAL M 219 -11.50 42.46 -43.11
C VAL M 219 -10.73 43.73 -43.44
N LEU M 220 -9.53 43.86 -42.87
CA LEU M 220 -8.76 45.09 -42.96
C LEU M 220 -7.32 44.82 -43.30
N LEU M 221 -6.79 45.56 -44.27
CA LEU M 221 -5.37 45.63 -44.57
C LEU M 221 -4.95 47.10 -44.47
N GLU M 222 -3.82 47.34 -43.82
CA GLU M 222 -3.47 48.70 -43.49
C GLU M 222 -1.95 48.87 -43.52
N PHE M 223 -1.47 49.95 -44.12
CA PHE M 223 -0.06 50.30 -44.14
C PHE M 223 0.11 51.66 -43.49
N VAL M 224 1.04 51.76 -42.54
CA VAL M 224 1.27 52.99 -41.78
C VAL M 224 2.75 53.27 -41.70
N THR M 225 3.14 54.53 -41.99
CA THR M 225 4.53 54.96 -41.98
C THR M 225 4.63 56.32 -41.28
N ALA M 226 5.61 56.46 -40.38
CA ALA M 226 5.86 57.74 -39.77
C ALA M 226 6.65 58.65 -40.72
N ALA M 227 6.46 59.95 -40.57
CA ALA M 227 7.07 60.90 -41.49
C ALA M 227 7.10 62.28 -40.83
N GLY M 228 7.79 63.21 -41.49
CA GLY M 228 7.74 64.62 -41.16
C GLY M 228 9.03 65.22 -40.64
N ILE M 229 10.03 64.41 -40.30
CA ILE M 229 11.30 64.90 -39.80
C ILE M 229 12.40 64.47 -40.76
N THR M 230 13.27 65.40 -41.15
CA THR M 230 14.30 65.08 -42.12
C THR M 230 15.41 64.28 -41.46
N HIS M 231 16.20 63.61 -42.31
CA HIS M 231 17.39 62.93 -41.83
C HIS M 231 18.34 63.92 -41.15
N GLY M 232 18.50 65.11 -41.73
CA GLY M 232 19.37 66.11 -41.12
C GLY M 232 18.91 66.54 -39.74
N MET M 233 17.60 66.68 -39.55
CA MET M 233 17.08 67.07 -38.24
C MET M 233 17.34 65.98 -37.20
N ASP M 234 17.16 64.71 -37.57
CA ASP M 234 17.37 63.64 -36.59
C ASP M 234 18.86 63.48 -36.26
N GLU M 235 19.75 63.73 -37.22
CA GLU M 235 21.18 63.78 -36.90
C GLU M 235 21.48 64.89 -35.89
N LEU M 236 20.85 66.06 -36.07
CA LEU M 236 20.96 67.12 -35.07
C LEU M 236 20.45 66.63 -33.71
N TYR M 237 19.15 66.34 -33.61
CA TYR M 237 18.56 65.70 -32.43
C TYR M 237 19.47 64.70 -31.72
N LYS M 238 20.17 63.88 -32.50
CA LYS M 238 21.05 62.87 -31.93
C LYS M 238 22.28 63.50 -31.28
N LYS M 239 22.87 64.51 -31.93
CA LYS M 239 24.00 65.21 -31.35
C LYS M 239 23.59 65.99 -30.10
N LEU M 240 22.50 66.76 -30.18
CA LEU M 240 22.04 67.56 -29.04
C LEU M 240 21.63 66.68 -27.86
N GLY M 241 21.17 65.46 -28.11
CA GLY M 241 20.79 64.58 -27.02
C GLY M 241 21.95 64.13 -26.13
N GLY M 242 23.18 64.35 -26.56
CA GLY M 242 24.37 64.00 -25.80
C GLY M 242 25.27 65.11 -25.27
N GLU M 243 24.98 66.31 -25.67
CA GLU M 243 25.72 67.43 -25.27
C GLU M 243 25.31 67.83 -23.87
N TYR M 244 26.17 68.46 -23.17
CA TYR M 244 25.84 68.94 -21.86
C TYR M 244 25.48 70.37 -22.01
N PHE M 245 24.54 70.83 -21.22
CA PHE M 245 24.11 72.20 -21.28
C PHE M 245 24.26 72.87 -19.97
N THR M 246 24.50 74.14 -20.03
CA THR M 246 24.63 74.96 -18.84
C THR M 246 23.39 75.80 -18.58
N LEU M 247 22.76 75.59 -17.42
CA LEU M 247 21.60 76.36 -16.99
C LEU M 247 21.99 77.34 -15.89
N GLN M 248 21.51 78.58 -16.01
CA GLN M 248 21.75 79.61 -15.00
C GLN M 248 20.51 79.75 -14.12
N ILE M 249 20.70 79.60 -12.81
CA ILE M 249 19.61 79.60 -11.83
C ILE M 249 19.78 80.80 -10.91
N ARG M 250 18.66 81.44 -10.57
CA ARG M 250 18.62 82.59 -9.69
C ARG M 250 18.20 82.13 -8.30
N GLY M 251 19.09 82.29 -7.32
CA GLY M 251 18.75 81.96 -5.96
C GLY M 251 19.36 80.69 -5.40
N ARG M 252 19.87 80.76 -4.16
CA ARG M 252 20.47 79.57 -3.56
C ARG M 252 19.40 78.50 -3.37
N GLU M 253 18.21 78.91 -2.93
CA GLU M 253 17.12 77.96 -2.74
C GLU M 253 16.65 77.33 -4.04
N ARG M 254 16.51 78.12 -5.11
CA ARG M 254 16.11 77.54 -6.40
C ARG M 254 17.16 76.58 -6.90
N PHE M 255 18.42 76.93 -6.79
CA PHE M 255 19.49 76.10 -7.25
C PHE M 255 19.62 74.78 -6.56
N GLU M 256 19.37 74.71 -5.28
CA GLU M 256 19.51 73.43 -4.60
C GLU M 256 18.38 72.48 -4.91
N GLU M 257 17.24 72.99 -5.30
CA GLU M 257 16.15 72.20 -5.72
C GLU M 257 16.46 71.67 -7.11
N PHE M 258 16.93 72.50 -8.03
CA PHE M 258 17.28 72.01 -9.36
C PHE M 258 18.41 70.99 -9.29
N ARG M 259 19.43 71.25 -8.45
CA ARG M 259 20.52 70.30 -8.32
C ARG M 259 20.02 68.99 -7.73
N GLU M 260 19.09 69.08 -6.77
CA GLU M 260 18.52 67.87 -6.17
C GLU M 260 17.76 67.05 -7.20
N LYS M 261 17.02 67.72 -8.08
CA LYS M 261 16.29 67.00 -9.12
C LYS M 261 17.24 66.47 -10.20
N ASN M 262 18.24 67.26 -10.59
CA ASN M 262 19.20 66.82 -11.60
C ASN M 262 19.99 65.59 -11.13
N GLU M 263 20.46 65.63 -9.89
CA GLU M 263 21.27 64.52 -9.37
C GLU M 263 20.47 63.23 -9.30
N ALA M 264 19.18 63.33 -8.95
CA ALA M 264 18.33 62.14 -8.91
C ALA M 264 18.23 61.51 -10.30
N LEU M 265 17.99 62.34 -11.32
CA LEU M 265 17.83 61.80 -12.66
C LEU M 265 19.11 61.14 -13.15
N GLU M 266 20.26 61.77 -12.90
CA GLU M 266 21.53 61.18 -13.33
C GLU M 266 21.83 59.90 -12.58
N LEU M 267 21.40 59.83 -11.32
CA LEU M 267 21.55 58.60 -10.54
C LEU M 267 20.70 57.48 -11.13
N LYS M 268 19.46 57.80 -11.49
CA LYS M 268 18.62 56.81 -12.16
C LYS M 268 19.28 56.33 -13.45
N ASP M 269 19.89 57.24 -14.22
CA ASP M 269 20.63 56.81 -15.41
C ASP M 269 21.75 55.86 -15.02
N ALA M 270 22.49 56.20 -13.96
CA ALA M 270 23.64 55.41 -13.51
C ALA M 270 23.21 54.05 -12.97
N GLN M 271 22.03 53.93 -12.35
CA GLN M 271 21.58 52.63 -11.87
C GLN M 271 21.45 51.66 -13.03
N ALA M 272 20.97 52.13 -14.18
CA ALA M 272 21.06 51.33 -15.39
C ALA M 272 22.45 51.57 -15.96
N GLY M 273 22.78 50.96 -17.08
CA GLY M 273 24.14 51.17 -17.52
C GLY M 273 24.28 52.48 -18.27
N GLY M 274 23.40 53.44 -17.99
CA GLY M 274 23.23 54.53 -18.92
C GLY M 274 22.61 54.04 -20.20
N THR M 275 22.09 52.81 -20.17
CA THR M 275 21.72 52.06 -21.37
C THR M 275 20.59 52.73 -22.13
N CYS M 276 19.80 53.58 -21.49
CA CYS M 276 18.62 54.18 -22.10
C CYS M 276 18.79 55.67 -22.38
N PHE M 277 19.98 56.23 -22.22
CA PHE M 277 20.06 57.68 -22.22
C PHE M 277 19.79 58.34 -23.57
N ASN M 278 20.75 58.35 -24.48
CA ASN M 278 20.51 59.02 -25.76
C ASN M 278 20.14 58.01 -26.83
N ALA M 279 19.16 57.17 -26.53
CA ALA M 279 18.86 56.03 -27.39
C ALA M 279 18.44 56.46 -28.78
N SER M 280 18.94 55.73 -29.77
CA SER M 280 18.56 55.91 -31.15
C SER M 280 17.37 55.03 -31.48
N GLU N 11 24.79 85.72 -6.55
CA GLU N 11 23.64 84.86 -6.32
C GLU N 11 23.19 84.08 -7.55
N TYR N 12 24.03 84.00 -8.58
CA TYR N 12 23.75 83.19 -9.74
C TYR N 12 24.51 81.88 -9.60
N PHE N 13 23.89 80.79 -10.06
CA PHE N 13 24.44 79.46 -9.93
C PHE N 13 24.31 78.72 -11.26
N THR N 14 25.20 77.76 -11.47
CA THR N 14 25.29 77.02 -12.71
C THR N 14 25.01 75.55 -12.47
N LEU N 15 24.27 74.95 -13.39
CA LEU N 15 23.94 73.53 -13.31
C LEU N 15 24.22 72.91 -14.66
N GLN N 16 24.95 71.80 -14.68
CA GLN N 16 25.23 71.05 -15.91
C GLN N 16 24.15 70.01 -16.13
N ILE N 17 23.40 70.15 -17.23
CA ILE N 17 22.31 69.25 -17.58
C ILE N 17 22.72 68.44 -18.80
N ARG N 18 22.49 67.13 -18.75
CA ARG N 18 22.91 66.22 -19.80
C ARG N 18 21.77 66.03 -20.80
N GLY N 19 21.94 66.55 -22.02
CA GLY N 19 21.04 66.21 -23.11
C GLY N 19 19.96 67.25 -23.31
N ARG N 20 19.54 67.38 -24.57
CA ARG N 20 18.55 68.41 -24.94
C ARG N 20 17.25 68.25 -24.16
N GLU N 21 16.71 67.03 -24.09
CA GLU N 21 15.40 66.82 -23.50
C GLU N 21 15.36 67.26 -22.04
N ARG N 22 16.32 66.79 -21.25
CA ARG N 22 16.39 67.18 -19.84
C ARG N 22 16.64 68.68 -19.70
N PHE N 23 17.52 69.23 -20.53
CA PHE N 23 17.80 70.66 -20.46
C PHE N 23 16.58 71.48 -20.82
N GLU N 24 15.86 71.08 -21.87
CA GLU N 24 14.70 71.87 -22.27
C GLU N 24 13.63 71.87 -21.20
N GLU N 25 13.46 70.77 -20.48
CA GLU N 25 12.48 70.76 -19.40
C GLU N 25 12.94 71.63 -18.23
N PHE N 26 14.21 71.50 -17.81
CA PHE N 26 14.68 72.33 -16.71
C PHE N 26 14.62 73.81 -17.08
N ARG N 27 15.04 74.14 -18.31
CA ARG N 27 15.01 75.52 -18.75
C ARG N 27 13.59 76.08 -18.75
N GLU N 28 12.61 75.23 -19.06
CA GLU N 28 11.22 75.67 -19.10
C GLU N 28 10.70 76.03 -17.72
N LYS N 29 10.95 75.18 -16.74
CA LYS N 29 10.53 75.48 -15.38
C LYS N 29 11.28 76.68 -14.80
N ASN N 30 12.60 76.73 -15.00
CA ASN N 30 13.38 77.84 -14.46
C ASN N 30 12.89 79.17 -15.03
N GLU N 31 12.58 79.19 -16.32
CA GLU N 31 12.14 80.43 -16.94
C GLU N 31 10.75 80.81 -16.45
N ALA N 32 9.86 79.81 -16.27
CA ALA N 32 8.56 80.10 -15.70
C ALA N 32 8.71 80.67 -14.29
N LEU N 33 9.66 80.13 -13.51
CA LEU N 33 9.92 80.66 -12.19
C LEU N 33 10.40 82.10 -12.25
N GLU N 34 11.32 82.40 -13.16
CA GLU N 34 11.86 83.75 -13.27
C GLU N 34 10.83 84.74 -13.80
N LEU N 35 9.77 84.28 -14.47
CA LEU N 35 8.76 85.20 -14.95
C LEU N 35 7.62 85.39 -13.97
N LYS N 36 7.49 84.52 -12.97
CA LYS N 36 6.47 84.69 -11.96
C LYS N 36 6.93 85.61 -10.83
N ASP N 37 8.19 85.46 -10.40
CA ASP N 37 8.75 86.38 -9.42
C ASP N 37 9.08 87.76 -10.00
N ALA N 38 8.84 87.96 -11.29
CA ALA N 38 9.12 89.25 -11.92
C ALA N 38 7.91 90.17 -11.76
N MET O 1 -26.61 -78.77 44.64
CA MET O 1 -25.73 -79.93 44.49
C MET O 1 -26.52 -81.10 43.94
N SER O 2 -25.84 -82.04 43.28
CA SER O 2 -26.53 -83.09 42.56
C SER O 2 -26.94 -84.22 43.49
N LYS O 3 -27.82 -85.08 42.96
CA LYS O 3 -28.23 -86.27 43.68
C LYS O 3 -27.06 -87.23 43.88
N GLY O 4 -26.12 -87.25 42.93
CA GLY O 4 -24.95 -88.12 43.04
C GLY O 4 -24.02 -87.77 44.20
N GLU O 5 -24.15 -86.58 44.76
CA GLU O 5 -23.30 -86.17 45.88
C GLU O 5 -23.40 -87.12 47.07
N GLU O 6 -24.57 -87.74 47.27
CA GLU O 6 -24.75 -88.64 48.41
C GLU O 6 -23.90 -89.89 48.28
N LEU O 7 -23.54 -90.26 47.06
CA LEU O 7 -22.73 -91.45 46.83
C LEU O 7 -21.30 -91.27 47.29
N PHE O 8 -20.86 -90.05 47.57
CA PHE O 8 -19.47 -89.77 47.87
C PHE O 8 -19.26 -89.19 49.26
N THR O 9 -20.29 -89.16 50.10
CA THR O 9 -20.16 -88.60 51.43
C THR O 9 -19.28 -89.45 52.35
N GLY O 10 -19.02 -90.70 51.99
CA GLY O 10 -18.15 -91.55 52.80
C GLY O 10 -16.93 -92.06 52.04
N VAL O 11 -16.30 -93.10 52.56
CA VAL O 11 -15.15 -93.73 51.90
C VAL O 11 -15.67 -94.76 50.90
N VAL O 12 -15.18 -94.70 49.67
CA VAL O 12 -15.68 -95.50 48.56
C VAL O 12 -14.54 -96.37 48.03
N PRO O 13 -14.72 -97.69 47.95
CA PRO O 13 -13.69 -98.54 47.34
C PRO O 13 -13.59 -98.31 45.85
N ILE O 14 -12.36 -98.40 45.34
CA ILE O 14 -12.06 -98.10 43.94
C ILE O 14 -11.34 -99.28 43.30
N LEU O 15 -11.75 -99.63 42.07
CA LEU O 15 -11.03 -100.57 41.23
C LEU O 15 -10.66 -99.89 39.91
N VAL O 16 -9.42 -100.03 39.50
CA VAL O 16 -8.94 -99.50 38.23
C VAL O 16 -8.33 -100.64 37.42
N GLU O 17 -8.73 -100.74 36.15
CA GLU O 17 -8.21 -101.71 35.21
C GLU O 17 -7.84 -100.99 33.92
N LEU O 18 -6.59 -101.14 33.50
CA LEU O 18 -6.09 -100.53 32.28
C LEU O 18 -5.56 -101.65 31.40
N ASP O 19 -6.01 -101.68 30.15
CA ASP O 19 -5.40 -102.50 29.12
C ASP O 19 -4.72 -101.54 28.16
N GLY O 20 -3.41 -101.73 27.97
CA GLY O 20 -2.62 -100.77 27.25
C GLY O 20 -1.83 -101.41 26.12
N ASP O 21 -1.49 -100.57 25.16
CA ASP O 21 -0.69 -100.99 24.01
C ASP O 21 0.10 -99.77 23.55
N VAL O 22 1.41 -99.80 23.75
CA VAL O 22 2.28 -98.69 23.37
C VAL O 22 3.32 -99.23 22.40
N ASN O 23 3.29 -98.74 21.16
CA ASN O 23 4.20 -99.18 20.11
C ASN O 23 4.20 -100.70 19.97
N GLY O 24 3.03 -101.32 20.18
CA GLY O 24 2.90 -102.75 20.08
C GLY O 24 3.20 -103.51 21.36
N HIS O 25 3.80 -102.87 22.35
CA HIS O 25 4.11 -103.53 23.62
C HIS O 25 2.83 -103.55 24.45
N LYS O 26 2.24 -104.72 24.63
CA LYS O 26 0.99 -104.82 25.36
C LYS O 26 1.25 -104.99 26.85
N PHE O 27 0.40 -104.39 27.67
CA PHE O 27 0.56 -104.43 29.11
C PHE O 27 -0.79 -104.19 29.77
N SER O 28 -0.87 -104.56 31.05
CA SER O 28 -2.09 -104.43 31.82
C SER O 28 -1.76 -103.95 33.23
N VAL O 29 -2.61 -103.08 33.76
CA VAL O 29 -2.44 -102.53 35.10
C VAL O 29 -3.75 -102.73 35.87
N ARG O 30 -3.65 -103.18 37.11
CA ARG O 30 -4.80 -103.24 38.00
C ARG O 30 -4.47 -102.50 39.28
N GLY O 31 -5.40 -101.68 39.73
CA GLY O 31 -5.21 -100.91 40.94
C GLY O 31 -6.43 -101.00 41.83
N GLU O 32 -6.19 -100.89 43.13
CA GLU O 32 -7.28 -100.89 44.10
C GLU O 32 -6.95 -99.93 45.23
N GLY O 33 -8.00 -99.47 45.89
CA GLY O 33 -7.86 -98.52 46.99
C GLY O 33 -9.19 -97.91 47.34
N GLU O 34 -9.13 -96.71 47.89
CA GLU O 34 -10.36 -96.08 48.34
C GLU O 34 -10.30 -94.59 48.07
N GLY O 35 -11.47 -93.99 47.88
CA GLY O 35 -11.59 -92.56 47.65
C GLY O 35 -12.45 -91.92 48.72
N ASP O 36 -12.08 -90.69 49.10
CA ASP O 36 -12.71 -89.95 50.19
C ASP O 36 -12.96 -88.51 49.70
N ALA O 37 -14.10 -88.32 49.01
CA ALA O 37 -14.37 -87.03 48.39
C ALA O 37 -14.48 -85.91 49.42
N THR O 38 -14.98 -86.22 50.62
CA THR O 38 -15.07 -85.22 51.68
C THR O 38 -13.73 -84.52 51.91
N ASN O 39 -12.62 -85.26 51.79
CA ASN O 39 -11.30 -84.66 51.91
C ASN O 39 -10.53 -84.63 50.59
N GLY O 40 -11.21 -84.87 49.47
CA GLY O 40 -10.54 -84.89 48.18
C GLY O 40 -9.38 -85.85 48.11
N LYS O 41 -9.47 -86.99 48.79
CA LYS O 41 -8.32 -87.86 49.03
C LYS O 41 -8.49 -89.18 48.31
N LEU O 42 -7.40 -89.64 47.70
CA LEU O 42 -7.33 -90.95 47.07
C LEU O 42 -6.12 -91.69 47.58
N THR O 43 -6.30 -92.97 47.87
CA THR O 43 -5.21 -93.86 48.26
C THR O 43 -5.34 -95.09 47.38
N LEU O 44 -4.33 -95.32 46.54
CA LEU O 44 -4.39 -96.42 45.58
C LEU O 44 -3.03 -97.11 45.49
N LYS O 45 -3.07 -98.42 45.26
CA LYS O 45 -1.91 -99.21 44.88
C LYS O 45 -2.16 -99.86 43.53
N PHE O 46 -1.23 -99.69 42.61
CA PHE O 46 -1.33 -100.24 41.27
C PHE O 46 -0.26 -101.29 41.04
N ILE O 47 -0.60 -102.35 40.30
CA ILE O 47 0.34 -103.39 39.92
C ILE O 47 0.28 -103.58 38.42
N CYS O 48 1.44 -103.74 37.80
CA CYS O 48 1.50 -104.24 36.43
C CYS O 48 1.37 -105.76 36.46
N THR O 49 0.33 -106.30 35.83
CA THR O 49 0.08 -107.74 35.85
C THR O 49 0.76 -108.49 34.73
N THR O 50 1.41 -107.78 33.79
CA THR O 50 2.04 -108.39 32.63
C THR O 50 3.56 -108.43 32.75
N GLY O 51 4.11 -108.11 33.91
CA GLY O 51 5.55 -108.12 34.08
C GLY O 51 6.09 -106.75 34.37
N LYS O 52 7.06 -106.30 33.58
CA LYS O 52 7.61 -104.98 33.76
C LYS O 52 6.81 -104.01 32.92
N LEU O 53 6.48 -102.86 33.51
CA LEU O 53 5.75 -101.84 32.75
C LEU O 53 6.63 -101.31 31.63
N PRO O 54 6.18 -101.36 30.37
CA PRO O 54 7.02 -100.86 29.27
C PRO O 54 7.09 -99.35 29.22
N VAL O 55 6.34 -98.68 30.09
CA VAL O 55 6.25 -97.23 30.15
C VAL O 55 6.52 -96.78 31.59
N PRO O 56 7.00 -95.55 31.82
CA PRO O 56 7.24 -95.14 33.21
C PRO O 56 5.93 -94.93 33.95
N TRP O 57 5.90 -95.34 35.22
CA TRP O 57 4.70 -95.16 36.03
C TRP O 57 4.17 -93.72 36.07
N PRO O 58 4.98 -92.67 36.22
CA PRO O 58 4.40 -91.32 36.29
C PRO O 58 3.62 -90.92 35.05
N THR O 59 3.91 -91.49 33.87
CA THR O 59 3.15 -91.14 32.68
C THR O 59 1.74 -91.72 32.65
N LEU O 60 1.42 -92.64 33.57
CA LEU O 60 0.10 -93.24 33.61
C LEU O 60 -0.78 -92.67 34.72
N VAL O 61 -0.24 -91.80 35.57
CA VAL O 61 -0.97 -91.33 36.74
C VAL O 61 -2.28 -90.68 36.33
N THR O 62 -2.25 -89.77 35.35
CA THR O 62 -3.46 -89.06 34.96
C THR O 62 -4.50 -90.01 34.39
N THR O 63 -4.05 -91.04 33.68
CA THR O 63 -4.98 -92.01 33.12
C THR O 63 -5.60 -92.86 34.22
N LEU O 64 -4.80 -93.23 35.22
CA LEU O 64 -5.28 -94.08 36.30
C LEU O 64 -6.12 -93.31 37.33
N THR O 65 -5.72 -92.09 37.71
CA THR O 65 -6.35 -91.42 38.85
C THR O 65 -6.80 -89.99 38.61
N TYR O 66 -6.13 -89.25 37.71
CA TYR O 66 -6.98 -88.17 37.21
C TYR O 66 -8.04 -88.74 36.29
N GLY O 67 -8.15 -90.07 36.39
CA GLY O 67 -9.21 -90.89 35.84
C GLY O 67 -10.38 -91.12 36.75
N VAL O 68 -10.28 -90.72 38.02
CA VAL O 68 -11.43 -90.80 38.92
C VAL O 68 -11.64 -89.44 39.59
N GLN O 69 -11.83 -88.41 38.78
CA GLN O 69 -11.94 -87.04 39.29
C GLN O 69 -13.23 -86.79 40.05
N CYS O 70 -14.15 -87.76 40.10
CA CYS O 70 -15.33 -87.62 40.96
C CYS O 70 -14.99 -87.59 42.44
N PHE O 71 -13.76 -87.88 42.83
CA PHE O 71 -13.34 -87.80 44.23
C PHE O 71 -12.72 -86.45 44.58
N SER O 72 -12.75 -85.49 43.66
CA SER O 72 -12.31 -84.14 43.98
C SER O 72 -13.17 -83.55 45.08
N ARG O 73 -12.57 -82.69 45.90
CA ARG O 73 -13.33 -81.97 46.91
C ARG O 73 -13.81 -80.66 46.29
N TYR O 74 -15.11 -80.52 46.12
CA TYR O 74 -15.69 -79.25 45.71
C TYR O 74 -16.12 -78.50 46.95
N PRO O 75 -15.57 -77.30 47.22
CA PRO O 75 -16.08 -76.50 48.34
C PRO O 75 -17.59 -76.31 48.20
N ASP O 76 -18.25 -76.16 49.35
CA ASP O 76 -19.71 -76.22 49.38
C ASP O 76 -20.35 -75.31 48.33
N HIS O 77 -19.91 -74.05 48.25
CA HIS O 77 -20.57 -73.18 47.29
C HIS O 77 -20.25 -73.51 45.83
N MET O 78 -19.24 -74.34 45.58
CA MET O 78 -18.91 -74.78 44.22
C MET O 78 -19.51 -76.13 43.85
N LYS O 79 -20.24 -76.78 44.76
CA LYS O 79 -20.76 -78.11 44.47
C LYS O 79 -21.74 -78.11 43.31
N ARG O 80 -22.30 -76.94 42.96
CA ARG O 80 -23.16 -76.80 41.79
C ARG O 80 -22.40 -77.01 40.48
N HIS O 81 -21.07 -77.06 40.51
CA HIS O 81 -20.26 -77.22 39.31
C HIS O 81 -19.68 -78.62 39.14
N ASP O 82 -20.06 -79.57 39.99
CA ASP O 82 -19.40 -80.88 40.00
C ASP O 82 -20.11 -81.80 39.01
N PHE O 83 -19.62 -81.81 37.76
CA PHE O 83 -20.17 -82.72 36.77
C PHE O 83 -19.94 -84.17 37.16
N PHE O 84 -18.76 -84.47 37.73
CA PHE O 84 -18.33 -85.86 37.85
C PHE O 84 -19.26 -86.66 38.76
N LYS O 85 -19.57 -86.12 39.94
CA LYS O 85 -20.49 -86.81 40.83
C LYS O 85 -21.92 -86.80 40.29
N SER O 86 -22.29 -85.79 39.51
CA SER O 86 -23.67 -85.69 39.05
C SER O 86 -24.02 -86.80 38.06
N ALA O 87 -23.03 -87.30 37.32
CA ALA O 87 -23.26 -88.37 36.36
C ALA O 87 -23.36 -89.75 37.00
N MET O 88 -23.08 -89.88 38.27
CA MET O 88 -23.14 -91.14 38.95
C MET O 88 -24.54 -91.39 39.40
N PRO O 89 -24.95 -92.64 39.52
CA PRO O 89 -24.12 -93.85 39.49
C PRO O 89 -23.86 -94.46 38.14
N GLU O 90 -24.53 -94.01 37.10
CA GLU O 90 -24.29 -94.52 35.76
C GLU O 90 -22.93 -94.18 35.24
N GLY O 91 -22.37 -93.06 35.64
CA GLY O 91 -21.06 -92.71 35.22
C GLY O 91 -20.89 -91.91 34.01
N TYR O 92 -19.68 -91.82 33.58
CA TYR O 92 -19.32 -91.05 32.40
C TYR O 92 -18.18 -91.74 31.66
N VAL O 93 -18.03 -91.36 30.40
CA VAL O 93 -16.92 -91.80 29.56
C VAL O 93 -15.86 -90.70 29.58
N GLN O 94 -14.61 -91.09 29.83
CA GLN O 94 -13.49 -90.14 29.85
C GLN O 94 -12.51 -90.51 28.74
N GLU O 95 -12.27 -89.58 27.83
CA GLU O 95 -11.37 -89.77 26.70
C GLU O 95 -10.29 -88.72 26.73
N ARG O 96 -9.06 -89.12 26.40
CA ARG O 96 -7.95 -88.19 26.39
C ARG O 96 -7.05 -88.43 25.19
N THR O 97 -6.41 -87.35 24.75
CA THR O 97 -5.18 -87.39 23.97
C THR O 97 -4.10 -86.79 24.85
N ILE O 98 -3.02 -87.55 25.05
CA ILE O 98 -1.87 -87.09 25.81
C ILE O 98 -0.69 -87.07 24.84
N SER O 99 -0.19 -85.88 24.52
CA SER O 99 0.84 -85.71 23.50
C SER O 99 2.17 -85.39 24.19
N PHE O 100 3.12 -86.31 24.08
CA PHE O 100 4.45 -86.13 24.65
C PHE O 100 5.33 -85.36 23.69
N LYS O 101 5.87 -84.25 24.16
CA LYS O 101 6.67 -83.36 23.33
C LYS O 101 7.84 -84.10 22.73
N ASP O 102 7.96 -84.05 21.39
CA ASP O 102 9.03 -84.73 20.66
C ASP O 102 9.00 -86.25 20.90
N ASP O 103 7.82 -86.80 21.18
CA ASP O 103 7.72 -88.24 21.40
C ASP O 103 6.33 -88.69 20.97
N GLY O 104 5.88 -89.82 21.52
CA GLY O 104 4.65 -90.44 21.08
C GLY O 104 3.42 -89.77 21.64
N THR O 105 2.29 -90.46 21.47
CA THR O 105 0.99 -89.99 21.94
C THR O 105 0.22 -91.16 22.54
N TYR O 106 -0.44 -90.90 23.66
CA TYR O 106 -1.42 -91.80 24.23
C TYR O 106 -2.81 -91.39 23.77
N LYS O 107 -3.64 -92.38 23.46
CA LYS O 107 -5.08 -92.16 23.33
C LYS O 107 -5.77 -93.12 24.28
N THR O 108 -6.65 -92.58 25.12
CA THR O 108 -7.27 -93.36 26.17
C THR O 108 -8.77 -93.19 26.09
N ARG O 109 -9.47 -94.26 26.45
CA ARG O 109 -10.91 -94.25 26.60
C ARG O 109 -11.22 -95.02 27.87
N ALA O 110 -11.98 -94.38 28.76
CA ALA O 110 -12.28 -94.98 30.05
C ALA O 110 -13.75 -94.80 30.35
N GLU O 111 -14.29 -95.76 31.10
CA GLU O 111 -15.64 -95.64 31.64
C GLU O 111 -15.52 -95.61 33.15
N VAL O 112 -16.05 -94.55 33.76
CA VAL O 112 -16.03 -94.39 35.21
C VAL O 112 -17.48 -94.50 35.67
N LYS O 113 -17.75 -95.48 36.52
CA LYS O 113 -19.12 -95.78 36.90
C LYS O 113 -19.08 -96.66 38.14
N PHE O 114 -20.19 -96.67 38.87
CA PHE O 114 -20.34 -97.59 39.97
C PHE O 114 -20.71 -98.98 39.46
N GLU O 115 -20.07 -99.99 40.06
CA GLU O 115 -20.45 -101.39 39.91
C GLU O 115 -20.70 -101.87 41.34
N GLY O 116 -21.97 -102.04 41.70
CA GLY O 116 -22.28 -102.24 43.11
C GLY O 116 -21.82 -101.04 43.93
N ASP O 117 -21.08 -101.33 45.01
CA ASP O 117 -20.60 -100.30 45.92
C ASP O 117 -19.22 -99.75 45.60
N THR O 118 -18.55 -100.24 44.56
CA THR O 118 -17.19 -99.82 44.26
C THR O 118 -17.19 -98.98 43.00
N LEU O 119 -16.45 -97.88 43.03
CA LEU O 119 -16.26 -97.05 41.84
C LEU O 119 -15.16 -97.66 40.96
N VAL O 120 -15.49 -97.88 39.70
CA VAL O 120 -14.64 -98.61 38.77
C VAL O 120 -14.20 -97.67 37.66
N ASN O 121 -12.90 -97.70 37.34
CA ASN O 121 -12.30 -96.96 36.23
C ASN O 121 -11.67 -97.98 35.28
N ARG O 122 -12.33 -98.23 34.15
CA ARG O 122 -11.88 -99.20 33.16
C ARG O 122 -11.37 -98.47 31.94
N ILE O 123 -10.11 -98.70 31.58
CA ILE O 123 -9.41 -97.87 30.61
C ILE O 123 -8.85 -98.74 29.48
N GLU O 124 -8.95 -98.24 28.26
CA GLU O 124 -8.17 -98.74 27.14
C GLU O 124 -7.21 -97.64 26.71
N LEU O 125 -5.95 -97.99 26.48
CA LEU O 125 -4.92 -97.03 26.12
C LEU O 125 -4.17 -97.51 24.90
N LYS O 126 -4.07 -96.65 23.90
CA LYS O 126 -3.31 -96.92 22.69
C LYS O 126 -2.20 -95.87 22.57
N GLY O 127 -0.96 -96.34 22.47
CA GLY O 127 0.17 -95.44 22.32
C GLY O 127 0.96 -95.68 21.05
N ILE O 128 1.19 -94.63 20.27
CA ILE O 128 1.83 -94.75 18.97
C ILE O 128 2.95 -93.71 18.81
N ASP O 129 3.92 -94.05 17.96
CA ASP O 129 4.97 -93.14 17.49
C ASP O 129 5.96 -92.74 18.58
N PHE O 130 6.22 -93.64 19.52
CA PHE O 130 7.17 -93.36 20.59
C PHE O 130 8.58 -93.74 20.15
N LYS O 131 9.56 -92.95 20.58
CA LYS O 131 10.95 -93.25 20.29
C LYS O 131 11.42 -94.36 21.23
N GLU O 132 11.96 -95.44 20.68
CA GLU O 132 12.37 -96.57 21.51
C GLU O 132 13.47 -96.20 22.48
N ASP O 133 14.26 -95.17 22.19
CA ASP O 133 15.27 -94.70 23.12
C ASP O 133 14.90 -93.36 23.72
N GLY O 134 13.62 -93.00 23.71
CA GLY O 134 13.16 -91.76 24.28
C GLY O 134 13.05 -91.81 25.79
N ASN O 135 12.42 -90.78 26.35
CA ASN O 135 12.28 -90.70 27.80
C ASN O 135 11.28 -91.73 28.32
N ILE O 136 10.29 -92.08 27.50
CA ILE O 136 9.19 -92.94 27.90
C ILE O 136 9.57 -94.41 27.74
N LEU O 137 9.84 -94.84 26.51
CA LEU O 137 10.20 -96.25 26.31
C LEU O 137 11.57 -96.56 26.91
N GLY O 138 12.43 -95.55 27.03
CA GLY O 138 13.72 -95.71 27.68
C GLY O 138 13.70 -95.54 29.19
N HIS O 139 12.54 -95.28 29.79
CA HIS O 139 12.40 -95.13 31.23
C HIS O 139 13.41 -94.12 31.78
N LYS O 140 13.33 -92.90 31.26
CA LYS O 140 14.26 -91.85 31.63
C LYS O 140 13.62 -90.82 32.54
N LEU O 141 12.44 -91.10 33.08
CA LEU O 141 11.69 -90.16 33.91
C LEU O 141 11.88 -90.49 35.39
N GLU O 142 11.98 -89.45 36.21
CA GLU O 142 12.06 -89.64 37.65
C GLU O 142 10.74 -90.15 38.21
N TYR O 143 10.83 -90.83 39.34
CA TYR O 143 9.66 -91.41 39.99
C TYR O 143 9.06 -90.38 40.94
N ASN O 144 8.51 -89.32 40.35
CA ASN O 144 7.79 -88.32 41.12
C ASN O 144 6.66 -87.75 40.27
N PHE O 145 5.89 -86.84 40.87
CA PHE O 145 4.73 -86.27 40.19
C PHE O 145 4.44 -84.92 40.81
N ASN O 146 4.44 -83.88 39.98
CA ASN O 146 4.29 -82.53 40.46
C ASN O 146 2.81 -82.19 40.72
N SER O 147 2.61 -81.03 41.33
CA SER O 147 1.27 -80.49 41.53
C SER O 147 0.79 -79.78 40.27
N HIS O 148 -0.49 -79.91 39.95
CA HIS O 148 -1.00 -79.34 38.71
C HIS O 148 -2.35 -78.67 38.93
N ASN O 149 -2.72 -77.82 37.97
CA ASN O 149 -4.01 -77.14 37.96
C ASN O 149 -4.75 -77.52 36.69
N VAL O 150 -5.84 -78.26 36.84
CA VAL O 150 -6.56 -78.84 35.71
C VAL O 150 -7.72 -77.92 35.36
N TYR O 151 -7.61 -77.26 34.20
CA TYR O 151 -8.61 -76.31 33.74
C TYR O 151 -9.81 -77.06 33.18
N ILE O 152 -10.99 -76.76 33.72
CA ILE O 152 -12.22 -77.45 33.37
C ILE O 152 -13.21 -76.44 32.78
N THR O 153 -13.85 -76.82 31.68
CA THR O 153 -14.82 -75.97 31.02
C THR O 153 -16.01 -76.83 30.58
N ALA O 154 -17.15 -76.19 30.43
CA ALA O 154 -18.37 -76.89 30.03
C ALA O 154 -18.35 -77.19 28.54
N ASP O 155 -19.01 -78.29 28.17
CA ASP O 155 -19.22 -78.66 26.77
C ASP O 155 -20.71 -78.94 26.60
N LYS O 156 -21.50 -77.88 26.38
CA LYS O 156 -22.95 -78.06 26.35
C LYS O 156 -23.41 -78.90 25.17
N GLN O 157 -22.67 -78.87 24.05
CA GLN O 157 -23.05 -79.64 22.88
C GLN O 157 -23.15 -81.13 23.19
N LYS O 158 -22.25 -81.64 24.03
CA LYS O 158 -22.23 -83.06 24.38
C LYS O 158 -22.72 -83.30 25.80
N ASN O 159 -23.28 -82.29 26.46
CA ASN O 159 -23.82 -82.42 27.82
C ASN O 159 -22.75 -82.93 28.79
N GLY O 160 -21.50 -82.50 28.58
CA GLY O 160 -20.41 -82.91 29.43
C GLY O 160 -19.41 -81.79 29.68
N ILE O 161 -18.12 -82.13 29.80
CA ILE O 161 -17.07 -81.16 30.08
C ILE O 161 -15.84 -81.47 29.24
N LYS O 162 -14.92 -80.51 29.21
CA LYS O 162 -13.60 -80.69 28.63
C LYS O 162 -12.58 -80.25 29.67
N ALA O 163 -11.35 -80.73 29.53
CA ALA O 163 -10.26 -80.31 30.40
C ALA O 163 -8.99 -80.21 29.57
N ASN O 164 -8.14 -79.25 29.93
CA ASN O 164 -6.86 -79.06 29.27
C ASN O 164 -5.80 -78.77 30.32
N PHE O 165 -4.67 -79.46 30.23
CA PHE O 165 -3.55 -79.19 31.13
C PHE O 165 -2.29 -79.82 30.55
N LYS O 166 -1.14 -79.30 30.97
CA LYS O 166 0.17 -79.77 30.54
C LYS O 166 0.95 -80.28 31.75
N ILE O 167 1.26 -81.58 31.76
CA ILE O 167 2.04 -82.21 32.82
C ILE O 167 3.53 -82.01 32.56
N ARG O 168 4.28 -81.79 33.64
CA ARG O 168 5.72 -81.57 33.61
C ARG O 168 6.43 -82.75 34.27
N HIS O 169 6.77 -83.79 33.48
CA HIS O 169 7.52 -84.94 33.98
C HIS O 169 9.01 -84.61 34.09
N ASN O 170 9.55 -84.73 35.31
CA ASN O 170 10.98 -84.58 35.52
C ASN O 170 11.75 -85.70 34.82
N VAL O 171 12.78 -85.31 34.07
CA VAL O 171 13.67 -86.25 33.41
C VAL O 171 14.89 -86.44 34.29
N GLU O 172 15.53 -87.61 34.16
CA GLU O 172 16.65 -87.96 35.01
C GLU O 172 17.82 -86.99 34.87
N ASP O 173 18.03 -86.42 33.68
CA ASP O 173 19.13 -85.49 33.49
C ASP O 173 18.87 -84.09 34.08
N GLY O 174 17.66 -83.83 34.58
CA GLY O 174 17.28 -82.54 35.09
C GLY O 174 16.33 -81.76 34.19
N SER O 175 16.23 -82.12 32.90
CA SER O 175 15.31 -81.45 31.99
C SER O 175 13.87 -81.88 32.31
N VAL O 176 12.93 -81.51 31.44
CA VAL O 176 11.52 -81.78 31.67
C VAL O 176 10.92 -82.36 30.39
N GLN O 177 10.07 -83.38 30.56
CA GLN O 177 9.34 -83.99 29.46
C GLN O 177 7.88 -83.57 29.61
N LEU O 178 7.39 -82.76 28.69
CA LEU O 178 6.05 -82.20 28.76
C LEU O 178 5.03 -83.18 28.19
N ALA O 179 3.85 -83.23 28.82
CA ALA O 179 2.75 -84.09 28.41
C ALA O 179 1.47 -83.26 28.29
N ASP O 180 1.08 -82.96 27.07
CA ASP O 180 -0.08 -82.11 26.79
C ASP O 180 -1.36 -82.93 26.83
N HIS O 181 -2.26 -82.61 27.76
CA HIS O 181 -3.47 -83.39 27.99
C HIS O 181 -4.69 -82.70 27.40
N TYR O 182 -5.45 -83.42 26.59
CA TYR O 182 -6.73 -82.98 26.07
C TYR O 182 -7.78 -83.99 26.51
N GLN O 183 -8.81 -83.52 27.19
CA GLN O 183 -9.72 -84.41 27.89
C GLN O 183 -11.16 -84.06 27.56
N GLN O 184 -11.98 -85.11 27.40
CA GLN O 184 -13.40 -84.96 27.19
C GLN O 184 -14.15 -85.98 28.02
N ASN O 185 -15.17 -85.52 28.74
CA ASN O 185 -16.03 -86.37 29.55
C ASN O 185 -17.47 -86.20 29.10
N THR O 186 -18.17 -87.33 28.96
CA THR O 186 -19.57 -87.34 28.58
C THR O 186 -20.30 -88.38 29.44
N PRO O 187 -21.52 -88.08 29.88
CA PRO O 187 -22.23 -89.02 30.76
C PRO O 187 -22.71 -90.25 30.00
N ILE O 188 -22.70 -91.38 30.71
CA ILE O 188 -23.20 -92.63 30.15
C ILE O 188 -24.72 -92.65 30.17
N GLY O 189 -25.31 -92.20 31.28
CA GLY O 189 -26.75 -92.15 31.42
C GLY O 189 -27.35 -90.95 30.72
N ASP O 190 -28.68 -90.90 30.75
CA ASP O 190 -29.43 -89.82 30.14
C ASP O 190 -30.05 -88.85 31.14
N GLY O 191 -29.93 -89.12 32.44
CA GLY O 191 -30.47 -88.25 33.45
C GLY O 191 -29.77 -86.91 33.46
N PRO O 192 -30.29 -85.95 34.21
CA PRO O 192 -29.68 -84.62 34.21
C PRO O 192 -28.34 -84.62 34.93
N VAL O 193 -27.42 -83.79 34.43
CA VAL O 193 -26.10 -83.64 35.00
C VAL O 193 -25.85 -82.14 35.20
N LEU O 194 -24.87 -81.84 36.04
CA LEU O 194 -24.48 -80.46 36.28
C LEU O 194 -23.41 -80.05 35.28
N LEU O 195 -23.63 -78.94 34.59
CA LEU O 195 -22.59 -78.41 33.72
C LEU O 195 -21.94 -77.22 34.38
N PRO O 196 -20.61 -77.21 34.51
CA PRO O 196 -19.94 -76.20 35.33
C PRO O 196 -19.61 -74.93 34.57
N ASP O 197 -19.48 -73.85 35.34
CA ASP O 197 -18.76 -72.69 34.86
C ASP O 197 -17.26 -72.93 35.02
N ASN O 198 -16.46 -72.11 34.33
CA ASN O 198 -15.02 -72.30 34.31
C ASN O 198 -14.44 -72.38 35.72
N HIS O 199 -13.62 -73.39 35.96
CA HIS O 199 -12.92 -73.55 37.22
C HIS O 199 -11.72 -74.45 36.99
N TYR O 200 -11.05 -74.84 38.07
CA TYR O 200 -9.94 -75.78 37.93
C TYR O 200 -9.87 -76.68 39.15
N LEU O 201 -9.19 -77.81 38.96
CA LEU O 201 -8.88 -78.75 40.03
C LEU O 201 -7.42 -78.59 40.43
N SER O 202 -7.17 -78.35 41.71
CA SER O 202 -5.82 -78.22 42.22
C SER O 202 -5.39 -79.57 42.77
N THR O 203 -4.38 -80.18 42.14
CA THR O 203 -3.99 -81.54 42.44
C THR O 203 -2.57 -81.59 43.01
N GLN O 204 -2.36 -82.47 43.97
CA GLN O 204 -1.02 -82.77 44.46
C GLN O 204 -0.94 -84.26 44.78
N SER O 205 0.22 -84.85 44.52
CA SER O 205 0.38 -86.29 44.60
C SER O 205 1.73 -86.60 45.22
N VAL O 206 1.79 -87.75 45.87
CA VAL O 206 3.05 -88.34 46.29
C VAL O 206 3.06 -89.80 45.85
N LEU O 207 4.13 -90.20 45.18
CA LEU O 207 4.31 -91.56 44.69
C LEU O 207 5.30 -92.29 45.58
N SER O 208 5.02 -93.57 45.84
CA SER O 208 5.88 -94.34 46.74
C SER O 208 5.87 -95.80 46.33
N LYS O 209 6.59 -96.62 47.10
CA LYS O 209 6.72 -98.05 46.87
C LYS O 209 6.28 -98.83 48.11
N ASP O 210 5.82 -100.06 47.86
CA ASP O 210 5.49 -101.02 48.92
C ASP O 210 6.69 -101.94 49.09
N PRO O 211 7.38 -101.92 50.22
CA PRO O 211 8.62 -102.72 50.34
C PRO O 211 8.40 -104.23 50.22
N ASN O 212 7.21 -104.73 50.53
CA ASN O 212 6.91 -106.16 50.41
C ASN O 212 6.35 -106.54 49.04
N GLU O 213 6.06 -105.58 48.16
CA GLU O 213 5.41 -105.89 46.89
C GLU O 213 6.46 -106.23 45.84
N LYS O 214 6.38 -107.44 45.31
CA LYS O 214 7.36 -107.91 44.35
C LYS O 214 7.01 -107.58 42.90
N ARG O 215 5.75 -107.36 42.58
CA ARG O 215 5.40 -106.99 41.23
C ARG O 215 5.78 -105.53 40.96
N ASP O 216 5.91 -105.19 39.68
CA ASP O 216 6.05 -103.81 39.28
C ASP O 216 4.81 -103.05 39.70
N HIS O 217 4.98 -101.98 40.48
CA HIS O 217 3.84 -101.40 41.17
C HIS O 217 4.08 -99.93 41.47
N MET O 218 2.99 -99.26 41.86
CA MET O 218 3.06 -97.87 42.28
C MET O 218 2.02 -97.65 43.37
N VAL O 219 2.42 -97.02 44.47
CA VAL O 219 1.50 -96.61 45.53
C VAL O 219 1.28 -95.11 45.39
N LEU O 220 0.03 -94.67 45.50
CA LEU O 220 -0.32 -93.30 45.18
C LEU O 220 -1.19 -92.71 46.28
N LEU O 221 -0.82 -91.51 46.73
CA LEU O 221 -1.66 -90.69 47.60
C LEU O 221 -1.86 -89.35 46.90
N GLU O 222 -3.10 -88.87 46.88
CA GLU O 222 -3.49 -87.76 46.04
C GLU O 222 -4.55 -86.91 46.74
N PHE O 223 -4.40 -85.60 46.67
CA PHE O 223 -5.39 -84.65 47.16
C PHE O 223 -5.79 -83.71 46.03
N VAL O 224 -7.09 -83.58 45.80
CA VAL O 224 -7.61 -82.76 44.70
C VAL O 224 -8.74 -81.88 45.24
N THR O 225 -8.68 -80.60 44.89
CA THR O 225 -9.67 -79.62 45.35
C THR O 225 -10.07 -78.72 44.19
N ALA O 226 -11.37 -78.50 44.04
CA ALA O 226 -11.84 -77.55 43.04
C ALA O 226 -11.63 -76.12 43.52
N ALA O 227 -11.44 -75.21 42.57
CA ALA O 227 -11.11 -73.83 42.92
C ALA O 227 -11.42 -72.92 41.74
N GLY O 228 -11.36 -71.62 42.01
CA GLY O 228 -11.39 -70.61 40.97
C GLY O 228 -12.61 -69.72 40.93
N ILE O 229 -13.68 -70.05 41.66
CA ILE O 229 -14.90 -69.25 41.70
C ILE O 229 -15.11 -68.79 43.13
N THR O 230 -15.38 -67.50 43.31
CA THR O 230 -15.53 -66.95 44.65
C THR O 230 -16.90 -67.31 45.22
N HIS O 231 -17.02 -67.17 46.55
CA HIS O 231 -18.32 -67.32 47.20
C HIS O 231 -19.32 -66.31 46.65
N GLY O 232 -18.89 -65.07 46.43
CA GLY O 232 -19.79 -64.06 45.88
C GLY O 232 -20.31 -64.42 44.50
N MET O 233 -19.44 -64.97 43.65
CA MET O 233 -19.86 -65.35 42.29
C MET O 233 -20.89 -66.46 42.32
N ASP O 234 -20.69 -67.46 43.18
CA ASP O 234 -21.63 -68.57 43.26
C ASP O 234 -22.96 -68.15 43.86
N GLU O 235 -22.96 -67.19 44.79
CA GLU O 235 -24.23 -66.64 45.28
C GLU O 235 -24.99 -65.95 44.15
N LEU O 236 -24.28 -65.19 43.32
CA LEU O 236 -24.90 -64.61 42.12
C LEU O 236 -25.47 -65.70 41.22
N TYR O 237 -24.64 -66.65 40.80
CA TYR O 237 -25.09 -67.82 40.07
C TYR O 237 -26.38 -68.45 40.62
N LYS O 238 -26.48 -68.52 41.94
CA LYS O 238 -27.67 -69.11 42.56
C LYS O 238 -28.90 -68.24 42.35
N LYS O 239 -28.75 -66.93 42.50
CA LYS O 239 -29.85 -66.01 42.22
C LYS O 239 -30.24 -66.06 40.75
N LEU O 240 -29.25 -65.96 39.86
CA LEU O 240 -29.53 -65.98 38.42
C LEU O 240 -30.12 -67.32 37.98
N GLY O 241 -29.74 -68.41 38.63
CA GLY O 241 -30.26 -69.71 38.28
C GLY O 241 -31.73 -69.87 38.57
N GLY O 242 -32.32 -68.98 39.36
CA GLY O 242 -33.73 -69.10 39.67
C GLY O 242 -34.59 -68.07 38.96
N GLU O 243 -33.97 -67.12 38.25
CA GLU O 243 -34.71 -66.00 37.67
C GLU O 243 -35.32 -66.37 36.32
N TYR O 244 -36.33 -65.60 35.92
CA TYR O 244 -36.92 -65.70 34.59
C TYR O 244 -36.33 -64.65 33.67
N PHE O 245 -36.05 -65.05 32.43
CA PHE O 245 -35.41 -64.20 31.44
C PHE O 245 -36.27 -64.12 30.18
N THR O 246 -36.47 -62.90 29.68
CA THR O 246 -37.22 -62.66 28.45
C THR O 246 -36.32 -62.75 27.22
N LEU O 247 -36.65 -63.65 26.30
CA LEU O 247 -35.94 -63.79 25.04
C LEU O 247 -36.76 -63.21 23.89
N GLN O 248 -36.13 -62.40 23.05
CA GLN O 248 -36.76 -61.79 21.88
C GLN O 248 -36.39 -62.58 20.64
N ILE O 249 -37.39 -63.07 19.92
CA ILE O 249 -37.22 -63.95 18.77
C ILE O 249 -37.78 -63.28 17.52
N ARG O 250 -37.07 -63.45 16.41
CA ARG O 250 -37.45 -62.93 15.10
C ARG O 250 -38.05 -64.07 14.26
N GLY O 251 -39.31 -63.92 13.87
CA GLY O 251 -39.93 -64.90 12.99
C GLY O 251 -40.96 -65.82 13.66
N ARG O 252 -42.10 -66.02 12.97
CA ARG O 252 -43.17 -66.82 13.55
C ARG O 252 -42.76 -68.27 13.71
N GLU O 253 -42.16 -68.85 12.68
CA GLU O 253 -41.75 -70.25 12.75
C GLU O 253 -40.63 -70.43 13.79
N ARG O 254 -39.67 -69.51 13.81
CA ARG O 254 -38.58 -69.61 14.78
C ARG O 254 -39.12 -69.57 16.20
N PHE O 255 -40.05 -68.64 16.46
CA PHE O 255 -40.70 -68.56 17.76
C PHE O 255 -41.31 -69.90 18.09
N GLU O 256 -42.38 -70.29 17.41
CA GLU O 256 -43.01 -71.59 17.60
C GLU O 256 -42.04 -72.75 17.87
N GLU O 257 -40.87 -72.75 17.23
CA GLU O 257 -39.92 -73.83 17.52
C GLU O 257 -39.24 -73.64 18.87
N PHE O 258 -38.78 -72.42 19.16
CA PHE O 258 -38.27 -72.15 20.49
C PHE O 258 -39.35 -72.39 21.53
N ARG O 259 -40.61 -72.03 21.23
CA ARG O 259 -41.69 -72.22 22.19
C ARG O 259 -41.88 -73.71 22.48
N GLU O 260 -41.78 -74.56 21.45
CA GLU O 260 -41.95 -75.99 21.64
C GLU O 260 -40.83 -76.57 22.51
N LYS O 261 -39.58 -76.14 22.27
CA LYS O 261 -38.49 -76.67 23.09
C LYS O 261 -38.57 -76.16 24.51
N ASN O 262 -38.94 -74.89 24.71
CA ASN O 262 -39.05 -74.36 26.07
C ASN O 262 -40.10 -75.14 26.86
N GLU O 263 -41.28 -75.33 26.26
CA GLU O 263 -42.36 -76.04 26.97
C GLU O 263 -41.98 -77.49 27.22
N ALA O 264 -41.29 -78.12 26.27
CA ALA O 264 -40.83 -79.49 26.50
C ALA O 264 -39.89 -79.54 27.71
N LEU O 265 -38.93 -78.61 27.77
CA LEU O 265 -38.00 -78.60 28.90
C LEU O 265 -38.72 -78.38 30.21
N GLU O 266 -39.69 -77.46 30.22
CA GLU O 266 -40.46 -77.20 31.44
C GLU O 266 -41.36 -78.35 31.82
N LEU O 267 -41.86 -79.10 30.84
CA LEU O 267 -42.68 -80.27 31.14
C LEU O 267 -41.86 -81.34 31.87
N LYS O 268 -40.64 -81.61 31.40
CA LYS O 268 -39.77 -82.56 32.07
C LYS O 268 -39.53 -82.16 33.52
N ASP O 269 -39.26 -80.88 33.77
CA ASP O 269 -39.09 -80.39 35.14
C ASP O 269 -40.33 -80.64 35.98
N ALA O 270 -41.51 -80.32 35.44
CA ALA O 270 -42.74 -80.51 36.20
C ALA O 270 -43.00 -81.99 36.45
N GLN O 271 -42.62 -82.86 35.52
CA GLN O 271 -42.78 -84.29 35.73
C GLN O 271 -41.93 -84.78 36.89
N ALA O 272 -40.68 -84.30 37.00
CA ALA O 272 -39.83 -84.63 38.13
C ALA O 272 -39.99 -83.66 39.30
N GLY O 273 -41.22 -83.25 39.60
CA GLY O 273 -41.48 -82.24 40.63
C GLY O 273 -40.50 -81.09 40.76
N GLY O 274 -39.81 -80.72 39.68
CA GLY O 274 -38.79 -79.69 39.73
C GLY O 274 -37.56 -80.05 40.53
N THR O 275 -37.39 -81.32 40.89
CA THR O 275 -36.40 -81.71 41.89
C THR O 275 -34.98 -81.40 41.46
N CYS O 276 -34.71 -81.20 40.17
CA CYS O 276 -33.36 -80.99 39.70
C CYS O 276 -33.11 -79.58 39.19
N PHE O 277 -34.08 -78.67 39.31
CA PHE O 277 -33.91 -77.35 38.73
C PHE O 277 -33.08 -76.45 39.65
N ASN O 278 -32.02 -75.87 39.10
CA ASN O 278 -31.16 -74.93 39.83
C ASN O 278 -30.63 -75.55 41.13
N ALA O 279 -30.18 -76.80 41.02
CA ALA O 279 -29.69 -77.52 42.19
C ALA O 279 -28.42 -76.88 42.72
N SER O 280 -28.29 -76.82 44.05
CA SER O 280 -27.06 -76.34 44.66
C SER O 280 -26.08 -77.50 44.88
N LEU P 10 -39.07 -59.79 10.48
CA LEU P 10 -40.50 -59.66 10.29
C LEU P 10 -41.23 -59.21 11.58
N GLU P 11 -41.92 -60.14 12.23
CA GLU P 11 -42.70 -59.89 13.42
C GLU P 11 -41.96 -60.48 14.62
N TYR P 12 -41.85 -59.72 15.70
CA TYR P 12 -41.08 -60.12 16.88
C TYR P 12 -41.97 -60.74 17.95
N PHE P 13 -41.38 -61.71 18.68
CA PHE P 13 -42.04 -62.45 19.74
C PHE P 13 -41.12 -62.56 20.94
N THR P 14 -41.72 -62.71 22.12
CA THR P 14 -41.00 -62.83 23.38
C THR P 14 -41.31 -64.16 24.04
N LEU P 15 -40.31 -64.75 24.69
CA LEU P 15 -40.44 -66.02 25.39
C LEU P 15 -39.84 -65.93 26.79
N GLN P 16 -40.57 -66.46 27.77
CA GLN P 16 -40.11 -66.51 29.15
C GLN P 16 -39.30 -67.78 29.40
N ILE P 17 -38.01 -67.63 29.68
CA ILE P 17 -37.10 -68.75 29.89
C ILE P 17 -36.72 -68.79 31.36
N ARG P 18 -36.76 -69.99 31.95
CA ARG P 18 -36.51 -70.15 33.39
C ARG P 18 -35.04 -70.46 33.63
N GLY P 19 -34.33 -69.51 34.24
CA GLY P 19 -33.00 -69.76 34.74
C GLY P 19 -31.90 -69.33 33.78
N ARG P 20 -30.76 -68.93 34.35
CA ARG P 20 -29.66 -68.42 33.54
C ARG P 20 -29.20 -69.46 32.52
N GLU P 21 -29.02 -70.71 32.97
CA GLU P 21 -28.41 -71.72 32.11
C GLU P 21 -29.25 -71.95 30.86
N ARG P 22 -30.54 -72.19 31.04
CA ARG P 22 -31.41 -72.41 29.90
C ARG P 22 -31.48 -71.16 29.03
N PHE P 23 -31.55 -69.97 29.65
CA PHE P 23 -31.64 -68.73 28.88
C PHE P 23 -30.38 -68.48 28.06
N GLU P 24 -29.20 -68.70 28.66
CA GLU P 24 -27.98 -68.51 27.89
C GLU P 24 -27.90 -69.49 26.74
N GLU P 25 -28.45 -70.70 26.90
CA GLU P 25 -28.46 -71.66 25.81
C GLU P 25 -29.38 -71.20 24.69
N PHE P 26 -30.60 -70.77 25.03
CA PHE P 26 -31.52 -70.32 24.00
C PHE P 26 -31.01 -69.04 23.33
N ARG P 27 -30.48 -68.11 24.12
CA ARG P 27 -30.01 -66.84 23.56
C ARG P 27 -28.83 -67.08 22.63
N GLU P 28 -27.98 -68.07 22.92
CA GLU P 28 -26.85 -68.35 22.05
C GLU P 28 -27.33 -68.93 20.72
N LYS P 29 -28.25 -69.90 20.78
CA LYS P 29 -28.80 -70.48 19.56
C LYS P 29 -29.56 -69.42 18.76
N ASN P 30 -30.35 -68.58 19.43
CA ASN P 30 -31.10 -67.54 18.74
C ASN P 30 -30.17 -66.59 17.98
N GLU P 31 -29.04 -66.23 18.59
CA GLU P 31 -28.10 -65.33 17.91
C GLU P 31 -27.40 -66.01 16.74
N ALA P 32 -27.05 -67.28 16.89
CA ALA P 32 -26.42 -68.01 15.78
C ALA P 32 -27.35 -68.05 14.57
N LEU P 33 -28.65 -68.23 14.80
CA LEU P 33 -29.61 -68.19 13.70
C LEU P 33 -29.67 -66.81 13.06
N GLU P 34 -29.71 -65.76 13.88
CA GLU P 34 -29.77 -64.42 13.30
C GLU P 34 -28.48 -64.04 12.59
N LEU P 35 -27.36 -64.66 12.94
CA LEU P 35 -26.11 -64.36 12.24
C LEU P 35 -25.94 -65.22 11.01
N LYS P 36 -26.70 -66.31 10.91
CA LYS P 36 -26.66 -67.13 9.72
C LYS P 36 -27.55 -66.53 8.64
N ASP P 37 -28.65 -65.91 9.05
CA ASP P 37 -29.49 -65.18 8.12
C ASP P 37 -28.84 -63.88 7.65
N ALA P 38 -27.98 -63.29 8.48
CA ALA P 38 -27.43 -61.99 8.11
C ALA P 38 -26.24 -62.14 7.15
N GLN P 39 -25.52 -63.25 7.23
CA GLN P 39 -24.42 -63.55 6.32
C GLN P 39 -24.88 -64.26 5.05
N ALA P 40 -26.18 -64.45 4.88
CA ALA P 40 -26.68 -65.31 3.81
C ALA P 40 -26.78 -64.54 2.49
N GLY P 41 -26.14 -65.06 1.45
CA GLY P 41 -26.30 -64.54 0.12
C GLY P 41 -27.71 -64.78 -0.41
N THR P 42 -27.95 -64.26 -1.62
CA THR P 42 -29.30 -64.31 -2.21
C THR P 42 -29.80 -65.73 -2.40
N SER P 43 -28.90 -66.68 -2.72
CA SER P 43 -29.33 -68.05 -2.96
C SER P 43 -29.82 -68.72 -1.68
N CYS P 44 -29.17 -68.46 -0.55
CA CYS P 44 -29.61 -69.05 0.71
C CYS P 44 -31.05 -68.66 1.03
N PHE P 45 -31.35 -67.36 1.01
CA PHE P 45 -32.70 -66.87 1.24
C PHE P 45 -33.67 -67.34 0.15
#